data_1PXD
# 
_entry.id   1PXD 
# 
_audit_conform.dict_name       mmcif_pdbx.dic 
_audit_conform.dict_version    5.376 
_audit_conform.dict_location   http://mmcif.pdb.org/dictionaries/ascii/mmcif_pdbx.dic 
# 
loop_
_database_2.database_id 
_database_2.database_code 
_database_2.pdbx_database_accession 
_database_2.pdbx_DOI 
PDB   1PXD         pdb_00001pxd 10.2210/pdb1pxd/pdb 
RCSB  RCSB019664   ?            ?                   
WWPDB D_1000019664 ?            ?                   
# 
_pdbx_database_related.db_name        PDB 
_pdbx_database_related.db_id          1JN2 
_pdbx_database_related.details        'Crystal structure of complex of ConA with meso-tetrasulphonatophenylporphyrin.' 
_pdbx_database_related.content_type   unspecified 
# 
_pdbx_database_status.status_code                     REL 
_pdbx_database_status.entry_id                        1PXD 
_pdbx_database_status.recvd_initial_deposition_date   2003-07-03 
_pdbx_database_status.deposit_site                    RCSB 
_pdbx_database_status.process_site                    RCSB 
_pdbx_database_status.status_code_sf                  REL 
_pdbx_database_status.status_code_mr                  ? 
_pdbx_database_status.SG_entry                        ? 
_pdbx_database_status.pdb_format_compatible           Y 
_pdbx_database_status.status_code_cs                  ? 
_pdbx_database_status.methods_development_category    ? 
_pdbx_database_status.status_code_nmr_data            ? 
# 
loop_
_audit_author.name 
_audit_author.pdbx_ordinal 
'Goel, M.'      1 
'Anuradha, P.'  2 
'Kaur, K.J.'    3 
'Maiya, B.G.'   4 
'Swamy, M.J.'   5 
'Salunke, D.M.' 6 
# 
loop_
_citation.id 
_citation.title 
_citation.journal_abbrev 
_citation.journal_volume 
_citation.page_first 
_citation.page_last 
_citation.year 
_citation.journal_id_ASTM 
_citation.country 
_citation.journal_id_ISSN 
_citation.journal_id_CSD 
_citation.book_publisher 
_citation.pdbx_database_id_PubMed 
_citation.pdbx_database_id_DOI 
primary 
;Porphyrin binding to jacalin is facilitated by the inherent plasticity of the carbohydrate-binding site: novel mode of lectin-ligand interaction.
;
'Acta Crystallogr.,Sect.D' 60  281   288   2004 ABCRE6 DK 0907-4449 0766 ? 14747704 10.1107/S0907444903026684 
1       'Functional equality in the absence of structural similarity: an added dimension to molecular mimicry' J.Biol.Chem. 276 
39277 39281 2001 JBCHA3 US 0021-9258 0071 ? ?        10.1074/jbc.M105387200    
# 
loop_
_citation_author.citation_id 
_citation_author.name 
_citation_author.ordinal 
_citation_author.identifier_ORCID 
primary 'Goel, M.'      1  ? 
primary 'Anuradha, P.'  2  ? 
primary 'Kaur, K.J.'    3  ? 
primary 'Maiya, B.G.'   4  ? 
primary 'Swamy, M.J.'   5  ? 
primary 'Salunke, D.M.' 6  ? 
1       'Goel, M.'      7  ? 
1       'Jain, D.'      8  ? 
1       'Kaur, K.J.'    9  ? 
1       'Kenoth, R.'    10 ? 
1       'Maiya, B.G.'   11 ? 
1       'Swamy, M.J.'   12 ? 
1       'Salunke, D.M.' 13 ? 
# 
_cell.entry_id           1PXD 
_cell.length_a           46.072 
_cell.length_b           101.890 
_cell.length_c           107.657 
_cell.angle_alpha        90.00 
_cell.angle_beta         90.00 
_cell.angle_gamma        90.00 
_cell.Z_PDB              8 
_cell.pdbx_unique_axis   ? 
# 
_symmetry.entry_id                         1PXD 
_symmetry.space_group_name_H-M             'I 2 2 2' 
_symmetry.pdbx_full_space_group_name_H-M   ? 
_symmetry.cell_setting                     ? 
_symmetry.Int_Tables_number                23 
# 
loop_
_entity.id 
_entity.type 
_entity.src_method 
_entity.pdbx_description 
_entity.formula_weight 
_entity.pdbx_number_of_molecules 
_entity.pdbx_ec 
_entity.pdbx_mutation 
_entity.pdbx_fragment 
_entity.details 
1 polymer     nat 'Agglutinin alpha chain'                                   14673.479 1  ? ? ? ? 
2 polymer     nat 'Agglutinin beta-3 chain'                                  2059.257  1  ? ? ? ? 
3 non-polymer syn '5,10,15,20-TETRAKIS(4-SULPFONATOPHENYL)-21H,23H-PORPHINE' 939.020   2  ? ? ? ? 
4 water       nat water                                                      18.015    57 ? ? ? ? 
# 
loop_
_entity_name_com.entity_id 
_entity_name_com.name 
1 'Jacalin alpha chain'  
2 'Jacalin beta-3 chain' 
# 
loop_
_entity_poly.entity_id 
_entity_poly.type 
_entity_poly.nstd_linkage 
_entity_poly.nstd_monomer 
_entity_poly.pdbx_seq_one_letter_code 
_entity_poly.pdbx_seq_one_letter_code_can 
_entity_poly.pdbx_strand_id 
_entity_poly.pdbx_target_identifier 
1 'polypeptide(L)' no no 
;GKAFDDGAFTGIREINLSYNKETAIGDFQVVYDLNGSPYVGQNHKSFITGFTPVKISLDFPSEYIMEVSGYTGNVSGYVV
VRSLTFKTNKKTYGPYGVTSGTPFNLPIENGLIVGFKGSIGYWLDYFSMYLSL
;
;GKAFDDGAFTGIREINLSYNKETAIGDFQVVYDLNGSPYVGQNHKSFITGFTPVKISLDFPSEYIMEVSGYTGNVSGYVV
VRSLTFKTNKKTYGPYGVTSGTPFNLPIENGLIVGFKGSIGYWLDYFSMYLSL
;
A ? 
2 'polypeptide(L)' no no DEQSGISQTVIVGPWGAKVS DEQSGISQTVIVGPWGAKVS B ? 
# 
loop_
_entity_poly_seq.entity_id 
_entity_poly_seq.num 
_entity_poly_seq.mon_id 
_entity_poly_seq.hetero 
1 1   GLY n 
1 2   LYS n 
1 3   ALA n 
1 4   PHE n 
1 5   ASP n 
1 6   ASP n 
1 7   GLY n 
1 8   ALA n 
1 9   PHE n 
1 10  THR n 
1 11  GLY n 
1 12  ILE n 
1 13  ARG n 
1 14  GLU n 
1 15  ILE n 
1 16  ASN n 
1 17  LEU n 
1 18  SER n 
1 19  TYR n 
1 20  ASN n 
1 21  LYS n 
1 22  GLU n 
1 23  THR n 
1 24  ALA n 
1 25  ILE n 
1 26  GLY n 
1 27  ASP n 
1 28  PHE n 
1 29  GLN n 
1 30  VAL n 
1 31  VAL n 
1 32  TYR n 
1 33  ASP n 
1 34  LEU n 
1 35  ASN n 
1 36  GLY n 
1 37  SER n 
1 38  PRO n 
1 39  TYR n 
1 40  VAL n 
1 41  GLY n 
1 42  GLN n 
1 43  ASN n 
1 44  HIS n 
1 45  LYS n 
1 46  SER n 
1 47  PHE n 
1 48  ILE n 
1 49  THR n 
1 50  GLY n 
1 51  PHE n 
1 52  THR n 
1 53  PRO n 
1 54  VAL n 
1 55  LYS n 
1 56  ILE n 
1 57  SER n 
1 58  LEU n 
1 59  ASP n 
1 60  PHE n 
1 61  PRO n 
1 62  SER n 
1 63  GLU n 
1 64  TYR n 
1 65  ILE n 
1 66  MET n 
1 67  GLU n 
1 68  VAL n 
1 69  SER n 
1 70  GLY n 
1 71  TYR n 
1 72  THR n 
1 73  GLY n 
1 74  ASN n 
1 75  VAL n 
1 76  SER n 
1 77  GLY n 
1 78  TYR n 
1 79  VAL n 
1 80  VAL n 
1 81  VAL n 
1 82  ARG n 
1 83  SER n 
1 84  LEU n 
1 85  THR n 
1 86  PHE n 
1 87  LYS n 
1 88  THR n 
1 89  ASN n 
1 90  LYS n 
1 91  LYS n 
1 92  THR n 
1 93  TYR n 
1 94  GLY n 
1 95  PRO n 
1 96  TYR n 
1 97  GLY n 
1 98  VAL n 
1 99  THR n 
1 100 SER n 
1 101 GLY n 
1 102 THR n 
1 103 PRO n 
1 104 PHE n 
1 105 ASN n 
1 106 LEU n 
1 107 PRO n 
1 108 ILE n 
1 109 GLU n 
1 110 ASN n 
1 111 GLY n 
1 112 LEU n 
1 113 ILE n 
1 114 VAL n 
1 115 GLY n 
1 116 PHE n 
1 117 LYS n 
1 118 GLY n 
1 119 SER n 
1 120 ILE n 
1 121 GLY n 
1 122 TYR n 
1 123 TRP n 
1 124 LEU n 
1 125 ASP n 
1 126 TYR n 
1 127 PHE n 
1 128 SER n 
1 129 MET n 
1 130 TYR n 
1 131 LEU n 
1 132 SER n 
1 133 LEU n 
2 1   ASP n 
2 2   GLU n 
2 3   GLN n 
2 4   SER n 
2 5   GLY n 
2 6   ILE n 
2 7   SER n 
2 8   GLN n 
2 9   THR n 
2 10  VAL n 
2 11  ILE n 
2 12  VAL n 
2 13  GLY n 
2 14  PRO n 
2 15  TRP n 
2 16  GLY n 
2 17  ALA n 
2 18  LYS n 
2 19  VAL n 
2 20  SER n 
# 
loop_
_entity_src_nat.entity_id 
_entity_src_nat.pdbx_src_id 
_entity_src_nat.pdbx_alt_source_flag 
_entity_src_nat.pdbx_beg_seq_num 
_entity_src_nat.pdbx_end_seq_num 
_entity_src_nat.common_name 
_entity_src_nat.pdbx_organism_scientific 
_entity_src_nat.pdbx_ncbi_taxonomy_id 
_entity_src_nat.genus 
_entity_src_nat.species 
_entity_src_nat.strain 
_entity_src_nat.tissue 
_entity_src_nat.tissue_fraction 
_entity_src_nat.pdbx_secretion 
_entity_src_nat.pdbx_fragment 
_entity_src_nat.pdbx_variant 
_entity_src_nat.pdbx_cell_line 
_entity_src_nat.pdbx_atcc 
_entity_src_nat.pdbx_cellular_location 
_entity_src_nat.pdbx_organ 
_entity_src_nat.pdbx_organelle 
_entity_src_nat.pdbx_cell 
_entity_src_nat.pdbx_plasmid_name 
_entity_src_nat.pdbx_plasmid_details 
_entity_src_nat.details 
1 1 sample ? ? ? 'Artocarpus integer' 3490 Artocarpus ? ? ? ? ? ? ? ? ? ? ? ? ? ? ? ? 
2 1 sample ? ? ? 'Artocarpus integer' 3490 Artocarpus ? ? ? ? ? ? ? ? ? ? ? ? ? ? ? ? 
# 
loop_
_struct_ref.id 
_struct_ref.db_name 
_struct_ref.db_code 
_struct_ref.pdbx_db_accession 
_struct_ref.entity_id 
_struct_ref.pdbx_seq_one_letter_code 
_struct_ref.pdbx_align_begin 
_struct_ref.pdbx_db_isoform 
1 UNP LECA_ARTIN P18670 1 
;GKAFDDGAFTGIREINLSYNKETAIGDFQVVYDLNGSPYVGQNHKSFITGFTPVKISLDFPSEYIMEVSGYTGNVSGYVV
VRSLTFKTNKKTYGPYGVTSGTPFNLPIENGLIVGFKGSIGYWLDYFSMYLSL
;
1 ? 
2 UNP LEC3_ARTIN P18673 2 DEQSGISQTVIVGPWGAKVS 1 ? 
# 
loop_
_struct_ref_seq.align_id 
_struct_ref_seq.ref_id 
_struct_ref_seq.pdbx_PDB_id_code 
_struct_ref_seq.pdbx_strand_id 
_struct_ref_seq.seq_align_beg 
_struct_ref_seq.pdbx_seq_align_beg_ins_code 
_struct_ref_seq.seq_align_end 
_struct_ref_seq.pdbx_seq_align_end_ins_code 
_struct_ref_seq.pdbx_db_accession 
_struct_ref_seq.db_align_beg 
_struct_ref_seq.pdbx_db_align_beg_ins_code 
_struct_ref_seq.db_align_end 
_struct_ref_seq.pdbx_db_align_end_ins_code 
_struct_ref_seq.pdbx_auth_seq_align_beg 
_struct_ref_seq.pdbx_auth_seq_align_end 
1 1 1PXD A 1 ? 133 ? P18670 1 ? 133 ? 1 133 
2 2 1PXD B 1 ? 20  ? P18673 1 ? 20  ? 1 20  
# 
loop_
_chem_comp.id 
_chem_comp.type 
_chem_comp.mon_nstd_flag 
_chem_comp.name 
_chem_comp.pdbx_synonyms 
_chem_comp.formula 
_chem_comp.formula_weight 
ALA 'L-peptide linking' y ALANINE                                                    ? 'C3 H7 N O2'           89.093  
ARG 'L-peptide linking' y ARGININE                                                   ? 'C6 H15 N4 O2 1'       175.209 
ASN 'L-peptide linking' y ASPARAGINE                                                 ? 'C4 H8 N2 O3'          132.118 
ASP 'L-peptide linking' y 'ASPARTIC ACID'                                            ? 'C4 H7 N O4'           133.103 
GLN 'L-peptide linking' y GLUTAMINE                                                  ? 'C5 H10 N2 O3'         146.144 
GLU 'L-peptide linking' y 'GLUTAMIC ACID'                                            ? 'C5 H9 N O4'           147.129 
GLY 'peptide linking'   y GLYCINE                                                    ? 'C2 H5 N O2'           75.067  
HIS 'L-peptide linking' y HISTIDINE                                                  ? 'C6 H10 N3 O2 1'       156.162 
HOH non-polymer         . WATER                                                      ? 'H2 O'                 18.015  
ILE 'L-peptide linking' y ISOLEUCINE                                                 ? 'C6 H13 N O2'          131.173 
LEU 'L-peptide linking' y LEUCINE                                                    ? 'C6 H13 N O2'          131.173 
LYS 'L-peptide linking' y LYSINE                                                     ? 'C6 H15 N2 O2 1'       147.195 
MET 'L-peptide linking' y METHIONINE                                                 ? 'C5 H11 N O2 S'        149.211 
PHE 'L-peptide linking' y PHENYLALANINE                                              ? 'C9 H11 N O2'          165.189 
PRO 'L-peptide linking' y PROLINE                                                    ? 'C5 H9 N O2'           115.130 
SER 'L-peptide linking' y SERINE                                                     ? 'C3 H7 N O3'           105.093 
SFP non-polymer         . '5,10,15,20-TETRAKIS(4-SULPFONATOPHENYL)-21H,23H-PORPHINE' ? 'C44 H34 N4 O12 S4 -4' 939.020 
THR 'L-peptide linking' y THREONINE                                                  ? 'C4 H9 N O3'           119.119 
TRP 'L-peptide linking' y TRYPTOPHAN                                                 ? 'C11 H12 N2 O2'        204.225 
TYR 'L-peptide linking' y TYROSINE                                                   ? 'C9 H11 N O3'          181.189 
VAL 'L-peptide linking' y VALINE                                                     ? 'C5 H11 N O2'          117.146 
# 
_exptl.entry_id          1PXD 
_exptl.method            'X-RAY DIFFRACTION' 
_exptl.crystals_number   1 
# 
_exptl_crystal.id                    1 
_exptl_crystal.density_meas          ? 
_exptl_crystal.density_Matthews      3.8 
_exptl_crystal.density_percent_sol   67.9 
_exptl_crystal.description           ? 
# 
_exptl_crystal_grow.crystal_id      1 
_exptl_crystal_grow.method          'VAPOR DIFFUSION, HANGING DROP' 
_exptl_crystal_grow.temp            298 
_exptl_crystal_grow.temp_details    ? 
_exptl_crystal_grow.pH              7.2 
_exptl_crystal_grow.pdbx_details    
'Ammonium sulphate and Sodium chloride, pH 7.2, VAPOR DIFFUSION, HANGING DROP, temperature 298K' 
_exptl_crystal_grow.pdbx_pH_range   . 
# 
_diffrn.id                     1 
_diffrn.ambient_temp           298 
_diffrn.ambient_temp_details   ? 
_diffrn.crystal_id             1 
# 
_diffrn_detector.diffrn_id              1 
_diffrn_detector.detector               'IMAGE PLATE' 
_diffrn_detector.type                   MARRESEARCH 
_diffrn_detector.pdbx_collection_date   2002-02-16 
_diffrn_detector.details                ? 
# 
_diffrn_radiation.diffrn_id                        1 
_diffrn_radiation.wavelength_id                    1 
_diffrn_radiation.pdbx_monochromatic_or_laue_m_l   M 
_diffrn_radiation.monochromator                    Graphite 
_diffrn_radiation.pdbx_diffrn_protocol             'SINGLE WAVELENGTH' 
_diffrn_radiation.pdbx_scattering_type             x-ray 
# 
_diffrn_radiation_wavelength.id           1 
_diffrn_radiation_wavelength.wavelength   1.5418 
_diffrn_radiation_wavelength.wt           1.0 
# 
_diffrn_source.diffrn_id                   1 
_diffrn_source.source                      'ROTATING ANODE' 
_diffrn_source.type                        'RIGAKU RU200' 
_diffrn_source.pdbx_synchrotron_site       ? 
_diffrn_source.pdbx_synchrotron_beamline   ? 
_diffrn_source.pdbx_wavelength             ? 
_diffrn_source.pdbx_wavelength_list        1.5418 
# 
_reflns.entry_id                     1PXD 
_reflns.observed_criterion_sigma_F   0 
_reflns.observed_criterion_sigma_I   0 
_reflns.d_resolution_high            1.8 
_reflns.d_resolution_low             100 
_reflns.number_all                   23948 
_reflns.number_obs                   23948 
_reflns.percent_possible_obs         87.9 
_reflns.pdbx_Rmerge_I_obs            0.061 
_reflns.pdbx_Rsym_value              ? 
_reflns.pdbx_netI_over_sigmaI        ? 
_reflns.B_iso_Wilson_estimate        ? 
_reflns.pdbx_redundancy              4.8 
_reflns.R_free_details               ? 
_reflns.limit_h_max                  ? 
_reflns.limit_h_min                  ? 
_reflns.limit_k_max                  ? 
_reflns.limit_k_min                  ? 
_reflns.limit_l_max                  ? 
_reflns.limit_l_min                  ? 
_reflns.observed_criterion_F_max     ? 
_reflns.observed_criterion_F_min     ? 
_reflns.pdbx_ordinal                 1 
_reflns.pdbx_diffrn_id               1 
# 
_reflns_shell.d_res_high             1.8 
_reflns_shell.d_res_low              1.86 
_reflns_shell.percent_possible_all   79.9 
_reflns_shell.Rmerge_I_obs           0.613 
_reflns_shell.pdbx_Rsym_value        ? 
_reflns_shell.meanI_over_sigI_obs    10.8 
_reflns_shell.pdbx_redundancy        4.8 
_reflns_shell.percent_possible_obs   ? 
_reflns_shell.number_unique_all      23948 
_reflns_shell.pdbx_ordinal           1 
_reflns_shell.pdbx_diffrn_id         1 
# 
_refine.entry_id                                 1PXD 
_refine.ls_d_res_high                            1.8 
_refine.ls_d_res_low                             100 
_refine.pdbx_ls_sigma_F                          0 
_refine.pdbx_ls_sigma_I                          ? 
_refine.ls_number_reflns_all                     19451 
_refine.ls_number_reflns_obs                     19451 
_refine.ls_number_reflns_R_free                  1916 
_refine.ls_percent_reflns_obs                    81.2 
_refine.ls_R_factor_all                          0.219 
_refine.ls_R_factor_obs                          0.219 
_refine.ls_R_factor_R_work                       0.219 
_refine.ls_R_factor_R_free                       0.233 
_refine.ls_redundancy_reflns_obs                 ? 
_refine.pdbx_data_cutoff_high_absF               ? 
_refine.pdbx_data_cutoff_low_absF                ? 
_refine.ls_number_parameters                     ? 
_refine.ls_number_restraints                     ? 
_refine.ls_percent_reflns_R_free                 ? 
_refine.ls_R_factor_R_free_error                 ? 
_refine.ls_R_factor_R_free_error_details         ? 
_refine.pdbx_method_to_determine_struct          'MOLECULAR REPLACEMENT' 
_refine.pdbx_starting_model                      1JAC 
_refine.pdbx_ls_cross_valid_method               ? 
_refine.pdbx_R_Free_selection_details            RANDOM 
_refine.pdbx_stereochem_target_val_spec_case     ? 
_refine.pdbx_stereochemistry_target_values       ? 
_refine.solvent_model_details                    ? 
_refine.solvent_model_param_bsol                 ? 
_refine.solvent_model_param_ksol                 ? 
_refine.occupancy_max                            ? 
_refine.occupancy_min                            ? 
_refine.pdbx_isotropic_thermal_model             ? 
_refine.B_iso_mean                               ? 
_refine.aniso_B[1][1]                            ? 
_refine.aniso_B[1][2]                            ? 
_refine.aniso_B[1][3]                            ? 
_refine.aniso_B[2][2]                            ? 
_refine.aniso_B[2][3]                            ? 
_refine.aniso_B[3][3]                            ? 
_refine.details                                  ? 
_refine.B_iso_min                                ? 
_refine.B_iso_max                                ? 
_refine.correlation_coeff_Fo_to_Fc               ? 
_refine.correlation_coeff_Fo_to_Fc_free          ? 
_refine.pdbx_solvent_vdw_probe_radii             ? 
_refine.pdbx_solvent_ion_probe_radii             ? 
_refine.pdbx_solvent_shrinkage_radii             ? 
_refine.overall_SU_R_Cruickshank_DPI             ? 
_refine.overall_SU_R_free                        ? 
_refine.overall_SU_B                             ? 
_refine.overall_SU_ML                            ? 
_refine.pdbx_overall_ESU_R                       ? 
_refine.pdbx_overall_ESU_R_Free                  ? 
_refine.pdbx_data_cutoff_high_rms_absF           ? 
_refine.pdbx_refine_id                           'X-RAY DIFFRACTION' 
_refine.pdbx_diffrn_id                           1 
_refine.pdbx_TLS_residual_ADP_flag               ? 
_refine.pdbx_overall_phase_error                 ? 
_refine.pdbx_overall_SU_R_free_Cruickshank_DPI   ? 
_refine.pdbx_overall_SU_R_Blow_DPI               ? 
_refine.pdbx_overall_SU_R_free_Blow_DPI          ? 
# 
_refine_hist.pdbx_refine_id                   'X-RAY DIFFRACTION' 
_refine_hist.cycle_id                         LAST 
_refine_hist.pdbx_number_atoms_protein        1153 
_refine_hist.pdbx_number_atoms_nucleic_acid   0 
_refine_hist.pdbx_number_atoms_ligand         128 
_refine_hist.number_atoms_solvent             57 
_refine_hist.number_atoms_total               1338 
_refine_hist.d_res_high                       1.8 
_refine_hist.d_res_low                        100 
# 
_struct.entry_id                  1PXD 
_struct.title                     'Crystal structure of the complex of jacalin with meso-tetrasulphonatophenylporphyrin.' 
_struct.pdbx_model_details        ? 
_struct.pdbx_CASP_flag            ? 
_struct.pdbx_model_type_details   ? 
# 
_struct_keywords.entry_id        1PXD 
_struct_keywords.pdbx_keywords   'SUGAR BINDING PROTEIN' 
_struct_keywords.text            'lectin, porphyrin, Sugar Binding Protein' 
# 
loop_
_struct_asym.id 
_struct_asym.pdbx_blank_PDB_chainid_flag 
_struct_asym.pdbx_modified 
_struct_asym.entity_id 
_struct_asym.details 
A N N 1 ? 
B N N 2 ? 
C N N 3 ? 
D N N 3 ? 
E N N 4 ? 
F N N 4 ? 
# 
_struct_biol.id                    1 
_struct_biol.pdbx_parent_biol_id   ? 
_struct_biol.details               ? 
# 
loop_
_struct_mon_prot_cis.pdbx_id 
_struct_mon_prot_cis.label_comp_id 
_struct_mon_prot_cis.label_seq_id 
_struct_mon_prot_cis.label_asym_id 
_struct_mon_prot_cis.label_alt_id 
_struct_mon_prot_cis.pdbx_PDB_ins_code 
_struct_mon_prot_cis.auth_comp_id 
_struct_mon_prot_cis.auth_seq_id 
_struct_mon_prot_cis.auth_asym_id 
_struct_mon_prot_cis.pdbx_label_comp_id_2 
_struct_mon_prot_cis.pdbx_label_seq_id_2 
_struct_mon_prot_cis.pdbx_label_asym_id_2 
_struct_mon_prot_cis.pdbx_PDB_ins_code_2 
_struct_mon_prot_cis.pdbx_auth_comp_id_2 
_struct_mon_prot_cis.pdbx_auth_seq_id_2 
_struct_mon_prot_cis.pdbx_auth_asym_id_2 
_struct_mon_prot_cis.pdbx_PDB_model_num 
_struct_mon_prot_cis.pdbx_omega_angle 
1 PHE 60 A . ? PHE 60 A PRO 61 A ? PRO 61 A 1 0.80 
2 GLY 94 A . ? GLY 94 A PRO 95 A ? PRO 95 A 1 0.79 
3 GLY 13 B . ? GLY 13 B PRO 14 B ? PRO 14 B 1 0.93 
# 
loop_
_struct_sheet.id 
_struct_sheet.type 
_struct_sheet.number_strands 
_struct_sheet.details 
A ? 4 ? 
B ? 4 ? 
C ? 4 ? 
# 
loop_
_struct_sheet_order.sheet_id 
_struct_sheet_order.range_id_1 
_struct_sheet_order.range_id_2 
_struct_sheet_order.offset 
_struct_sheet_order.sense 
A 1 2 ? anti-parallel 
A 2 3 ? anti-parallel 
A 3 4 ? anti-parallel 
B 1 2 ? anti-parallel 
B 2 3 ? anti-parallel 
B 3 4 ? anti-parallel 
C 1 2 ? anti-parallel 
C 2 3 ? anti-parallel 
C 3 4 ? anti-parallel 
# 
loop_
_struct_sheet_range.sheet_id 
_struct_sheet_range.id 
_struct_sheet_range.beg_label_comp_id 
_struct_sheet_range.beg_label_asym_id 
_struct_sheet_range.beg_label_seq_id 
_struct_sheet_range.pdbx_beg_PDB_ins_code 
_struct_sheet_range.end_label_comp_id 
_struct_sheet_range.end_label_asym_id 
_struct_sheet_range.end_label_seq_id 
_struct_sheet_range.pdbx_end_PDB_ins_code 
_struct_sheet_range.beg_auth_comp_id 
_struct_sheet_range.beg_auth_asym_id 
_struct_sheet_range.beg_auth_seq_id 
_struct_sheet_range.end_auth_comp_id 
_struct_sheet_range.end_auth_asym_id 
_struct_sheet_range.end_auth_seq_id 
A 1 LYS A 2   ? ASP A 5   ? LYS A 2   ASP A 5   
A 2 LEU A 112 ? ILE A 120 ? LEU A 112 ILE A 120 
A 3 LEU A 124 ? SER A 132 ? LEU A 124 SER A 132 
A 4 VAL B 10  ? GLY B 16  ? VAL B 10  GLY B 16  
B 1 SER A 37  ? VAL A 40  ? SER A 37  VAL A 40  
B 2 ILE A 25  ? LEU A 34  ? ILE A 25  LEU A 34  
B 3 GLY A 11  ? TYR A 19  ? GLY A 11  TYR A 19  
B 4 THR A 52  ? SER A 57  ? THR A 52  SER A 57  
C 1 THR A 92  ? GLY A 97  ? THR A 92  GLY A 97  
C 2 TYR A 78  ? THR A 88  ? TYR A 78  THR A 88  
C 3 ILE A 65  ? VAL A 75  ? ILE A 65  VAL A 75  
C 4 THR A 102 ? PRO A 107 ? THR A 102 PRO A 107 
# 
loop_
_pdbx_struct_sheet_hbond.sheet_id 
_pdbx_struct_sheet_hbond.range_id_1 
_pdbx_struct_sheet_hbond.range_id_2 
_pdbx_struct_sheet_hbond.range_1_label_atom_id 
_pdbx_struct_sheet_hbond.range_1_label_comp_id 
_pdbx_struct_sheet_hbond.range_1_label_asym_id 
_pdbx_struct_sheet_hbond.range_1_label_seq_id 
_pdbx_struct_sheet_hbond.range_1_PDB_ins_code 
_pdbx_struct_sheet_hbond.range_1_auth_atom_id 
_pdbx_struct_sheet_hbond.range_1_auth_comp_id 
_pdbx_struct_sheet_hbond.range_1_auth_asym_id 
_pdbx_struct_sheet_hbond.range_1_auth_seq_id 
_pdbx_struct_sheet_hbond.range_2_label_atom_id 
_pdbx_struct_sheet_hbond.range_2_label_comp_id 
_pdbx_struct_sheet_hbond.range_2_label_asym_id 
_pdbx_struct_sheet_hbond.range_2_label_seq_id 
_pdbx_struct_sheet_hbond.range_2_PDB_ins_code 
_pdbx_struct_sheet_hbond.range_2_auth_atom_id 
_pdbx_struct_sheet_hbond.range_2_auth_comp_id 
_pdbx_struct_sheet_hbond.range_2_auth_asym_id 
_pdbx_struct_sheet_hbond.range_2_auth_seq_id 
A 1 2 N PHE A 4   ? N PHE A 4   O GLY A 118 ? O GLY A 118 
A 2 3 N LEU A 112 ? N LEU A 112 O SER A 132 ? O SER A 132 
A 3 4 N MET A 129 ? N MET A 129 O VAL B 12  ? O VAL B 12  
B 1 2 O SER A 37  ? O SER A 37  N LEU A 34  ? N LEU A 34  
B 2 3 O VAL A 31  ? O VAL A 31  N GLU A 14  ? N GLU A 14  
B 3 4 N LEU A 17  ? N LEU A 17  O VAL A 54  ? O VAL A 54  
C 1 2 O TYR A 93  ? O TYR A 93  N PHE A 86  ? N PHE A 86  
C 2 3 O LYS A 87  ? O LYS A 87  N GLU A 67  ? N GLU A 67  
C 3 4 N VAL A 68  ? N VAL A 68  O LEU A 106 ? O LEU A 106 
# 
loop_
_struct_site.id 
_struct_site.pdbx_evidence_code 
_struct_site.pdbx_auth_asym_id 
_struct_site.pdbx_auth_comp_id 
_struct_site.pdbx_auth_seq_id 
_struct_site.pdbx_auth_ins_code 
_struct_site.pdbx_num_residues 
_struct_site.details 
AC1 Software A SFP 134 ? 9 'BINDING SITE FOR RESIDUE SFP A 134' 
AC2 Software A SFP 135 ? 9 'BINDING SITE FOR RESIDUE SFP A 135' 
# 
loop_
_struct_site_gen.id 
_struct_site_gen.site_id 
_struct_site_gen.pdbx_num_res 
_struct_site_gen.label_comp_id 
_struct_site_gen.label_asym_id 
_struct_site_gen.label_seq_id 
_struct_site_gen.pdbx_auth_ins_code 
_struct_site_gen.auth_comp_id 
_struct_site_gen.auth_asym_id 
_struct_site_gen.auth_seq_id 
_struct_site_gen.label_atom_id 
_struct_site_gen.label_alt_id 
_struct_site_gen.symmetry 
_struct_site_gen.details 
1  AC1 9 GLY A 1   ? GLY A 1   . ? 1_555 ? 
2  AC1 9 LYS A 21  ? LYS A 21  . ? 8_555 ? 
3  AC1 9 THR A 52  ? THR A 52  . ? 8_555 ? 
4  AC1 9 PRO A 53  ? PRO A 53  . ? 8_555 ? 
5  AC1 9 SER A 76  ? SER A 76  . ? 1_555 ? 
6  AC1 9 TYR A 78  ? TYR A 78  . ? 1_555 ? 
7  AC1 9 TYR A 122 ? TYR A 122 . ? 1_555 ? 
8  AC1 9 SFP D .   ? SFP A 135 . ? 1_555 ? 
9  AC1 9 HOH E .   ? HOH A 155 . ? 1_555 ? 
10 AC2 9 ASN A 20  ? ASN A 20  . ? 8_555 ? 
11 AC2 9 LYS A 21  ? LYS A 21  . ? 8_555 ? 
12 AC2 9 GLY A 50  ? GLY A 50  . ? 8_555 ? 
13 AC2 9 PHE A 51  ? PHE A 51  . ? 8_555 ? 
14 AC2 9 THR A 52  ? THR A 52  . ? 8_555 ? 
15 AC2 9 PRO A 53  ? PRO A 53  . ? 8_555 ? 
16 AC2 9 LYS A 91  ? LYS A 91  . ? 1_655 ? 
17 AC2 9 SFP C .   ? SFP A 134 . ? 1_555 ? 
18 AC2 9 HOH E .   ? HOH A 160 . ? 8_555 ? 
# 
_atom_sites.entry_id                    1PXD 
_atom_sites.fract_transf_matrix[1][1]   -0.01805103 
_atom_sites.fract_transf_matrix[1][2]   -0.00952393 
_atom_sites.fract_transf_matrix[1][3]   0.00738661 
_atom_sites.fract_transf_matrix[2][1]   -0.00434655 
_atom_sites.fract_transf_matrix[2][2]   0.00151484 
_atom_sites.fract_transf_matrix[2][3]   -0.00866874 
_atom_sites.fract_transf_matrix[3][1]   0.00311200 
_atom_sites.fract_transf_matrix[3][2]   -0.00822296 
_atom_sites.fract_transf_matrix[3][3]   -0.00299731 
_atom_sites.fract_transf_vector[1]      0.479903 
_atom_sites.fract_transf_vector[2]      0.369671 
_atom_sites.fract_transf_vector[3]      0.164404 
# 
loop_
_atom_type.symbol 
C 
N 
O 
S 
# 
loop_
_atom_site.group_PDB 
_atom_site.id 
_atom_site.type_symbol 
_atom_site.label_atom_id 
_atom_site.label_alt_id 
_atom_site.label_comp_id 
_atom_site.label_asym_id 
_atom_site.label_entity_id 
_atom_site.label_seq_id 
_atom_site.pdbx_PDB_ins_code 
_atom_site.Cartn_x 
_atom_site.Cartn_y 
_atom_site.Cartn_z 
_atom_site.occupancy 
_atom_site.B_iso_or_equiv 
_atom_site.pdbx_formal_charge 
_atom_site.auth_seq_id 
_atom_site.auth_comp_id 
_atom_site.auth_asym_id 
_atom_site.auth_atom_id 
_atom_site.pdbx_PDB_model_num 
ATOM   1    N N   . GLY A 1 1   ? -8.615  -11.725 7.258   1.00 26.27  ? 1   GLY A N   1 
ATOM   2    C CA  . GLY A 1 1   ? -7.575  -10.849 7.906   1.00 26.49  ? 1   GLY A CA  1 
ATOM   3    C C   . GLY A 1 1   ? -8.131  -9.693  8.712   1.00 27.30  ? 1   GLY A C   1 
ATOM   4    O O   . GLY A 1 1   ? -9.340  -9.478  8.775   1.00 28.39  ? 1   GLY A O   1 
ATOM   5    N N   . LYS A 1 2   ? -7.238  -8.945  9.347   1.00 22.96  ? 2   LYS A N   1 
ATOM   6    C CA  . LYS A 1 2   ? -7.632  -7.800  10.157  1.00 22.73  ? 2   LYS A CA  1 
ATOM   7    C C   . LYS A 1 2   ? -7.652  -6.561  9.255   1.00 21.44  ? 2   LYS A C   1 
ATOM   8    O O   . LYS A 1 2   ? -6.608  -6.141  8.740   1.00 20.53  ? 2   LYS A O   1 
ATOM   9    C CB  . LYS A 1 2   ? -6.640  -7.600  11.307  1.00 34.63  ? 2   LYS A CB  1 
ATOM   10   C CG  . LYS A 1 2   ? -7.062  -6.562  12.321  1.00 39.32  ? 2   LYS A CG  1 
ATOM   11   C CD  . LYS A 1 2   ? -6.095  -6.516  13.500  1.00 40.29  ? 2   LYS A CD  1 
ATOM   12   C CE  . LYS A 1 2   ? -6.617  -5.593  14.591  1.00 43.12  ? 2   LYS A CE  1 
ATOM   13   N NZ  . LYS A 1 2   ? -5.718  -5.575  15.779  1.00 43.60  ? 2   LYS A NZ  1 
ATOM   14   N N   . ALA A 1 3   ? -8.841  -5.999  9.066   1.00 30.56  ? 3   ALA A N   1 
ATOM   15   C CA  . ALA A 1 3   ? -9.027  -4.825  8.225   1.00 28.78  ? 3   ALA A CA  1 
ATOM   16   C C   . ALA A 1 3   ? -8.429  -3.570  8.839   1.00 28.31  ? 3   ALA A C   1 
ATOM   17   O O   . ALA A 1 3   ? -8.406  -3.413  10.063  1.00 26.96  ? 3   ALA A O   1 
ATOM   18   C CB  . ALA A 1 3   ? -10.521 -4.606  7.966   1.00 26.64  ? 3   ALA A CB  1 
ATOM   19   N N   . PHE A 1 4   ? -7.916  -2.685  7.989   1.00 24.23  ? 4   PHE A N   1 
ATOM   20   C CA  . PHE A 1 4   ? -7.379  -1.409  8.469   1.00 23.58  ? 4   PHE A CA  1 
ATOM   21   C C   . PHE A 1 4   ? -7.763  -0.332  7.456   1.00 23.36  ? 4   PHE A C   1 
ATOM   22   O O   . PHE A 1 4   ? -8.015  -0.625  6.279   1.00 21.87  ? 4   PHE A O   1 
ATOM   23   C CB  . PHE A 1 4   ? -5.844  -1.448  8.655   1.00 25.65  ? 4   PHE A CB  1 
ATOM   24   C CG  . PHE A 1 4   ? -5.061  -1.506  7.365   1.00 26.07  ? 4   PHE A CG  1 
ATOM   25   C CD1 . PHE A 1 4   ? -4.655  -2.725  6.836   1.00 24.98  ? 4   PHE A CD1 1 
ATOM   26   C CD2 . PHE A 1 4   ? -4.736  -0.331  6.679   1.00 25.69  ? 4   PHE A CD2 1 
ATOM   27   C CE1 . PHE A 1 4   ? -3.938  -2.785  5.645   1.00 25.28  ? 4   PHE A CE1 1 
ATOM   28   C CE2 . PHE A 1 4   ? -4.023  -0.375  5.492   1.00 23.99  ? 4   PHE A CE2 1 
ATOM   29   C CZ  . PHE A 1 4   ? -3.619  -1.610  4.966   1.00 23.66  ? 4   PHE A CZ  1 
ATOM   30   N N   . ASP A 1 5   ? -7.818  0.910   7.919   1.00 20.38  ? 5   ASP A N   1 
ATOM   31   C CA  . ASP A 1 5   ? -8.180  2.025   7.042   1.00 20.55  ? 5   ASP A CA  1 
ATOM   32   C C   . ASP A 1 5   ? -7.506  3.268   7.606   1.00 20.74  ? 5   ASP A C   1 
ATOM   33   O O   . ASP A 1 5   ? -7.951  3.802   8.617   1.00 22.08  ? 5   ASP A O   1 
ATOM   34   C CB  . ASP A 1 5   ? -9.700  2.198   7.040   1.00 24.07  ? 5   ASP A CB  1 
ATOM   35   C CG  . ASP A 1 5   ? -10.176 3.257   6.051   1.00 27.23  ? 5   ASP A CG  1 
ATOM   36   O OD1 . ASP A 1 5   ? -9.337  3.946   5.429   1.00 23.26  ? 5   ASP A OD1 1 
ATOM   37   O OD2 . ASP A 1 5   ? -11.402 3.403   5.911   1.00 28.59  ? 5   ASP A OD2 1 
ATOM   38   N N   . ASP A 1 6   ? -6.414  3.710   6.980   1.00 22.44  ? 6   ASP A N   1 
ATOM   39   C CA  . ASP A 1 6   ? -5.717  4.905   7.464   1.00 21.37  ? 6   ASP A CA  1 
ATOM   40   C C   . ASP A 1 6   ? -6.504  6.193   7.193   1.00 20.75  ? 6   ASP A C   1 
ATOM   41   O O   . ASP A 1 6   ? -6.400  7.167   7.942   1.00 23.72  ? 6   ASP A O   1 
ATOM   42   C CB  . ASP A 1 6   ? -4.331  5.030   6.820   1.00 21.13  ? 6   ASP A CB  1 
ATOM   43   C CG  . ASP A 1 6   ? -3.371  3.924   7.261   1.00 23.35  ? 6   ASP A CG  1 
ATOM   44   O OD1 . ASP A 1 6   ? -3.643  3.252   8.279   1.00 23.79  ? 6   ASP A OD1 1 
ATOM   45   O OD2 . ASP A 1 6   ? -2.342  3.741   6.575   1.00 21.13  ? 6   ASP A OD2 1 
ATOM   46   N N   . GLY A 1 7   ? -7.292  6.198   6.121   1.00 24.46  ? 7   GLY A N   1 
ATOM   47   C CA  . GLY A 1 7   ? -8.053  7.386   5.795   1.00 22.56  ? 7   GLY A CA  1 
ATOM   48   C C   . GLY A 1 7   ? -7.286  8.230   4.796   1.00 19.29  ? 7   GLY A C   1 
ATOM   49   O O   . GLY A 1 7   ? -6.287  7.754   4.230   1.00 18.99  ? 7   GLY A O   1 
ATOM   50   N N   . ALA A 1 8   ? -7.746  9.462   4.572   1.00 21.39  ? 8   ALA A N   1 
ATOM   51   C CA  . ALA A 1 8   ? -7.126  10.383  3.616   1.00 20.68  ? 8   ALA A CA  1 
ATOM   52   C C   . ALA A 1 8   ? -6.271  11.449  4.315   1.00 18.74  ? 8   ALA A C   1 
ATOM   53   O O   . ALA A 1 8   ? -6.638  11.972  5.376   1.00 20.36  ? 8   ALA A O   1 
ATOM   54   C CB  . ALA A 1 8   ? -8.218  11.084  2.753   1.00 18.12  ? 8   ALA A CB  1 
ATOM   55   N N   . PHE A 1 9   ? -5.146  11.780  3.687   1.00 19.20  ? 9   PHE A N   1 
ATOM   56   C CA  . PHE A 1 9   ? -4.219  12.777  4.215   1.00 20.47  ? 9   PHE A CA  1 
ATOM   57   C C   . PHE A 1 9   ? -3.845  13.780  3.120   1.00 22.16  ? 9   PHE A C   1 
ATOM   58   O O   . PHE A 1 9   ? -4.519  13.851  2.087   1.00 24.06  ? 9   PHE A O   1 
ATOM   59   C CB  . PHE A 1 9   ? -2.976  12.062  4.774   1.00 23.42  ? 9   PHE A CB  1 
ATOM   60   C CG  . PHE A 1 9   ? -3.267  11.249  6.000   1.00 23.24  ? 9   PHE A CG  1 
ATOM   61   C CD1 . PHE A 1 9   ? -3.715  9.935   5.891   1.00 24.08  ? 9   PHE A CD1 1 
ATOM   62   C CD2 . PHE A 1 9   ? -3.165  11.824  7.274   1.00 22.12  ? 9   PHE A CD2 1 
ATOM   63   C CE1 . PHE A 1 9   ? -4.062  9.210   7.020   1.00 22.02  ? 9   PHE A CE1 1 
ATOM   64   C CE2 . PHE A 1 9   ? -3.513  11.098  8.416   1.00 22.61  ? 9   PHE A CE2 1 
ATOM   65   C CZ  . PHE A 1 9   ? -3.963  9.792   8.292   1.00 22.02  ? 9   PHE A CZ  1 
ATOM   66   N N   . THR A 1 10  ? -2.773  14.544  3.335   1.00 18.44  ? 10  THR A N   1 
ATOM   67   C CA  . THR A 1 10  ? -2.352  15.547  2.341   1.00 19.90  ? 10  THR A CA  1 
ATOM   68   C C   . THR A 1 10  ? -1.255  15.063  1.400   1.00 21.04  ? 10  THR A C   1 
ATOM   69   O O   . THR A 1 10  ? -0.965  15.709  0.405   1.00 20.99  ? 10  THR A O   1 
ATOM   70   C CB  . THR A 1 10  ? -1.804  16.826  2.999   1.00 33.83  ? 10  THR A CB  1 
ATOM   71   O OG1 . THR A 1 10  ? -2.261  16.917  4.349   1.00 35.88  ? 10  THR A OG1 1 
ATOM   72   C CG2 . THR A 1 10  ? -2.260  18.042  2.215   1.00 37.21  ? 10  THR A CG2 1 
ATOM   73   N N   . GLY A 1 11  ? -0.637  13.934  1.718   1.00 22.13  ? 11  GLY A N   1 
ATOM   74   C CA  . GLY A 1 11  ? 0.433   13.422  0.883   1.00 21.16  ? 11  GLY A CA  1 
ATOM   75   C C   . GLY A 1 11  ? 1.093   12.245  1.586   1.00 21.31  ? 11  GLY A C   1 
ATOM   76   O O   . GLY A 1 11  ? 0.685   11.868  2.691   1.00 21.49  ? 11  GLY A O   1 
ATOM   77   N N   . ILE A 1 12  ? 2.104   11.670  0.942   1.00 23.17  ? 12  ILE A N   1 
ATOM   78   C CA  . ILE A 1 12  ? 2.828   10.516  1.476   1.00 23.97  ? 12  ILE A CA  1 
ATOM   79   C C   . ILE A 1 12  ? 4.304   10.887  1.579   1.00 23.55  ? 12  ILE A C   1 
ATOM   80   O O   . ILE A 1 12  ? 4.892   11.398  0.618   1.00 23.04  ? 12  ILE A O   1 
ATOM   81   C CB  . ILE A 1 12  ? 2.690   9.289   0.526   1.00 19.45  ? 12  ILE A CB  1 
ATOM   82   C CG1 . ILE A 1 12  ? 1.205   8.894   0.396   1.00 20.12  ? 12  ILE A CG1 1 
ATOM   83   C CG2 . ILE A 1 12  ? 3.557   8.103   1.050   1.00 18.88  ? 12  ILE A CG2 1 
ATOM   84   C CD1 . ILE A 1 12  ? 0.959   7.783   -0.586  1.00 35.93  ? 12  ILE A CD1 1 
ATOM   85   N N   . ARG A 1 13  ? 4.897   10.628  2.738   1.00 21.82  ? 13  ARG A N   1 
ATOM   86   C CA  . ARG A 1 13  ? 6.314   10.934  2.959   1.00 23.63  ? 13  ARG A CA  1 
ATOM   87   C C   . ARG A 1 13  ? 7.181   9.684   2.986   1.00 23.70  ? 13  ARG A C   1 
ATOM   88   O O   . ARG A 1 13  ? 8.305   9.695   2.487   1.00 23.66  ? 13  ARG A O   1 
ATOM   89   C CB  . ARG A 1 13  ? 6.508   11.685  4.285   1.00 27.53  ? 13  ARG A CB  1 
ATOM   90   C CG  . ARG A 1 13  ? 6.046   13.146  4.244   1.00 27.02  ? 13  ARG A CG  1 
ATOM   91   C CD  . ARG A 1 13  ? 5.879   13.699  5.647   1.00 29.46  ? 13  ARG A CD  1 
ATOM   92   N NE  . ARG A 1 13  ? 5.550   15.125  5.671   1.00 31.34  ? 13  ARG A NE  1 
ATOM   93   C CZ  . ARG A 1 13  ? 6.451   16.105  5.694   1.00 31.20  ? 13  ARG A CZ  1 
ATOM   94   N NH1 . ARG A 1 13  ? 6.056   17.373  5.713   1.00 32.14  ? 13  ARG A NH1 1 
ATOM   95   N NH2 . ARG A 1 13  ? 7.749   15.819  5.716   1.00 32.54  ? 13  ARG A NH2 1 
ATOM   96   N N   . GLU A 1 14  ? 6.652   8.606   3.549   1.00 21.88  ? 14  GLU A N   1 
ATOM   97   C CA  . GLU A 1 14  ? 7.426   7.389   3.668   1.00 22.74  ? 14  GLU A CA  1 
ATOM   98   C C   . GLU A 1 14  ? 6.547   6.147   3.726   1.00 21.76  ? 14  GLU A C   1 
ATOM   99   O O   . GLU A 1 14  ? 5.472   6.161   4.334   1.00 21.99  ? 14  GLU A O   1 
ATOM   100  C CB  . GLU A 1 14  ? 8.286   7.497   4.943   1.00 31.62  ? 14  GLU A CB  1 
ATOM   101  C CG  . GLU A 1 14  ? 9.160   6.307   5.252   1.00 34.60  ? 14  GLU A CG  1 
ATOM   102  C CD  . GLU A 1 14  ? 9.942   6.503   6.542   1.00 36.33  ? 14  GLU A CD  1 
ATOM   103  O OE1 . GLU A 1 14  ? 10.646  7.531   6.656   1.00 39.67  ? 14  GLU A OE1 1 
ATOM   104  O OE2 . GLU A 1 14  ? 9.845   5.642   7.441   1.00 35.75  ? 14  GLU A OE2 1 
ATOM   105  N N   . ILE A 1 15  ? 7.013   5.078   3.088   1.00 24.50  ? 15  ILE A N   1 
ATOM   106  C CA  . ILE A 1 15  ? 6.303   3.808   3.106   1.00 24.83  ? 15  ILE A CA  1 
ATOM   107  C C   . ILE A 1 15  ? 7.218   2.727   3.654   1.00 25.79  ? 15  ILE A C   1 
ATOM   108  O O   . ILE A 1 15  ? 8.344   2.590   3.204   1.00 26.17  ? 15  ILE A O   1 
ATOM   109  C CB  . ILE A 1 15  ? 5.863   3.389   1.714   1.00 22.54  ? 15  ILE A CB  1 
ATOM   110  C CG1 . ILE A 1 15  ? 4.836   4.401   1.189   1.00 22.27  ? 15  ILE A CG1 1 
ATOM   111  C CG2 . ILE A 1 15  ? 5.269   1.971   1.759   1.00 24.28  ? 15  ILE A CG2 1 
ATOM   112  C CD1 . ILE A 1 15  ? 4.348   4.098   -0.206  1.00 35.35  ? 15  ILE A CD1 1 
ATOM   113  N N   . ASN A 1 16  ? 6.730   1.979   4.635   1.00 25.74  ? 16  ASN A N   1 
ATOM   114  C CA  . ASN A 1 16  ? 7.497   0.884   5.229   1.00 27.14  ? 16  ASN A CA  1 
ATOM   115  C C   . ASN A 1 16  ? 6.726   -0.411  5.028   1.00 26.10  ? 16  ASN A C   1 
ATOM   116  O O   . ASN A 1 16  ? 5.627   -0.564  5.560   1.00 27.15  ? 16  ASN A O   1 
ATOM   117  C CB  . ASN A 1 16  ? 7.703   1.106   6.733   1.00 31.21  ? 16  ASN A CB  1 
ATOM   118  C CG  . ASN A 1 16  ? 8.580   2.296   7.022   1.00 32.95  ? 16  ASN A CG  1 
ATOM   119  O OD1 . ASN A 1 16  ? 9.774   2.278   6.729   1.00 33.44  ? 16  ASN A OD1 1 
ATOM   120  N ND2 . ASN A 1 16  ? 7.994   3.347   7.582   1.00 33.70  ? 16  ASN A ND2 1 
ATOM   121  N N   . LEU A 1 17  ? 7.286   -1.334  4.257   1.00 25.12  ? 17  LEU A N   1 
ATOM   122  C CA  . LEU A 1 17  ? 6.616   -2.607  4.044   1.00 24.46  ? 17  LEU A CA  1 
ATOM   123  C C   . LEU A 1 17  ? 7.612   -3.751  4.247   1.00 26.23  ? 17  LEU A C   1 
ATOM   124  O O   . LEU A 1 17  ? 8.825   -3.526  4.321   1.00 27.12  ? 17  LEU A O   1 
ATOM   125  C CB  . LEU A 1 17  ? 5.997   -2.665  2.639   1.00 30.35  ? 17  LEU A CB  1 
ATOM   126  C CG  . LEU A 1 17  ? 6.888   -2.568  1.401   1.00 29.88  ? 17  LEU A CG  1 
ATOM   127  C CD1 . LEU A 1 17  ? 7.696   -3.833  1.206   1.00 31.15  ? 17  LEU A CD1 1 
ATOM   128  C CD2 . LEU A 1 17  ? 6.000   -2.366  0.190   1.00 31.69  ? 17  LEU A CD2 1 
ATOM   129  N N   . SER A 1 18  ? 7.101   -4.970  4.362   1.00 24.01  ? 18  SER A N   1 
ATOM   130  C CA  . SER A 1 18  ? 7.983   -6.115  4.532   1.00 24.96  ? 18  SER A CA  1 
ATOM   131  C C   . SER A 1 18  ? 7.451   -7.218  3.654   1.00 24.02  ? 18  SER A C   1 
ATOM   132  O O   . SER A 1 18  ? 6.270   -7.222  3.290   1.00 23.01  ? 18  SER A O   1 
ATOM   133  C CB  . SER A 1 18  ? 8.018   -6.565  5.995   1.00 33.48  ? 18  SER A CB  1 
ATOM   134  O OG  . SER A 1 18  ? 6.809   -7.197  6.369   1.00 35.10  ? 18  SER A OG  1 
ATOM   135  N N   . TYR A 1 19  ? 8.324   -8.154  3.292   1.00 26.14  ? 19  TYR A N   1 
ATOM   136  C CA  . TYR A 1 19  ? 7.905   -9.245  2.436   1.00 25.21  ? 19  TYR A CA  1 
ATOM   137  C C   . TYR A 1 19  ? 8.823   -10.460 2.585   1.00 24.99  ? 19  TYR A C   1 
ATOM   138  O O   . TYR A 1 19  ? 9.875   -10.401 3.236   1.00 24.33  ? 19  TYR A O   1 
ATOM   139  C CB  . TYR A 1 19  ? 7.911   -8.793  0.974   1.00 28.68  ? 19  TYR A CB  1 
ATOM   140  C CG  . TYR A 1 19  ? 9.300   -8.591  0.408   1.00 30.63  ? 19  TYR A CG  1 
ATOM   141  C CD1 . TYR A 1 19  ? 9.954   -7.361  0.509   1.00 32.39  ? 19  TYR A CD1 1 
ATOM   142  C CD2 . TYR A 1 19  ? 9.979   -9.646  -0.205  1.00 33.42  ? 19  TYR A CD2 1 
ATOM   143  C CE1 . TYR A 1 19  ? 11.254  -7.189  0.008   1.00 33.36  ? 19  TYR A CE1 1 
ATOM   144  C CE2 . TYR A 1 19  ? 11.269  -9.486  -0.701  1.00 32.33  ? 19  TYR A CE2 1 
ATOM   145  C CZ  . TYR A 1 19  ? 11.898  -8.259  -0.595  1.00 32.72  ? 19  TYR A CZ  1 
ATOM   146  O OH  . TYR A 1 19  ? 13.166  -8.112  -1.119  1.00 33.65  ? 19  TYR A OH  1 
ATOM   147  N N   . ASN A 1 20  ? 8.404   -11.556 1.980   1.00 25.60  ? 20  ASN A N   1 
ATOM   148  C CA  . ASN A 1 20  ? 9.176   -12.792 1.981   1.00 27.31  ? 20  ASN A CA  1 
ATOM   149  C C   . ASN A 1 20  ? 9.028   -13.323 0.553   1.00 29.89  ? 20  ASN A C   1 
ATOM   150  O O   . ASN A 1 20  ? 7.909   -13.489 0.056   1.00 30.17  ? 20  ASN A O   1 
ATOM   151  C CB  . ASN A 1 20  ? 8.625   -13.781 3.023   1.00 32.46  ? 20  ASN A CB  1 
ATOM   152  C CG  . ASN A 1 20  ? 9.448   -15.060 3.105   1.00 33.92  ? 20  ASN A CG  1 
ATOM   153  O OD1 . ASN A 1 20  ? 9.612   -15.759 2.105   1.00 35.71  ? 20  ASN A OD1 1 
ATOM   154  N ND2 . ASN A 1 20  ? 9.979   -15.367 4.297   1.00 33.38  ? 20  ASN A ND2 1 
ATOM   155  N N   . LYS A 1 21  ? 10.165  -13.550 -0.104  1.00 35.46  ? 21  LYS A N   1 
ATOM   156  C CA  . LYS A 1 21  ? 10.216  -14.020 -1.487  1.00 37.07  ? 21  LYS A CA  1 
ATOM   157  C C   . LYS A 1 21  ? 9.515   -15.329 -1.796  1.00 37.27  ? 21  LYS A C   1 
ATOM   158  O O   . LYS A 1 21  ? 9.332   -15.668 -2.963  1.00 37.92  ? 21  LYS A O   1 
ATOM   159  C CB  . LYS A 1 21  ? 11.670  -14.113 -1.958  1.00 91.23  ? 21  LYS A CB  1 
ATOM   160  C CG  . LYS A 1 21  ? 12.328  -12.766 -2.193  1.00 90.38  ? 21  LYS A CG  1 
ATOM   161  C CD  . LYS A 1 21  ? 13.741  -12.921 -2.730  1.00 93.51  ? 21  LYS A CD  1 
ATOM   162  C CE  . LYS A 1 21  ? 14.401  -11.563 -2.952  1.00 94.83  ? 21  LYS A CE  1 
ATOM   163  N NZ  . LYS A 1 21  ? 15.807  -11.688 -3.442  1.00 95.50  ? 21  LYS A NZ  1 
ATOM   164  N N   . GLU A 1 22  ? 9.119   -16.075 -0.778  1.00 34.95  ? 22  GLU A N   1 
ATOM   165  C CA  . GLU A 1 22  ? 8.441   -17.334 -1.047  1.00 36.96  ? 22  GLU A CA  1 
ATOM   166  C C   . GLU A 1 22  ? 6.938   -17.221 -0.860  1.00 35.91  ? 22  GLU A C   1 
ATOM   167  O O   . GLU A 1 22  ? 6.186   -18.108 -1.268  1.00 36.89  ? 22  GLU A O   1 
ATOM   168  C CB  . GLU A 1 22  ? 8.964   -18.433 -0.131  1.00 52.55  ? 22  GLU A CB  1 
ATOM   169  C CG  . GLU A 1 22  ? 10.444  -18.688 -0.267  1.00 55.83  ? 22  GLU A CG  1 
ATOM   170  C CD  . GLU A 1 22  ? 10.836  -20.032 0.302   1.00 58.49  ? 22  GLU A CD  1 
ATOM   171  O OE1 . GLU A 1 22  ? 10.520  -21.063 -0.339  1.00 57.32  ? 22  GLU A OE1 1 
ATOM   172  O OE2 . GLU A 1 22  ? 11.446  -20.058 1.392   1.00 60.00  ? 22  GLU A OE2 1 
ATOM   173  N N   . THR A 1 23  ? 6.500   -16.127 -0.244  1.00 28.31  ? 23  THR A N   1 
ATOM   174  C CA  . THR A 1 23  ? 5.086   -15.961 0.016   1.00 25.96  ? 23  THR A CA  1 
ATOM   175  C C   . THR A 1 23  ? 4.473   -14.664 -0.477  1.00 26.84  ? 23  THR A C   1 
ATOM   176  O O   . THR A 1 23  ? 4.040   -14.595 -1.615  1.00 25.67  ? 23  THR A O   1 
ATOM   177  C CB  . THR A 1 23  ? 4.808   -16.135 1.511   1.00 31.73  ? 23  THR A CB  1 
ATOM   178  O OG1 . THR A 1 23  ? 5.598   -15.203 2.257   1.00 28.75  ? 23  THR A OG1 1 
ATOM   179  C CG2 . THR A 1 23  ? 5.171   -17.564 1.943   1.00 31.02  ? 23  THR A CG2 1 
ATOM   180  N N   . ALA A 1 24  ? 4.445   -13.634 0.364   1.00 28.21  ? 24  ALA A N   1 
ATOM   181  C CA  . ALA A 1 24  ? 3.825   -12.376 -0.037  1.00 28.24  ? 24  ALA A CA  1 
ATOM   182  C C   . ALA A 1 24  ? 4.244   -11.201 0.842   1.00 28.03  ? 24  ALA A C   1 
ATOM   183  O O   . ALA A 1 24  ? 5.181   -11.307 1.635   1.00 26.59  ? 24  ALA A O   1 
ATOM   184  C CB  . ALA A 1 24  ? 2.291   -12.536 0.002   1.00 21.54  ? 24  ALA A CB  1 
ATOM   185  N N   . ILE A 1 25  ? 3.555   -10.073 0.683   1.00 21.49  ? 25  ILE A N   1 
ATOM   186  C CA  . ILE A 1 25  ? 3.836   -8.887  1.493   1.00 22.71  ? 25  ILE A CA  1 
ATOM   187  C C   . ILE A 1 25  ? 3.263   -9.159  2.894   1.00 23.61  ? 25  ILE A C   1 
ATOM   188  O O   . ILE A 1 25  ? 2.192   -9.765  3.024   1.00 24.25  ? 25  ILE A O   1 
ATOM   189  C CB  . ILE A 1 25  ? 3.168   -7.617  0.887   1.00 25.23  ? 25  ILE A CB  1 
ATOM   190  C CG1 . ILE A 1 25  ? 3.938   -7.119  -0.356  1.00 24.77  ? 25  ILE A CG1 1 
ATOM   191  C CG2 . ILE A 1 25  ? 3.202   -6.478  1.906   1.00 25.30  ? 25  ILE A CG2 1 
ATOM   192  C CD1 . ILE A 1 25  ? 4.532   -8.185  -1.225  1.00 34.64  ? 25  ILE A CD1 1 
ATOM   193  N N   . GLY A 1 26  ? 3.966   -8.715  3.933   1.00 29.45  ? 26  GLY A N   1 
ATOM   194  C CA  . GLY A 1 26  ? 3.496   -8.954  5.284   1.00 31.03  ? 26  GLY A CA  1 
ATOM   195  C C   . GLY A 1 26  ? 3.055   -7.722  6.061   1.00 31.46  ? 26  GLY A C   1 
ATOM   196  O O   . GLY A 1 26  ? 1.859   -7.542  6.305   1.00 33.96  ? 26  GLY A O   1 
ATOM   197  N N   . ASP A 1 27  ? 4.006   -6.873  6.455   1.00 24.46  ? 27  ASP A N   1 
ATOM   198  C CA  . ASP A 1 27  ? 3.702   -5.668  7.219   1.00 24.25  ? 27  ASP A CA  1 
ATOM   199  C C   . ASP A 1 27  ? 3.541   -4.466  6.296   1.00 23.10  ? 27  ASP A C   1 
ATOM   200  O O   . ASP A 1 27  ? 4.102   -4.436  5.197   1.00 22.28  ? 27  ASP A O   1 
ATOM   201  C CB  . ASP A 1 27  ? 4.816   -5.387  8.224   1.00 30.64  ? 27  ASP A CB  1 
ATOM   202  C CG  . ASP A 1 27  ? 5.173   -6.614  9.057   1.00 34.97  ? 27  ASP A CG  1 
ATOM   203  O OD1 . ASP A 1 27  ? 4.276   -7.181  9.720   1.00 33.31  ? 27  ASP A OD1 1 
ATOM   204  O OD2 . ASP A 1 27  ? 6.359   -7.011  9.038   1.00 35.14  ? 27  ASP A OD2 1 
ATOM   205  N N   . PHE A 1 28  ? 2.779   -3.471  6.742   1.00 24.28  ? 28  PHE A N   1 
ATOM   206  C CA  . PHE A 1 28  ? 2.560   -2.288  5.922   1.00 25.33  ? 28  PHE A CA  1 
ATOM   207  C C   . PHE A 1 28  ? 2.301   -1.085  6.824   1.00 23.14  ? 28  PHE A C   1 
ATOM   208  O O   . PHE A 1 28  ? 1.395   -1.096  7.673   1.00 24.32  ? 28  PHE A O   1 
ATOM   209  C CB  . PHE A 1 28  ? 1.372   -2.511  4.982   1.00 28.45  ? 28  PHE A CB  1 
ATOM   210  C CG  . PHE A 1 28  ? 1.217   -1.442  3.933   1.00 27.12  ? 28  PHE A CG  1 
ATOM   211  C CD1 . PHE A 1 28  ? 2.045   -1.424  2.811   1.00 28.43  ? 28  PHE A CD1 1 
ATOM   212  C CD2 . PHE A 1 28  ? 0.247   -0.450  4.067   1.00 29.02  ? 28  PHE A CD2 1 
ATOM   213  C CE1 . PHE A 1 28  ? 1.910   -0.434  1.839   1.00 28.18  ? 28  PHE A CE1 1 
ATOM   214  C CE2 . PHE A 1 28  ? 0.105   0.553   3.089   1.00 28.44  ? 28  PHE A CE2 1 
ATOM   215  C CZ  . PHE A 1 28  ? 0.936   0.555   1.983   1.00 25.39  ? 28  PHE A CZ  1 
ATOM   216  N N   . GLN A 1 29  ? 3.118   -0.051  6.659   1.00 22.61  ? 29  GLN A N   1 
ATOM   217  C CA  . GLN A 1 29  ? 2.968   1.146   7.462   1.00 24.77  ? 29  GLN A CA  1 
ATOM   218  C C   . GLN A 1 29  ? 3.337   2.352   6.615   1.00 23.46  ? 29  GLN A C   1 
ATOM   219  O O   . GLN A 1 29  ? 4.268   2.288   5.806   1.00 24.59  ? 29  GLN A O   1 
ATOM   220  C CB  . GLN A 1 29  ? 3.870   1.071   8.689   1.00 38.40  ? 29  GLN A CB  1 
ATOM   221  C CG  . GLN A 1 29  ? 3.559   2.148   9.698   1.00 37.84  ? 29  GLN A CG  1 
ATOM   222  C CD  . GLN A 1 29  ? 4.756   2.994   10.021  1.00 40.85  ? 29  GLN A CD  1 
ATOM   223  O OE1 . GLN A 1 29  ? 5.769   2.493   10.519  1.00 41.45  ? 29  GLN A OE1 1 
ATOM   224  N NE2 . GLN A 1 29  ? 4.655   4.290   9.748   1.00 39.51  ? 29  GLN A NE2 1 
ATOM   225  N N   . VAL A 1 30  ? 2.629   3.459   6.819   1.00 24.42  ? 30  VAL A N   1 
ATOM   226  C CA  . VAL A 1 30  ? 2.882   4.662   6.030   1.00 22.52  ? 30  VAL A CA  1 
ATOM   227  C C   . VAL A 1 30  ? 3.046   5.910   6.877   1.00 22.00  ? 30  VAL A C   1 
ATOM   228  O O   . VAL A 1 30  ? 2.334   6.089   7.867   1.00 21.63  ? 30  VAL A O   1 
ATOM   229  C CB  . VAL A 1 30  ? 1.713   4.926   5.077   1.00 25.87  ? 30  VAL A CB  1 
ATOM   230  C CG1 . VAL A 1 30  ? 2.041   6.097   4.154   1.00 26.38  ? 30  VAL A CG1 1 
ATOM   231  C CG2 . VAL A 1 30  ? 1.397   3.667   4.281   1.00 22.83  ? 30  VAL A CG2 1 
ATOM   232  N N   . VAL A 1 31  ? 3.996   6.762   6.498   1.00 20.88  ? 31  VAL A N   1 
ATOM   233  C CA  . VAL A 1 31  ? 4.168   8.029   7.189   1.00 22.08  ? 31  VAL A CA  1 
ATOM   234  C C   . VAL A 1 31  ? 3.550   9.000   6.178   1.00 21.38  ? 31  VAL A C   1 
ATOM   235  O O   . VAL A 1 31  ? 4.032   9.130   5.046   1.00 20.39  ? 31  VAL A O   1 
ATOM   236  C CB  . VAL A 1 31  ? 5.659   8.397   7.444   1.00 27.03  ? 31  VAL A CB  1 
ATOM   237  C CG1 . VAL A 1 31  ? 5.748   9.818   8.001   1.00 28.69  ? 31  VAL A CG1 1 
ATOM   238  C CG2 . VAL A 1 31  ? 6.279   7.421   8.460   1.00 28.51  ? 31  VAL A CG2 1 
ATOM   239  N N   . TYR A 1 32  ? 2.466   9.645   6.584   1.00 22.45  ? 32  TYR A N   1 
ATOM   240  C CA  . TYR A 1 32  ? 1.760   10.569  5.712   1.00 23.22  ? 32  TYR A CA  1 
ATOM   241  C C   . TYR A 1 32  ? 2.176   11.983  5.971   1.00 25.75  ? 32  TYR A C   1 
ATOM   242  O O   . TYR A 1 32  ? 2.921   12.272  6.906   1.00 23.72  ? 32  TYR A O   1 
ATOM   243  C CB  . TYR A 1 32  ? 0.248   10.519  5.970   1.00 21.39  ? 32  TYR A CB  1 
ATOM   244  C CG  . TYR A 1 32  ? -0.393  9.202   5.629   1.00 23.30  ? 32  TYR A CG  1 
ATOM   245  C CD1 . TYR A 1 32  ? -0.590  8.227   6.612   1.00 23.38  ? 32  TYR A CD1 1 
ATOM   246  C CD2 . TYR A 1 32  ? -0.772  8.914   4.311   1.00 22.95  ? 32  TYR A CD2 1 
ATOM   247  C CE1 . TYR A 1 32  ? -1.142  6.995   6.296   1.00 21.86  ? 32  TYR A CE1 1 
ATOM   248  C CE2 . TYR A 1 32  ? -1.322  7.683   3.984   1.00 19.15  ? 32  TYR A CE2 1 
ATOM   249  C CZ  . TYR A 1 32  ? -1.501  6.725   4.979   1.00 23.62  ? 32  TYR A CZ  1 
ATOM   250  O OH  . TYR A 1 32  ? -1.995  5.482   4.657   1.00 20.64  ? 32  TYR A OH  1 
ATOM   251  N N   . ASP A 1 33  ? 1.699   12.873  5.117   1.00 24.96  ? 33  ASP A N   1 
ATOM   252  C CA  . ASP A 1 33  ? 1.930   14.281  5.372   1.00 24.95  ? 33  ASP A CA  1 
ATOM   253  C C   . ASP A 1 33  ? 0.553   14.738  5.787   1.00 25.24  ? 33  ASP A C   1 
ATOM   254  O O   . ASP A 1 33  ? -0.442  14.331  5.176   1.00 24.08  ? 33  ASP A O   1 
ATOM   255  C CB  . ASP A 1 33  ? 2.324   15.072  4.128   1.00 26.19  ? 33  ASP A CB  1 
ATOM   256  C CG  . ASP A 1 33  ? 2.479   16.556  4.433   1.00 29.34  ? 33  ASP A CG  1 
ATOM   257  O OD1 . ASP A 1 33  ? 3.430   16.904  5.149   1.00 24.98  ? 33  ASP A OD1 1 
ATOM   258  O OD2 . ASP A 1 33  ? 1.640   17.370  3.992   1.00 27.97  ? 33  ASP A OD2 1 
ATOM   259  N N   . LEU A 1 34  ? 0.486   15.554  6.830   1.00 20.26  ? 34  LEU A N   1 
ATOM   260  C CA  . LEU A 1 34  ? -0.777  16.099  7.272   1.00 19.97  ? 34  LEU A CA  1 
ATOM   261  C C   . LEU A 1 34  ? -0.574  17.605  7.346   1.00 21.69  ? 34  LEU A C   1 
ATOM   262  O O   . LEU A 1 34  ? -0.036  18.136  8.338   1.00 21.85  ? 34  LEU A O   1 
ATOM   263  C CB  . LEU A 1 34  ? -1.183  15.559  8.643   1.00 29.08  ? 34  LEU A CB  1 
ATOM   264  C CG  . LEU A 1 34  ? -2.492  16.154  9.175   1.00 28.53  ? 34  LEU A CG  1 
ATOM   265  C CD1 . LEU A 1 34  ? -3.642  15.803  8.240   1.00 27.27  ? 34  LEU A CD1 1 
ATOM   266  C CD2 . LEU A 1 34  ? -2.769  15.626  10.578  1.00 27.83  ? 34  LEU A CD2 1 
ATOM   267  N N   . ASN A 1 35  ? -0.957  18.277  6.266   1.00 23.92  ? 35  ASN A N   1 
ATOM   268  C CA  . ASN A 1 35  ? -0.849  19.727  6.162   1.00 25.85  ? 35  ASN A CA  1 
ATOM   269  C C   . ASN A 1 35  ? 0.563   20.247  6.460   1.00 26.04  ? 35  ASN A C   1 
ATOM   270  O O   . ASN A 1 35  ? 0.735   21.240  7.187   1.00 27.44  ? 35  ASN A O   1 
ATOM   271  C CB  . ASN A 1 35  ? -1.866  20.376  7.106   1.00 23.86  ? 35  ASN A CB  1 
ATOM   272  C CG  . ASN A 1 35  ? -3.291  19.936  6.807   1.00 25.04  ? 35  ASN A CG  1 
ATOM   273  O OD1 . ASN A 1 35  ? -4.034  19.497  7.693   1.00 27.42  ? 35  ASN A OD1 1 
ATOM   274  N ND2 . ASN A 1 35  ? -3.675  20.050  5.558   1.00 20.39  ? 35  ASN A ND2 1 
ATOM   275  N N   . GLY A 1 36  ? 1.566   19.566  5.907   1.00 31.83  ? 36  GLY A N   1 
ATOM   276  C CA  . GLY A 1 36  ? 2.937   19.997  6.092   1.00 32.82  ? 36  GLY A CA  1 
ATOM   277  C C   . GLY A 1 36  ? 3.735   19.352  7.207   1.00 34.32  ? 36  GLY A C   1 
ATOM   278  O O   . GLY A 1 36  ? 4.937   19.572  7.289   1.00 34.51  ? 36  GLY A O   1 
ATOM   279  N N   . SER A 1 37  ? 3.083   18.581  8.073   1.00 32.06  ? 37  SER A N   1 
ATOM   280  C CA  . SER A 1 37  ? 3.764   17.900  9.169   1.00 32.88  ? 37  SER A CA  1 
ATOM   281  C C   . SER A 1 37  ? 3.643   16.392  8.993   1.00 33.35  ? 37  SER A C   1 
ATOM   282  O O   . SER A 1 37  ? 2.630   15.894  8.500   1.00 33.42  ? 37  SER A O   1 
ATOM   283  C CB  . SER A 1 37  ? 3.154   18.300  10.506  1.00 38.57  ? 37  SER A CB  1 
ATOM   284  O OG  . SER A 1 37  ? 3.359   19.679  10.741  1.00 42.28  ? 37  SER A OG  1 
ATOM   285  N N   . PRO A 1 38  ? 4.673   15.640  9.404   1.00 29.83  ? 38  PRO A N   1 
ATOM   286  C CA  . PRO A 1 38  ? 4.580   14.184  9.241   1.00 28.48  ? 38  PRO A CA  1 
ATOM   287  C C   . PRO A 1 38  ? 3.526   13.637  10.191  1.00 29.61  ? 38  PRO A C   1 
ATOM   288  O O   . PRO A 1 38  ? 3.356   14.136  11.307  1.00 32.02  ? 38  PRO A O   1 
ATOM   289  C CB  . PRO A 1 38  ? 5.987   13.694  9.608   1.00 40.25  ? 38  PRO A CB  1 
ATOM   290  C CG  . PRO A 1 38  ? 6.863   14.930  9.428   1.00 40.42  ? 38  PRO A CG  1 
ATOM   291  C CD  . PRO A 1 38  ? 5.979   16.025  9.962   1.00 41.71  ? 38  PRO A CD  1 
ATOM   292  N N   . TYR A 1 39  ? 2.810   12.620  9.732   1.00 22.12  ? 39  TYR A N   1 
ATOM   293  C CA  . TYR A 1 39  ? 1.794   11.972  10.542  1.00 23.05  ? 39  TYR A CA  1 
ATOM   294  C C   . TYR A 1 39  ? 2.076   10.492  10.407  1.00 25.37  ? 39  TYR A C   1 
ATOM   295  O O   . TYR A 1 39  ? 1.934   9.912   9.322   1.00 25.38  ? 39  TYR A O   1 
ATOM   296  C CB  . TYR A 1 39  ? 0.390   12.302  10.038  1.00 33.62  ? 39  TYR A CB  1 
ATOM   297  C CG  . TYR A 1 39  ? -0.682  11.649  10.868  1.00 31.63  ? 39  TYR A CG  1 
ATOM   298  C CD1 . TYR A 1 39  ? -1.058  10.321  10.638  1.00 34.49  ? 39  TYR A CD1 1 
ATOM   299  C CD2 . TYR A 1 39  ? -1.277  12.332  11.935  1.00 33.50  ? 39  TYR A CD2 1 
ATOM   300  C CE1 . TYR A 1 39  ? -1.995  9.685   11.442  1.00 36.11  ? 39  TYR A CE1 1 
ATOM   301  C CE2 . TYR A 1 39  ? -2.216  11.701  12.754  1.00 32.93  ? 39  TYR A CE2 1 
ATOM   302  C CZ  . TYR A 1 39  ? -2.567  10.376  12.496  1.00 36.58  ? 39  TYR A CZ  1 
ATOM   303  O OH  . TYR A 1 39  ? -3.505  9.748   13.282  1.00 38.00  ? 39  TYR A OH  1 
ATOM   304  N N   . VAL A 1 40  ? 2.491   9.875   11.508  1.00 21.90  ? 40  VAL A N   1 
ATOM   305  C CA  . VAL A 1 40  ? 2.832   8.454   11.494  1.00 23.89  ? 40  VAL A CA  1 
ATOM   306  C C   . VAL A 1 40  ? 1.581   7.588   11.561  1.00 23.93  ? 40  VAL A C   1 
ATOM   307  O O   . VAL A 1 40  ? 0.826   7.643   12.531  1.00 25.08  ? 40  VAL A O   1 
ATOM   308  C CB  . VAL A 1 40  ? 3.753   8.127   12.677  1.00 29.80  ? 40  VAL A CB  1 
ATOM   309  C CG1 . VAL A 1 40  ? 4.325   6.718   12.531  1.00 31.78  ? 40  VAL A CG1 1 
ATOM   310  C CG2 . VAL A 1 40  ? 4.863   9.160   12.742  1.00 28.69  ? 40  VAL A CG2 1 
ATOM   311  N N   . GLY A 1 41  ? 1.337   6.797   10.518  1.00 23.56  ? 41  GLY A N   1 
ATOM   312  C CA  . GLY A 1 41  ? 0.153   5.962   10.540  1.00 23.43  ? 41  GLY A CA  1 
ATOM   313  C C   . GLY A 1 41  ? 0.394   4.711   11.364  1.00 24.65  ? 41  GLY A C   1 
ATOM   314  O O   . GLY A 1 41  ? 1.542   4.354   11.632  1.00 25.38  ? 41  GLY A O   1 
ATOM   315  N N   . GLN A 1 42  ? -0.687  4.049   11.772  1.00 25.87  ? 42  GLN A N   1 
ATOM   316  C CA  . GLN A 1 42  ? -0.584  2.822   12.557  1.00 28.72  ? 42  GLN A CA  1 
ATOM   317  C C   . GLN A 1 42  ? 0.179   1.735   11.810  1.00 28.73  ? 42  GLN A C   1 
ATOM   318  O O   . GLN A 1 42  ? 0.015   1.548   10.594  1.00 26.10  ? 42  GLN A O   1 
ATOM   319  C CB  . GLN A 1 42  ? -1.983  2.299   12.900  1.00 94.83  ? 42  GLN A CB  1 
ATOM   320  C CG  . GLN A 1 42  ? -2.584  2.869   14.170  1.00 100.88 ? 42  GLN A CG  1 
ATOM   321  C CD  . GLN A 1 42  ? -1.865  2.384   15.416  1.00 103.64 ? 42  GLN A CD  1 
ATOM   322  O OE1 . GLN A 1 42  ? -1.762  1.179   15.660  1.00 106.51 ? 42  GLN A OE1 1 
ATOM   323  N NE2 . GLN A 1 42  ? -1.362  3.321   16.213  1.00 103.41 ? 42  GLN A NE2 1 
ATOM   324  N N   . ASN A 1 43  ? 1.012   1.001   12.535  1.00 32.19  ? 43  ASN A N   1 
ATOM   325  C CA  . ASN A 1 43  ? 1.763   -0.080  11.908  1.00 33.34  ? 43  ASN A CA  1 
ATOM   326  C C   . ASN A 1 43  ? 0.806   -1.270  11.747  1.00 32.91  ? 43  ASN A C   1 
ATOM   327  O O   . ASN A 1 43  ? 0.281   -1.782  12.730  1.00 33.21  ? 43  ASN A O   1 
ATOM   328  C CB  . ASN A 1 43  ? 2.973   -0.457  12.778  1.00 50.95  ? 43  ASN A CB  1 
ATOM   329  C CG  . ASN A 1 43  ? 3.885   -1.468  12.109  1.00 52.36  ? 43  ASN A CG  1 
ATOM   330  O OD1 . ASN A 1 43  ? 3.924   -1.585  10.876  1.00 50.24  ? 43  ASN A OD1 1 
ATOM   331  N ND2 . ASN A 1 43  ? 4.642   -2.201  12.918  1.00 53.61  ? 43  ASN A ND2 1 
ATOM   332  N N   . HIS A 1 44  ? 0.564   -1.692  10.509  1.00 24.19  ? 44  HIS A N   1 
ATOM   333  C CA  . HIS A 1 44  ? -0.337  -2.811  10.241  1.00 23.48  ? 44  HIS A CA  1 
ATOM   334  C C   . HIS A 1 44  ? 0.560   -4.022  10.095  1.00 24.15  ? 44  HIS A C   1 
ATOM   335  O O   . HIS A 1 44  ? 1.257   -4.180  9.094   1.00 22.66  ? 44  HIS A O   1 
ATOM   336  C CB  . HIS A 1 44  ? -1.147  -2.519  8.966   1.00 24.84  ? 44  HIS A CB  1 
ATOM   337  C CG  . HIS A 1 44  ? -1.847  -1.189  9.012   1.00 24.63  ? 44  HIS A CG  1 
ATOM   338  N ND1 . HIS A 1 44  ? -2.737  -0.857  10.014  1.00 25.47  ? 44  HIS A ND1 1 
ATOM   339  C CD2 . HIS A 1 44  ? -1.685  -0.067  8.270   1.00 23.75  ? 44  HIS A CD2 1 
ATOM   340  C CE1 . HIS A 1 44  ? -3.081  0.415   9.898   1.00 24.94  ? 44  HIS A CE1 1 
ATOM   341  N NE2 . HIS A 1 44  ? -2.457  0.919   8.847   1.00 22.10  ? 44  HIS A NE2 1 
ATOM   342  N N   . LYS A 1 45  ? 0.531   -4.887  11.101  1.00 25.61  ? 45  LYS A N   1 
ATOM   343  C CA  . LYS A 1 45  ? 1.413   -6.053  11.131  1.00 27.19  ? 45  LYS A CA  1 
ATOM   344  C C   . LYS A 1 45  ? 0.807   -7.424  10.884  1.00 26.15  ? 45  LYS A C   1 
ATOM   345  O O   . LYS A 1 45  ? -0.324  -7.698  11.281  1.00 26.20  ? 45  LYS A O   1 
ATOM   346  C CB  . LYS A 1 45  ? 2.133   -6.086  12.486  1.00 57.92  ? 45  LYS A CB  1 
ATOM   347  C CG  . LYS A 1 45  ? 3.050   -4.902  12.752  1.00 60.83  ? 45  LYS A CG  1 
ATOM   348  C CD  . LYS A 1 45  ? 4.457   -5.148  12.221  1.00 64.78  ? 45  LYS A CD  1 
ATOM   349  C CE  . LYS A 1 45  ? 5.145   -6.269  13.001  1.00 66.56  ? 45  LYS A CE  1 
ATOM   350  N NZ  . LYS A 1 45  ? 6.472   -6.658  12.432  1.00 67.64  ? 45  LYS A NZ  1 
ATOM   351  N N   . SER A 1 46  ? 1.593   -8.284  10.241  1.00 24.43  ? 46  SER A N   1 
ATOM   352  C CA  . SER A 1 46  ? 1.208   -9.664  9.967   1.00 24.50  ? 46  SER A CA  1 
ATOM   353  C C   . SER A 1 46  ? 1.164   -10.406 11.295  1.00 24.57  ? 46  SER A C   1 
ATOM   354  O O   . SER A 1 46  ? 1.842   -10.017 12.253  1.00 24.10  ? 46  SER A O   1 
ATOM   355  C CB  . SER A 1 46  ? 2.256   -10.351 9.091   1.00 24.67  ? 46  SER A CB  1 
ATOM   356  O OG  . SER A 1 46  ? 2.089   -11.760 9.112   1.00 25.06  ? 46  SER A OG  1 
ATOM   357  N N   . PHE A 1 47  ? 0.377   -11.472 11.351  1.00 30.33  ? 47  PHE A N   1 
ATOM   358  C CA  . PHE A 1 47  ? 0.282   -12.277 12.565  1.00 30.31  ? 47  PHE A CA  1 
ATOM   359  C C   . PHE A 1 47  ? 1.580   -13.067 12.772  1.00 30.46  ? 47  PHE A C   1 
ATOM   360  O O   . PHE A 1 47  ? 1.936   -13.392 13.898  1.00 30.41  ? 47  PHE A O   1 
ATOM   361  C CB  . PHE A 1 47  ? -0.922  -13.227 12.474  1.00 41.55  ? 47  PHE A CB  1 
ATOM   362  C CG  . PHE A 1 47  ? -1.095  -14.113 13.679  1.00 43.64  ? 47  PHE A CG  1 
ATOM   363  C CD1 . PHE A 1 47  ? -0.528  -15.380 13.714  1.00 43.93  ? 47  PHE A CD1 1 
ATOM   364  C CD2 . PHE A 1 47  ? -1.804  -13.666 14.795  1.00 43.94  ? 47  PHE A CD2 1 
ATOM   365  C CE1 . PHE A 1 47  ? -0.662  -16.190 14.839  1.00 44.36  ? 47  PHE A CE1 1 
ATOM   366  C CE2 . PHE A 1 47  ? -1.944  -14.469 15.927  1.00 44.06  ? 47  PHE A CE2 1 
ATOM   367  C CZ  . PHE A 1 47  ? -1.372  -15.732 15.948  1.00 42.90  ? 47  PHE A CZ  1 
ATOM   368  N N   . ILE A 1 48  ? 2.295   -13.364 11.690  1.00 29.78  ? 48  ILE A N   1 
ATOM   369  C CA  . ILE A 1 48  ? 3.543   -14.112 11.798  1.00 29.90  ? 48  ILE A CA  1 
ATOM   370  C C   . ILE A 1 48  ? 4.770   -13.233 11.547  1.00 30.47  ? 48  ILE A C   1 
ATOM   371  O O   . ILE A 1 48  ? 4.651   -12.044 11.227  1.00 32.22  ? 48  ILE A O   1 
ATOM   372  C CB  . ILE A 1 48  ? 3.580   -15.316 10.815  1.00 31.78  ? 48  ILE A CB  1 
ATOM   373  C CG1 . ILE A 1 48  ? 3.512   -14.826 9.359   1.00 31.50  ? 48  ILE A CG1 1 
ATOM   374  C CG2 . ILE A 1 48  ? 2.392   -16.254 11.093  1.00 31.57  ? 48  ILE A CG2 1 
ATOM   375  C CD1 . ILE A 1 48  ? 3.688   -15.946 8.319   1.00 33.80  ? 48  ILE A CD1 1 
ATOM   376  N N   . THR A 1 49  ? 5.948   -13.829 11.706  1.00 34.63  ? 49  THR A N   1 
ATOM   377  C CA  . THR A 1 49  ? 7.208   -13.124 11.505  1.00 34.12  ? 49  THR A CA  1 
ATOM   378  C C   . THR A 1 49  ? 8.002   -13.791 10.371  1.00 33.23  ? 49  THR A C   1 
ATOM   379  O O   . THR A 1 49  ? 7.614   -14.834 9.849   1.00 34.51  ? 49  THR A O   1 
ATOM   380  C CB  . THR A 1 49  ? 8.051   -13.142 12.802  1.00 43.77  ? 49  THR A CB  1 
ATOM   381  O OG1 . THR A 1 49  ? 8.231   -14.498 13.226  1.00 44.72  ? 49  THR A OG1 1 
ATOM   382  C CG2 . THR A 1 49  ? 7.352   -12.371 13.915  1.00 43.65  ? 49  THR A CG2 1 
ATOM   383  N N   . GLY A 1 50  ? 9.108   -13.175 9.974   1.00 30.49  ? 50  GLY A N   1 
ATOM   384  C CA  . GLY A 1 50  ? 9.910   -13.747 8.911   1.00 31.85  ? 50  GLY A CA  1 
ATOM   385  C C   . GLY A 1 50  ? 9.762   -12.969 7.622   1.00 32.57  ? 50  GLY A C   1 
ATOM   386  O O   . GLY A 1 50  ? 9.587   -13.561 6.557   1.00 33.56  ? 50  GLY A O   1 
ATOM   387  N N   . PHE A 1 51  ? 9.825   -11.643 7.722   1.00 30.45  ? 51  PHE A N   1 
ATOM   388  C CA  . PHE A 1 51  ? 9.704   -10.765 6.561   1.00 29.52  ? 51  PHE A CA  1 
ATOM   389  C C   . PHE A 1 51  ? 10.832  -9.737  6.556   1.00 29.35  ? 51  PHE A C   1 
ATOM   390  O O   . PHE A 1 51  ? 11.118  -9.109  7.578   1.00 30.68  ? 51  PHE A O   1 
ATOM   391  C CB  . PHE A 1 51  ? 8.362   -10.004 6.587   1.00 26.81  ? 51  PHE A CB  1 
ATOM   392  C CG  . PHE A 1 51  ? 7.152   -10.889 6.564   1.00 25.44  ? 51  PHE A CG  1 
ATOM   393  C CD1 . PHE A 1 51  ? 6.749   -11.515 5.395   1.00 27.55  ? 51  PHE A CD1 1 
ATOM   394  C CD2 . PHE A 1 51  ? 6.383   -11.061 7.706   1.00 24.40  ? 51  PHE A CD2 1 
ATOM   395  C CE1 . PHE A 1 51  ? 5.589   -12.299 5.360   1.00 26.15  ? 51  PHE A CE1 1 
ATOM   396  C CE2 . PHE A 1 51  ? 5.218   -11.846 7.673   1.00 24.97  ? 51  PHE A CE2 1 
ATOM   397  C CZ  . PHE A 1 51  ? 4.831   -12.456 6.496   1.00 25.10  ? 51  PHE A CZ  1 
ATOM   398  N N   . THR A 1 52  ? 11.468  -9.556  5.408   1.00 25.37  ? 52  THR A N   1 
ATOM   399  C CA  . THR A 1 52  ? 12.533  -8.560  5.297   1.00 26.18  ? 52  THR A CA  1 
ATOM   400  C C   . THR A 1 52  ? 11.858  -7.181  5.185   1.00 26.76  ? 52  THR A C   1 
ATOM   401  O O   . THR A 1 52  ? 10.961  -6.993  4.364   1.00 26.61  ? 52  THR A O   1 
ATOM   402  C CB  . THR A 1 52  ? 13.390  -8.770  4.027   1.00 58.72  ? 52  THR A CB  1 
ATOM   403  O OG1 . THR A 1 52  ? 13.647  -10.165 3.843   1.00 60.64  ? 52  THR A OG1 1 
ATOM   404  C CG2 . THR A 1 52  ? 14.722  -8.047  4.168   1.00 59.19  ? 52  THR A CG2 1 
ATOM   405  N N   . PRO A 1 53  ? 12.305  -6.203  5.988   1.00 29.65  ? 53  PRO A N   1 
ATOM   406  C CA  . PRO A 1 53  ? 11.744  -4.846  5.982   1.00 30.17  ? 53  PRO A CA  1 
ATOM   407  C C   . PRO A 1 53  ? 12.324  -3.954  4.888   1.00 29.94  ? 53  PRO A C   1 
ATOM   408  O O   . PRO A 1 53  ? 13.504  -4.061  4.537   1.00 30.14  ? 53  PRO A O   1 
ATOM   409  C CB  . PRO A 1 53  ? 12.083  -4.340  7.373   1.00 31.32  ? 53  PRO A CB  1 
ATOM   410  C CG  . PRO A 1 53  ? 13.456  -4.923  7.574   1.00 31.12  ? 53  PRO A CG  1 
ATOM   411  C CD  . PRO A 1 53  ? 13.313  -6.351  7.056   1.00 29.72  ? 53  PRO A CD  1 
ATOM   412  N N   . VAL A 1 54  ? 11.487  -3.065  4.360   1.00 28.95  ? 54  VAL A N   1 
ATOM   413  C CA  . VAL A 1 54  ? 11.884  -2.148  3.300   1.00 29.79  ? 54  VAL A CA  1 
ATOM   414  C C   . VAL A 1 54  ? 11.414  -0.745  3.675   1.00 29.03  ? 54  VAL A C   1 
ATOM   415  O O   . VAL A 1 54  ? 10.274  -0.565  4.119   1.00 25.46  ? 54  VAL A O   1 
ATOM   416  C CB  . VAL A 1 54  ? 11.225  -2.542  1.935   1.00 37.92  ? 54  VAL A CB  1 
ATOM   417  C CG1 . VAL A 1 54  ? 11.574  -1.521  0.861   1.00 40.20  ? 54  VAL A CG1 1 
ATOM   418  C CG2 . VAL A 1 54  ? 11.684  -3.928  1.506   1.00 43.91  ? 54  VAL A CG2 1 
ATOM   419  N N   . LYS A 1 55  ? 12.288  0.244   3.509   1.00 28.92  ? 55  LYS A N   1 
ATOM   420  C CA  . LYS A 1 55  ? 11.933  1.625   3.810   1.00 29.97  ? 55  LYS A CA  1 
ATOM   421  C C   . LYS A 1 55  ? 12.024  2.426   2.519   1.00 29.73  ? 55  LYS A C   1 
ATOM   422  O O   . LYS A 1 55  ? 13.060  2.423   1.841   1.00 29.88  ? 55  LYS A O   1 
ATOM   423  C CB  . LYS A 1 55  ? 12.871  2.225   4.859   1.00 43.98  ? 55  LYS A CB  1 
ATOM   424  C CG  . LYS A 1 55  ? 12.585  3.701   5.138   1.00 46.52  ? 55  LYS A CG  1 
ATOM   425  C CD  . LYS A 1 55  ? 13.467  4.267   6.246   1.00 49.34  ? 55  LYS A CD  1 
ATOM   426  C CE  . LYS A 1 55  ? 13.170  3.601   7.583   1.00 49.00  ? 55  LYS A CE  1 
ATOM   427  N NZ  . LYS A 1 55  ? 11.762  3.838   8.015   1.00 50.91  ? 55  LYS A NZ  1 
ATOM   428  N N   . ILE A 1 56  ? 10.919  3.080   2.162   1.00 31.78  ? 56  ILE A N   1 
ATOM   429  C CA  . ILE A 1 56  ? 10.849  3.902   0.954   1.00 30.13  ? 56  ILE A CA  1 
ATOM   430  C C   . ILE A 1 56  ? 10.655  5.328   1.442   1.00 29.57  ? 56  ILE A C   1 
ATOM   431  O O   . ILE A 1 56  ? 9.568   5.686   1.892   1.00 30.13  ? 56  ILE A O   1 
ATOM   432  C CB  . ILE A 1 56  ? 9.649   3.502   0.071   1.00 27.64  ? 56  ILE A CB  1 
ATOM   433  C CG1 . ILE A 1 56  ? 9.810   2.052   -0.389  1.00 28.48  ? 56  ILE A CG1 1 
ATOM   434  C CG2 . ILE A 1 56  ? 9.544   4.443   -1.139  1.00 26.29  ? 56  ILE A CG2 1 
ATOM   435  C CD1 . ILE A 1 56  ? 8.565   1.477   -1.025  1.00 34.25  ? 56  ILE A CD1 1 
ATOM   436  N N   . SER A 1 57  ? 11.722  6.122   1.401   1.00 37.22  ? 57  SER A N   1 
ATOM   437  C CA  . SER A 1 57  ? 11.664  7.509   1.842   1.00 37.70  ? 57  SER A CA  1 
ATOM   438  C C   . SER A 1 57  ? 11.569  8.388   0.616   1.00 36.15  ? 57  SER A C   1 
ATOM   439  O O   . SER A 1 57  ? 12.489  8.419   -0.211  1.00 35.90  ? 57  SER A O   1 
ATOM   440  C CB  . SER A 1 57  ? 12.913  7.881   2.654   1.00 43.22  ? 57  SER A CB  1 
ATOM   441  O OG  . SER A 1 57  ? 12.928  7.194   3.888   1.00 47.42  ? 57  SER A OG  1 
ATOM   442  N N   . LEU A 1 58  ? 10.456  9.111   0.502   1.00 27.76  ? 58  LEU A N   1 
ATOM   443  C CA  . LEU A 1 58  ? 10.237  9.971   -0.653  1.00 27.46  ? 58  LEU A CA  1 
ATOM   444  C C   . LEU A 1 58  ? 10.716  11.369  -0.361  1.00 27.64  ? 58  LEU A C   1 
ATOM   445  O O   . LEU A 1 58  ? 10.614  11.835  0.769   1.00 28.98  ? 58  LEU A O   1 
ATOM   446  C CB  . LEU A 1 58  ? 8.747   10.003  -1.013  1.00 26.30  ? 58  LEU A CB  1 
ATOM   447  C CG  . LEU A 1 58  ? 8.101   8.646   -1.354  1.00 24.06  ? 58  LEU A CG  1 
ATOM   448  C CD1 . LEU A 1 58  ? 6.667   8.867   -1.809  1.00 28.20  ? 58  LEU A CD1 1 
ATOM   449  C CD2 . LEU A 1 58  ? 8.906   7.941   -2.448  1.00 27.76  ? 58  LEU A CD2 1 
ATOM   450  N N   . ASP A 1 59  ? 11.258  12.039  -1.369  1.00 30.33  ? 59  ASP A N   1 
ATOM   451  C CA  . ASP A 1 59  ? 11.691  13.412  -1.155  1.00 31.18  ? 59  ASP A CA  1 
ATOM   452  C C   . ASP A 1 59  ? 10.455  14.300  -1.298  1.00 31.15  ? 59  ASP A C   1 
ATOM   453  O O   . ASP A 1 59  ? 10.302  15.035  -2.267  1.00 29.02  ? 59  ASP A O   1 
ATOM   454  C CB  . ASP A 1 59  ? 12.768  13.818  -2.168  1.00 49.64  ? 59  ASP A CB  1 
ATOM   455  C CG  . ASP A 1 59  ? 13.241  15.249  -1.968  1.00 53.31  ? 59  ASP A CG  1 
ATOM   456  O OD1 . ASP A 1 59  ? 13.370  15.675  -0.803  1.00 54.11  ? 59  ASP A OD1 1 
ATOM   457  O OD2 . ASP A 1 59  ? 13.489  15.948  -2.972  1.00 56.05  ? 59  ASP A OD2 1 
ATOM   458  N N   . PHE A 1 60  ? 9.563   14.195  -0.321  1.00 30.67  ? 60  PHE A N   1 
ATOM   459  C CA  . PHE A 1 60  ? 8.336   14.983  -0.289  1.00 29.72  ? 60  PHE A CA  1 
ATOM   460  C C   . PHE A 1 60  ? 8.716   16.467  -0.147  1.00 31.82  ? 60  PHE A C   1 
ATOM   461  O O   . PHE A 1 60  ? 9.613   16.812  0.619   1.00 33.42  ? 60  PHE A O   1 
ATOM   462  C CB  . PHE A 1 60  ? 7.495   14.537  0.909   1.00 28.62  ? 60  PHE A CB  1 
ATOM   463  C CG  . PHE A 1 60  ? 6.243   15.334  1.106   1.00 28.11  ? 60  PHE A CG  1 
ATOM   464  C CD1 . PHE A 1 60  ? 5.072   14.993  0.436   1.00 29.27  ? 60  PHE A CD1 1 
ATOM   465  C CD2 . PHE A 1 60  ? 6.234   16.441  1.953   1.00 27.99  ? 60  PHE A CD2 1 
ATOM   466  C CE1 . PHE A 1 60  ? 3.915   15.742  0.609   1.00 28.43  ? 60  PHE A CE1 1 
ATOM   467  C CE2 . PHE A 1 60  ? 5.075   17.198  2.128   1.00 28.08  ? 60  PHE A CE2 1 
ATOM   468  C CZ  . PHE A 1 60  ? 3.914   16.844  1.453   1.00 29.31  ? 60  PHE A CZ  1 
ATOM   469  N N   . PRO A 1 61  ? 8.013   17.369  -0.849  1.00 33.73  ? 61  PRO A N   1 
ATOM   470  C CA  . PRO A 1 61  ? 6.884   17.142  -1.753  1.00 32.28  ? 61  PRO A CA  1 
ATOM   471  C C   . PRO A 1 61  ? 7.240   17.051  -3.231  1.00 31.69  ? 61  PRO A C   1 
ATOM   472  O O   . PRO A 1 61  ? 6.352   16.880  -4.059  1.00 31.35  ? 61  PRO A O   1 
ATOM   473  C CB  . PRO A 1 61  ? 5.992   18.346  -1.470  1.00 33.41  ? 61  PRO A CB  1 
ATOM   474  C CG  . PRO A 1 61  ? 6.996   19.436  -1.367  1.00 34.97  ? 61  PRO A CG  1 
ATOM   475  C CD  . PRO A 1 61  ? 8.092   18.801  -0.485  1.00 35.57  ? 61  PRO A CD  1 
ATOM   476  N N   . SER A 1 62  ? 8.521   17.161  -3.569  1.00 29.36  ? 62  SER A N   1 
ATOM   477  C CA  . SER A 1 62  ? 8.932   17.111  -4.970  1.00 29.97  ? 62  SER A CA  1 
ATOM   478  C C   . SER A 1 62  ? 8.816   15.727  -5.599  1.00 30.27  ? 62  SER A C   1 
ATOM   479  O O   . SER A 1 62  ? 8.688   15.616  -6.816  1.00 30.39  ? 62  SER A O   1 
ATOM   480  C CB  . SER A 1 62  ? 10.369  17.609  -5.127  1.00 50.21  ? 62  SER A CB  1 
ATOM   481  O OG  . SER A 1 62  ? 11.274  16.696  -4.540  1.00 52.48  ? 62  SER A OG  1 
ATOM   482  N N   . GLU A 1 63  ? 8.891   14.676  -4.781  1.00 29.72  ? 63  GLU A N   1 
ATOM   483  C CA  . GLU A 1 63  ? 8.766   13.308  -5.281  1.00 28.20  ? 63  GLU A CA  1 
ATOM   484  C C   . GLU A 1 63  ? 7.441   12.712  -4.811  1.00 27.49  ? 63  GLU A C   1 
ATOM   485  O O   . GLU A 1 63  ? 7.103   12.762  -3.629  1.00 28.47  ? 63  GLU A O   1 
ATOM   486  C CB  . GLU A 1 63  ? 9.921   12.422  -4.789  1.00 26.77  ? 63  GLU A CB  1 
ATOM   487  C CG  . GLU A 1 63  ? 9.753   10.951  -5.188  1.00 26.87  ? 63  GLU A CG  1 
ATOM   488  C CD  . GLU A 1 63  ? 10.944  10.087  -4.803  1.00 27.38  ? 63  GLU A CD  1 
ATOM   489  O OE1 . GLU A 1 63  ? 11.633  10.431  -3.821  1.00 28.12  ? 63  GLU A OE1 1 
ATOM   490  O OE2 . GLU A 1 63  ? 11.178  9.059   -5.468  1.00 27.32  ? 63  GLU A OE2 1 
ATOM   491  N N   . TYR A 1 64  ? 6.695   12.144  -5.748  1.00 23.75  ? 64  TYR A N   1 
ATOM   492  C CA  . TYR A 1 64  ? 5.403   11.545  -5.431  1.00 23.54  ? 64  TYR A CA  1 
ATOM   493  C C   . TYR A 1 64  ? 5.143   10.341  -6.334  1.00 23.05  ? 64  TYR A C   1 
ATOM   494  O O   . TYR A 1 64  ? 5.655   10.264  -7.447  1.00 23.73  ? 64  TYR A O   1 
ATOM   495  C CB  . TYR A 1 64  ? 4.292   12.599  -5.580  1.00 29.30  ? 64  TYR A CB  1 
ATOM   496  C CG  . TYR A 1 64  ? 4.250   13.257  -6.942  1.00 31.53  ? 64  TYR A CG  1 
ATOM   497  C CD1 . TYR A 1 64  ? 3.674   12.609  -8.040  1.00 35.24  ? 64  TYR A CD1 1 
ATOM   498  C CD2 . TYR A 1 64  ? 4.828   14.515  -7.147  1.00 34.53  ? 64  TYR A CD2 1 
ATOM   499  C CE1 . TYR A 1 64  ? 3.676   13.196  -9.308  1.00 37.27  ? 64  TYR A CE1 1 
ATOM   500  C CE2 . TYR A 1 64  ? 4.835   15.110  -8.405  1.00 37.47  ? 64  TYR A CE2 1 
ATOM   501  C CZ  . TYR A 1 64  ? 4.258   14.445  -9.482  1.00 38.13  ? 64  TYR A CZ  1 
ATOM   502  O OH  . TYR A 1 64  ? 4.269   15.034  -10.729 1.00 42.51  ? 64  TYR A OH  1 
ATOM   503  N N   . ILE A 1 65  ? 4.347   9.396   -5.853  1.00 23.06  ? 65  ILE A N   1 
ATOM   504  C CA  . ILE A 1 65  ? 4.040   8.189   -6.628  1.00 21.70  ? 65  ILE A CA  1 
ATOM   505  C C   . ILE A 1 65  ? 3.182   8.486   -7.866  1.00 22.48  ? 65  ILE A C   1 
ATOM   506  O O   . ILE A 1 65  ? 2.206   9.249   -7.788  1.00 23.19  ? 65  ILE A O   1 
ATOM   507  C CB  . ILE A 1 65  ? 3.307   7.164   -5.739  1.00 21.38  ? 65  ILE A CB  1 
ATOM   508  C CG1 . ILE A 1 65  ? 4.217   6.748   -4.570  1.00 21.88  ? 65  ILE A CG1 1 
ATOM   509  C CG2 . ILE A 1 65  ? 2.896   5.954   -6.571  1.00 23.33  ? 65  ILE A CG2 1 
ATOM   510  C CD1 . ILE A 1 65  ? 3.469   6.077   -3.431  1.00 35.02  ? 65  ILE A CD1 1 
ATOM   511  N N   . MET A 1 66  ? 3.552   7.894   -9.002  1.00 20.97  ? 66  MET A N   1 
ATOM   512  C CA  . MET A 1 66  ? 2.831   8.081   -10.273 1.00 21.66  ? 66  MET A CA  1 
ATOM   513  C C   . MET A 1 66  ? 2.243   6.745   -10.757 1.00 22.83  ? 66  MET A C   1 
ATOM   514  O O   . MET A 1 66  ? 1.394   6.709   -11.652 1.00 22.59  ? 66  MET A O   1 
ATOM   515  C CB  . MET A 1 66  ? 3.770   8.624   -11.359 1.00 61.78  ? 66  MET A CB  1 
ATOM   516  C CG  . MET A 1 66  ? 4.390   9.981   -11.063 1.00 65.26  ? 66  MET A CG  1 
ATOM   517  S SD  . MET A 1 66  ? 5.535   10.519  -12.367 1.00 73.40  ? 66  MET A SD  1 
ATOM   518  C CE  . MET A 1 66  ? 4.528   11.708  -13.247 1.00 73.90  ? 66  MET A CE  1 
ATOM   519  N N   . GLU A 1 67  ? 2.712   5.645   -10.187 1.00 21.70  ? 67  GLU A N   1 
ATOM   520  C CA  . GLU A 1 67  ? 2.184   4.347   -10.566 1.00 22.23  ? 67  GLU A CA  1 
ATOM   521  C C   . GLU A 1 67  ? 2.433   3.298   -9.502  1.00 22.40  ? 67  GLU A C   1 
ATOM   522  O O   . GLU A 1 67  ? 3.528   3.206   -8.936  1.00 22.63  ? 67  GLU A O   1 
ATOM   523  C CB  . GLU A 1 67  ? 2.795   3.852   -11.884 1.00 33.02  ? 67  GLU A CB  1 
ATOM   524  C CG  . GLU A 1 67  ? 2.213   2.519   -12.311 1.00 37.29  ? 67  GLU A CG  1 
ATOM   525  C CD  . GLU A 1 67  ? 2.884   1.917   -13.534 1.00 39.94  ? 67  GLU A CD  1 
ATOM   526  O OE1 . GLU A 1 67  ? 4.110   1.671   -13.496 1.00 41.39  ? 67  GLU A OE1 1 
ATOM   527  O OE2 . GLU A 1 67  ? 2.182   1.669   -14.531 1.00 40.44  ? 67  GLU A OE2 1 
ATOM   528  N N   . VAL A 1 68  ? 1.398   2.513   -9.234  1.00 21.10  ? 68  VAL A N   1 
ATOM   529  C CA  . VAL A 1 68  ? 1.496   1.426   -8.285  1.00 22.29  ? 68  VAL A CA  1 
ATOM   530  C C   . VAL A 1 68  ? 1.141   0.179   -9.055  1.00 23.55  ? 68  VAL A C   1 
ATOM   531  O O   . VAL A 1 68  ? 0.117   0.145   -9.745  1.00 22.80  ? 68  VAL A O   1 
ATOM   532  C CB  . VAL A 1 68  ? 0.495   1.566   -7.145  1.00 23.56  ? 68  VAL A CB  1 
ATOM   533  C CG1 . VAL A 1 68  ? 0.575   0.329   -6.254  1.00 24.19  ? 68  VAL A CG1 1 
ATOM   534  C CG2 . VAL A 1 68  ? 0.788   2.832   -6.345  1.00 22.55  ? 68  VAL A CG2 1 
ATOM   535  N N   . SER A 1 69  ? 1.987   -0.841  -8.978  1.00 23.08  ? 69  SER A N   1 
ATOM   536  C CA  . SER A 1 69  ? 1.690   -2.086  -9.670  1.00 22.58  ? 69  SER A CA  1 
ATOM   537  C C   . SER A 1 69  ? 2.090   -3.236  -8.762  1.00 24.28  ? 69  SER A C   1 
ATOM   538  O O   . SER A 1 69  ? 2.749   -3.032  -7.733  1.00 22.90  ? 69  SER A O   1 
ATOM   539  C CB  . SER A 1 69  ? 2.429   -2.171  -11.023 1.00 28.27  ? 69  SER A CB  1 
ATOM   540  O OG  . SER A 1 69  ? 3.839   -2.091  -10.876 1.00 29.84  ? 69  SER A OG  1 
ATOM   541  N N   . GLY A 1 70  ? 1.651   -4.433  -9.113  1.00 26.21  ? 70  GLY A N   1 
ATOM   542  C CA  . GLY A 1 70  ? 1.988   -5.586  -8.303  1.00 24.15  ? 70  GLY A CA  1 
ATOM   543  C C   . GLY A 1 70  ? 1.347   -6.838  -8.857  1.00 25.74  ? 70  GLY A C   1 
ATOM   544  O O   . GLY A 1 70  ? 0.890   -6.866  -10.004 1.00 26.66  ? 70  GLY A O   1 
ATOM   545  N N   . TYR A 1 71  ? 1.304   -7.867  -8.024  1.00 22.70  ? 71  TYR A N   1 
ATOM   546  C CA  . TYR A 1 71  ? 0.728   -9.146  -8.391  1.00 23.93  ? 71  TYR A CA  1 
ATOM   547  C C   . TYR A 1 71  ? -0.110  -9.679  -7.245  1.00 23.80  ? 71  TYR A C   1 
ATOM   548  O O   . TYR A 1 71  ? 0.237   -9.486  -6.081  1.00 24.58  ? 71  TYR A O   1 
ATOM   549  C CB  . TYR A 1 71  ? 1.845   -10.150 -8.656  1.00 32.48  ? 71  TYR A CB  1 
ATOM   550  C CG  . TYR A 1 71  ? 2.535   -9.980  -9.971  1.00 33.06  ? 71  TYR A CG  1 
ATOM   551  C CD1 . TYR A 1 71  ? 2.190   -10.789 -11.054 1.00 33.22  ? 71  TYR A CD1 1 
ATOM   552  C CD2 . TYR A 1 71  ? 3.543   -9.031  -10.144 1.00 33.82  ? 71  TYR A CD2 1 
ATOM   553  C CE1 . TYR A 1 71  ? 2.829   -10.667 -12.275 1.00 35.18  ? 71  TYR A CE1 1 
ATOM   554  C CE2 . TYR A 1 71  ? 4.195   -8.897  -11.377 1.00 35.05  ? 71  TYR A CE2 1 
ATOM   555  C CZ  . TYR A 1 71  ? 3.824   -9.727  -12.431 1.00 36.29  ? 71  TYR A CZ  1 
ATOM   556  O OH  . TYR A 1 71  ? 4.434   -9.643  -13.659 1.00 37.35  ? 71  TYR A OH  1 
ATOM   557  N N   . THR A 1 72  ? -1.218  -10.333 -7.567  1.00 25.98  ? 72  THR A N   1 
ATOM   558  C CA  . THR A 1 72  ? -2.033  -10.962 -6.532  1.00 25.26  ? 72  THR A CA  1 
ATOM   559  C C   . THR A 1 72  ? -2.021  -12.440 -6.911  1.00 27.53  ? 72  THR A C   1 
ATOM   560  O O   . THR A 1 72  ? -2.022  -12.789 -8.100  1.00 28.86  ? 72  THR A O   1 
ATOM   561  C CB  . THR A 1 72  ? -3.470  -10.473 -6.543  1.00 32.07  ? 72  THR A CB  1 
ATOM   562  O OG1 . THR A 1 72  ? -4.066  -10.807 -7.795  1.00 33.01  ? 72  THR A OG1 1 
ATOM   563  C CG2 . THR A 1 72  ? -3.521  -8.963  -6.319  1.00 29.94  ? 72  THR A CG2 1 
ATOM   564  N N   . GLY A 1 73  ? -1.989  -13.314 -5.916  1.00 26.96  ? 73  GLY A N   1 
ATOM   565  C CA  . GLY A 1 73  ? -1.954  -14.732 -6.222  1.00 29.14  ? 73  GLY A CA  1 
ATOM   566  C C   . GLY A 1 73  ? -2.319  -15.577 -5.025  1.00 30.96  ? 73  GLY A C   1 
ATOM   567  O O   . GLY A 1 73  ? -2.563  -15.069 -3.931  1.00 30.31  ? 73  GLY A O   1 
ATOM   568  N N   . ASN A 1 74  ? -2.340  -16.886 -5.232  1.00 35.30  ? 74  ASN A N   1 
ATOM   569  C CA  . ASN A 1 74  ? -2.687  -17.809 -4.168  1.00 38.04  ? 74  ASN A CA  1 
ATOM   570  C C   . ASN A 1 74  ? -1.523  -18.210 -3.277  1.00 37.00  ? 74  ASN A C   1 
ATOM   571  O O   . ASN A 1 74  ? -0.462  -18.591 -3.759  1.00 38.60  ? 74  ASN A O   1 
ATOM   572  C CB  . ASN A 1 74  ? -3.306  -19.083 -4.749  1.00 81.60  ? 74  ASN A CB  1 
ATOM   573  C CG  . ASN A 1 74  ? -4.789  -18.949 -4.997  1.00 84.89  ? 74  ASN A CG  1 
ATOM   574  O OD1 . ASN A 1 74  ? -5.558  -18.660 -4.081  1.00 86.94  ? 74  ASN A OD1 1 
ATOM   575  N ND2 . ASN A 1 74  ? -5.205  -19.165 -6.241  1.00 87.83  ? 74  ASN A ND2 1 
ATOM   576  N N   . VAL A 1 75  ? -1.731  -18.098 -1.971  1.00 33.52  ? 75  VAL A N   1 
ATOM   577  C CA  . VAL A 1 75  ? -0.731  -18.528 -1.005  1.00 34.88  ? 75  VAL A CA  1 
ATOM   578  C C   . VAL A 1 75  ? -1.512  -19.290 0.055   1.00 34.93  ? 75  VAL A C   1 
ATOM   579  O O   . VAL A 1 75  ? -2.367  -18.721 0.732   1.00 34.23  ? 75  VAL A O   1 
ATOM   580  C CB  . VAL A 1 75  ? 0.021   -17.348 -0.342  1.00 34.79  ? 75  VAL A CB  1 
ATOM   581  C CG1 . VAL A 1 75  ? 0.997   -17.879 0.728   1.00 34.08  ? 75  VAL A CG1 1 
ATOM   582  C CG2 . VAL A 1 75  ? 0.787   -16.573 -1.401  1.00 33.70  ? 75  VAL A CG2 1 
ATOM   583  N N   . SER A 1 76  ? -1.231  -20.585 0.165   1.00 39.68  ? 76  SER A N   1 
ATOM   584  C CA  . SER A 1 76  ? -1.898  -21.454 1.127   1.00 40.47  ? 76  SER A CA  1 
ATOM   585  C C   . SER A 1 76  ? -3.425  -21.425 1.056   1.00 40.67  ? 76  SER A C   1 
ATOM   586  O O   . SER A 1 76  ? -4.097  -21.388 2.091   1.00 41.41  ? 76  SER A O   1 
ATOM   587  C CB  . SER A 1 76  ? -1.452  -21.107 2.547   1.00 53.29  ? 76  SER A CB  1 
ATOM   588  O OG  . SER A 1 76  ? -0.060  -21.308 2.712   1.00 55.25  ? 76  SER A OG  1 
ATOM   589  N N   . GLY A 1 77  ? -3.970  -21.433 -0.159  1.00 36.77  ? 77  GLY A N   1 
ATOM   590  C CA  . GLY A 1 77  ? -5.417  -21.433 -0.316  1.00 39.00  ? 77  GLY A CA  1 
ATOM   591  C C   . GLY A 1 77  ? -6.136  -20.096 -0.438  1.00 39.72  ? 77  GLY A C   1 
ATOM   592  O O   . GLY A 1 77  ? -7.281  -20.052 -0.896  1.00 41.28  ? 77  GLY A O   1 
ATOM   593  N N   . TYR A 1 78  ? -5.495  -19.002 -0.030  1.00 39.62  ? 78  TYR A N   1 
ATOM   594  C CA  . TYR A 1 78  ? -6.144  -17.695 -0.121  1.00 39.99  ? 78  TYR A CA  1 
ATOM   595  C C   . TYR A 1 78  ? -5.445  -16.715 -1.059  1.00 37.69  ? 78  TYR A C   1 
ATOM   596  O O   . TYR A 1 78  ? -4.235  -16.791 -1.274  1.00 35.40  ? 78  TYR A O   1 
ATOM   597  C CB  . TYR A 1 78  ? -6.268  -17.071 1.273   1.00 41.19  ? 78  TYR A CB  1 
ATOM   598  C CG  . TYR A 1 78  ? -7.176  -17.843 2.203   1.00 46.11  ? 78  TYR A CG  1 
ATOM   599  C CD1 . TYR A 1 78  ? -6.656  -18.732 3.141   1.00 48.08  ? 78  TYR A CD1 1 
ATOM   600  C CD2 . TYR A 1 78  ? -8.560  -17.707 2.119   1.00 48.35  ? 78  TYR A CD2 1 
ATOM   601  C CE1 . TYR A 1 78  ? -7.494  -19.471 3.974   1.00 48.94  ? 78  TYR A CE1 1 
ATOM   602  C CE2 . TYR A 1 78  ? -9.405  -18.439 2.941   1.00 50.03  ? 78  TYR A CE2 1 
ATOM   603  C CZ  . TYR A 1 78  ? -8.868  -19.320 3.864   1.00 50.32  ? 78  TYR A CZ  1 
ATOM   604  O OH  . TYR A 1 78  ? -9.710  -20.063 4.662   1.00 53.06  ? 78  TYR A OH  1 
ATOM   605  N N   . VAL A 1 79  ? -6.221  -15.792 -1.621  1.00 30.41  ? 79  VAL A N   1 
ATOM   606  C CA  . VAL A 1 79  ? -5.679  -14.780 -2.520  1.00 26.51  ? 79  VAL A CA  1 
ATOM   607  C C   . VAL A 1 79  ? -5.072  -13.658 -1.682  1.00 24.65  ? 79  VAL A C   1 
ATOM   608  O O   . VAL A 1 79  ? -5.698  -13.164 -0.753  1.00 23.61  ? 79  VAL A O   1 
ATOM   609  C CB  . VAL A 1 79  ? -6.781  -14.183 -3.437  1.00 34.70  ? 79  VAL A CB  1 
ATOM   610  C CG1 . VAL A 1 79  ? -6.183  -13.106 -4.340  1.00 31.73  ? 79  VAL A CG1 1 
ATOM   611  C CG2 . VAL A 1 79  ? -7.405  -15.293 -4.289  1.00 33.43  ? 79  VAL A CG2 1 
ATOM   612  N N   . VAL A 1 80  ? -3.840  -13.278 -2.010  1.00 28.22  ? 80  VAL A N   1 
ATOM   613  C CA  . VAL A 1 80  ? -3.151  -12.208 -1.293  1.00 25.49  ? 80  VAL A CA  1 
ATOM   614  C C   . VAL A 1 80  ? -2.341  -11.374 -2.279  1.00 23.56  ? 80  VAL A C   1 
ATOM   615  O O   . VAL A 1 80  ? -2.187  -11.753 -3.449  1.00 23.05  ? 80  VAL A O   1 
ATOM   616  C CB  . VAL A 1 80  ? -2.173  -12.764 -0.199  1.00 25.63  ? 80  VAL A CB  1 
ATOM   617  C CG1 . VAL A 1 80  ? -2.951  -13.546 0.860   1.00 26.60  ? 80  VAL A CG1 1 
ATOM   618  C CG2 . VAL A 1 80  ? -1.110  -13.638 -0.828  1.00 24.08  ? 80  VAL A CG2 1 
ATOM   619  N N   . VAL A 1 81  ? -1.854  -10.230 -1.808  1.00 23.08  ? 81  VAL A N   1 
ATOM   620  C CA  . VAL A 1 81  ? -1.018  -9.362  -2.617  1.00 20.97  ? 81  VAL A CA  1 
ATOM   621  C C   . VAL A 1 81  ? 0.389   -9.926  -2.434  1.00 21.25  ? 81  VAL A C   1 
ATOM   622  O O   . VAL A 1 81  ? 0.959   -9.847  -1.346  1.00 20.98  ? 81  VAL A O   1 
ATOM   623  C CB  . VAL A 1 81  ? -1.058  -7.917  -2.112  1.00 24.17  ? 81  VAL A CB  1 
ATOM   624  C CG1 . VAL A 1 81  ? -0.155  -7.052  -2.978  1.00 22.25  ? 81  VAL A CG1 1 
ATOM   625  C CG2 . VAL A 1 81  ? -2.501  -7.398  -2.143  1.00 24.37  ? 81  VAL A CG2 1 
ATOM   626  N N   . ARG A 1 82  ? 0.953   -10.486 -3.494  1.00 26.28  ? 82  ARG A N   1 
ATOM   627  C CA  . ARG A 1 82  ? 2.281   -11.085 -3.379  1.00 26.30  ? 82  ARG A CA  1 
ATOM   628  C C   . ARG A 1 82  ? 3.435   -10.154 -3.696  1.00 26.96  ? 82  ARG A C   1 
ATOM   629  O O   . ARG A 1 82  ? 4.571   -10.408 -3.287  1.00 25.41  ? 82  ARG A O   1 
ATOM   630  C CB  . ARG A 1 82  ? 2.381   -12.300 -4.296  1.00 25.33  ? 82  ARG A CB  1 
ATOM   631  C CG  . ARG A 1 82  ? 1.260   -13.301 -4.090  1.00 26.45  ? 82  ARG A CG  1 
ATOM   632  C CD  . ARG A 1 82  ? 1.572   -14.609 -4.791  1.00 29.19  ? 82  ARG A CD  1 
ATOM   633  N NE  . ARG A 1 82  ? 2.655   -15.284 -4.090  1.00 29.86  ? 82  ARG A NE  1 
ATOM   634  C CZ  . ARG A 1 82  ? 3.175   -16.449 -4.460  1.00 30.92  ? 82  ARG A CZ  1 
ATOM   635  N NH1 . ARG A 1 82  ? 2.710   -17.080 -5.542  1.00 29.88  ? 82  ARG A NH1 1 
ATOM   636  N NH2 . ARG A 1 82  ? 4.149   -16.987 -3.731  1.00 27.86  ? 82  ARG A NH2 1 
ATOM   637  N N   . SER A 1 83  ? 3.148   -9.072  -4.417  1.00 23.59  ? 83  SER A N   1 
ATOM   638  C CA  . SER A 1 83  ? 4.205   -8.168  -4.824  1.00 25.22  ? 83  SER A CA  1 
ATOM   639  C C   . SER A 1 83  ? 3.699   -6.736  -5.029  1.00 25.46  ? 83  SER A C   1 
ATOM   640  O O   . SER A 1 83  ? 2.548   -6.538  -5.407  1.00 24.63  ? 83  SER A O   1 
ATOM   641  C CB  . SER A 1 83  ? 4.791   -8.690  -6.140  1.00 34.21  ? 83  SER A CB  1 
ATOM   642  O OG  . SER A 1 83  ? 5.815   -7.851  -6.635  1.00 37.11  ? 83  SER A OG  1 
ATOM   643  N N   . LEU A 1 84  ? 4.572   -5.762  -4.791  1.00 26.61  ? 84  LEU A N   1 
ATOM   644  C CA  . LEU A 1 84  ? 4.244   -4.352  -4.999  1.00 26.16  ? 84  LEU A CA  1 
ATOM   645  C C   . LEU A 1 84  ? 5.456   -3.618  -5.548  1.00 26.31  ? 84  LEU A C   1 
ATOM   646  O O   . LEU A 1 84  ? 6.607   -3.907  -5.168  1.00 25.34  ? 84  LEU A O   1 
ATOM   647  C CB  . LEU A 1 84  ? 3.818   -3.666  -3.700  1.00 25.44  ? 84  LEU A CB  1 
ATOM   648  C CG  . LEU A 1 84  ? 2.427   -3.994  -3.168  1.00 24.43  ? 84  LEU A CG  1 
ATOM   649  C CD1 . LEU A 1 84  ? 2.263   -3.333  -1.797  1.00 26.24  ? 84  LEU A CD1 1 
ATOM   650  C CD2 . LEU A 1 84  ? 1.347   -3.514  -4.138  1.00 25.98  ? 84  LEU A CD2 1 
ATOM   651  N N   . THR A 1 85  ? 5.179   -2.670  -6.439  1.00 24.49  ? 85  THR A N   1 
ATOM   652  C CA  . THR A 1 85  ? 6.192   -1.833  -7.056  1.00 24.02  ? 85  THR A CA  1 
ATOM   653  C C   . THR A 1 85  ? 5.660   -0.399  -7.020  1.00 25.10  ? 85  THR A C   1 
ATOM   654  O O   . THR A 1 85  ? 4.499   -0.155  -7.357  1.00 25.19  ? 85  THR A O   1 
ATOM   655  C CB  . THR A 1 85  ? 6.415   -2.236  -8.530  1.00 26.12  ? 85  THR A CB  1 
ATOM   656  O OG1 . THR A 1 85  ? 7.017   -3.537  -8.586  1.00 27.40  ? 85  THR A OG1 1 
ATOM   657  C CG2 . THR A 1 85  ? 7.312   -1.222  -9.233  1.00 28.21  ? 85  THR A CG2 1 
ATOM   658  N N   . PHE A 1 86  ? 6.498   0.545   -6.613  1.00 29.62  ? 86  PHE A N   1 
ATOM   659  C CA  . PHE A 1 86  ? 6.093   1.943   -6.565  1.00 29.22  ? 86  PHE A CA  1 
ATOM   660  C C   . PHE A 1 86  ? 6.984   2.753   -7.478  1.00 30.00  ? 86  PHE A C   1 
ATOM   661  O O   . PHE A 1 86  ? 8.206   2.779   -7.312  1.00 31.36  ? 86  PHE A O   1 
ATOM   662  C CB  . PHE A 1 86  ? 6.228   2.500   -5.150  1.00 26.45  ? 86  PHE A CB  1 
ATOM   663  C CG  . PHE A 1 86  ? 5.323   1.851   -4.155  1.00 26.95  ? 86  PHE A CG  1 
ATOM   664  C CD1 . PHE A 1 86  ? 3.998   2.257   -4.032  1.00 26.15  ? 86  PHE A CD1 1 
ATOM   665  C CD2 . PHE A 1 86  ? 5.795   0.826   -3.340  1.00 29.27  ? 86  PHE A CD2 1 
ATOM   666  C CE1 . PHE A 1 86  ? 3.153   1.651   -3.110  1.00 27.97  ? 86  PHE A CE1 1 
ATOM   667  C CE2 . PHE A 1 86  ? 4.955   0.214   -2.413  1.00 28.23  ? 86  PHE A CE2 1 
ATOM   668  C CZ  . PHE A 1 86  ? 3.637   0.624   -2.300  1.00 28.38  ? 86  PHE A CZ  1 
ATOM   669  N N   . LYS A 1 87  ? 6.386   3.413   -8.450  1.00 23.77  ? 87  LYS A N   1 
ATOM   670  C CA  . LYS A 1 87  ? 7.164   4.243   -9.344  1.00 23.84  ? 87  LYS A CA  1 
ATOM   671  C C   . LYS A 1 87  ? 6.816   5.699   -9.076  1.00 24.37  ? 87  LYS A C   1 
ATOM   672  O O   . LYS A 1 87  ? 5.637   6.063   -9.090  1.00 22.41  ? 87  LYS A O   1 
ATOM   673  C CB  . LYS A 1 87  ? 6.854   3.880   -10.797 1.00 54.78  ? 87  LYS A CB  1 
ATOM   674  C CG  . LYS A 1 87  ? 7.487   4.811   -11.815 1.00 59.31  ? 87  LYS A CG  1 
ATOM   675  C CD  . LYS A 1 87  ? 7.217   4.349   -13.241 1.00 63.24  ? 87  LYS A CD  1 
ATOM   676  C CE  . LYS A 1 87  ? 7.778   5.345   -14.246 1.00 68.12  ? 87  LYS A CE  1 
ATOM   677  N NZ  . LYS A 1 87  ? 7.560   4.923   -15.661 1.00 68.63  ? 87  LYS A NZ  1 
ATOM   678  N N   . THR A 1 88  ? 7.828   6.526   -8.810  1.00 27.75  ? 88  THR A N   1 
ATOM   679  C CA  . THR A 1 88  ? 7.602   7.952   -8.585  1.00 28.50  ? 88  THR A CA  1 
ATOM   680  C C   . THR A 1 88  ? 8.124   8.706   -9.800  1.00 29.76  ? 88  THR A C   1 
ATOM   681  O O   . THR A 1 88  ? 8.592   8.099   -10.769 1.00 30.33  ? 88  THR A O   1 
ATOM   682  C CB  . THR A 1 88  ? 8.363   8.499   -7.348  1.00 26.84  ? 88  THR A CB  1 
ATOM   683  O OG1 . THR A 1 88  ? 9.778   8.442   -7.596  1.00 27.62  ? 88  THR A OG1 1 
ATOM   684  C CG2 . THR A 1 88  ? 8.012   7.701   -6.092  1.00 27.14  ? 88  THR A CG2 1 
ATOM   685  N N   . ASN A 1 89  ? 8.052   10.028  -9.753  1.00 37.54  ? 89  ASN A N   1 
ATOM   686  C CA  . ASN A 1 89  ? 8.555   10.822  -10.861 1.00 39.03  ? 89  ASN A CA  1 
ATOM   687  C C   . ASN A 1 89  ? 10.083  10.787  -10.838 1.00 41.63  ? 89  ASN A C   1 
ATOM   688  O O   . ASN A 1 89  ? 10.730  11.178  -11.804 1.00 42.19  ? 89  ASN A O   1 
ATOM   689  C CB  . ASN A 1 89  ? 8.032   12.272  -10.774 1.00 34.31  ? 89  ASN A CB  1 
ATOM   690  C CG  . ASN A 1 89  ? 8.342   12.943  -9.436  1.00 36.08  ? 89  ASN A CG  1 
ATOM   691  O OD1 . ASN A 1 89  ? 8.306   12.303  -8.383  1.00 34.16  ? 89  ASN A OD1 1 
ATOM   692  N ND2 . ASN A 1 89  ? 8.620   14.247  -9.472  1.00 35.22  ? 89  ASN A ND2 1 
ATOM   693  N N   . LYS A 1 90  ? 10.656  10.294  -9.741  1.00 35.02  ? 90  LYS A N   1 
ATOM   694  C CA  . LYS A 1 90  ? 12.108  10.220  -9.611  1.00 36.88  ? 90  LYS A CA  1 
ATOM   695  C C   . LYS A 1 90  ? 12.687  8.854   -9.955  1.00 37.47  ? 90  LYS A C   1 
ATOM   696  O O   . LYS A 1 90  ? 13.639  8.757   -10.725 1.00 37.36  ? 90  LYS A O   1 
ATOM   697  C CB  . LYS A 1 90  ? 12.541  10.627  -8.199  1.00 56.06  ? 90  LYS A CB  1 
ATOM   698  C CG  . LYS A 1 90  ? 12.271  12.092  -7.901  1.00 61.73  ? 90  LYS A CG  1 
ATOM   699  C CD  . LYS A 1 90  ? 12.832  12.519  -6.559  1.00 66.27  ? 90  LYS A CD  1 
ATOM   700  C CE  . LYS A 1 90  ? 12.596  14.008  -6.335  1.00 67.87  ? 90  LYS A CE  1 
ATOM   701  N NZ  . LYS A 1 90  ? 13.173  14.496  -5.050  1.00 69.93  ? 90  LYS A NZ  1 
ATOM   702  N N   . LYS A 1 91  ? 12.126  7.795   -9.388  1.00 34.26  ? 91  LYS A N   1 
ATOM   703  C CA  . LYS A 1 91  ? 12.636  6.467   -9.685  1.00 33.87  ? 91  LYS A CA  1 
ATOM   704  C C   . LYS A 1 91  ? 11.633  5.369   -9.391  1.00 32.80  ? 91  LYS A C   1 
ATOM   705  O O   . LYS A 1 91  ? 10.475  5.635   -9.052  1.00 30.37  ? 91  LYS A O   1 
ATOM   706  C CB  . LYS A 1 91  ? 13.931  6.210   -8.906  1.00 81.84  ? 91  LYS A CB  1 
ATOM   707  C CG  . LYS A 1 91  ? 13.778  6.162   -7.390  1.00 84.31  ? 91  LYS A CG  1 
ATOM   708  C CD  . LYS A 1 91  ? 15.125  5.911   -6.719  1.00 87.84  ? 91  LYS A CD  1 
ATOM   709  C CE  . LYS A 1 91  ? 15.769  4.617   -7.217  1.00 90.51  ? 91  LYS A CE  1 
ATOM   710  N NZ  . LYS A 1 91  ? 17.128  4.394   -6.646  1.00 93.34  ? 91  LYS A NZ  1 
ATOM   711  N N   . THR A 1 92  ? 12.086  4.130   -9.534  1.00 33.47  ? 92  THR A N   1 
ATOM   712  C CA  . THR A 1 92  ? 11.242  2.975   -9.283  1.00 33.99  ? 92  THR A CA  1 
ATOM   713  C C   . THR A 1 92  ? 11.691  2.247   -8.019  1.00 33.85  ? 92  THR A C   1 
ATOM   714  O O   . THR A 1 92  ? 12.881  2.009   -7.807  1.00 34.17  ? 92  THR A O   1 
ATOM   715  C CB  . THR A 1 92  ? 11.270  2.007   -10.482 1.00 37.12  ? 92  THR A CB  1 
ATOM   716  O OG1 . THR A 1 92  ? 10.706  2.664   -11.626 1.00 37.81  ? 92  THR A OG1 1 
ATOM   717  C CG2 . THR A 1 92  ? 10.463  0.755   -10.181 1.00 35.73  ? 92  THR A CG2 1 
ATOM   718  N N   . TYR A 1 93  ? 10.731  1.926   -7.160  1.00 32.20  ? 93  TYR A N   1 
ATOM   719  C CA  . TYR A 1 93  ? 11.028  1.210   -5.932  1.00 28.87  ? 93  TYR A CA  1 
ATOM   720  C C   . TYR A 1 93  ? 10.380  -0.152  -6.054  1.00 30.09  ? 93  TYR A C   1 
ATOM   721  O O   . TYR A 1 93  ? 9.156   -0.259  -6.077  1.00 28.64  ? 93  TYR A O   1 
ATOM   722  C CB  . TYR A 1 93  ? 10.466  1.944   -4.710  1.00 29.15  ? 93  TYR A CB  1 
ATOM   723  C CG  . TYR A 1 93  ? 11.016  3.338   -4.543  1.00 29.73  ? 93  TYR A CG  1 
ATOM   724  C CD1 . TYR A 1 93  ? 10.412  4.429   -5.180  1.00 30.11  ? 93  TYR A CD1 1 
ATOM   725  C CD2 . TYR A 1 93  ? 12.169  3.568   -3.780  1.00 32.34  ? 93  TYR A CD2 1 
ATOM   726  C CE1 . TYR A 1 93  ? 10.941  5.714   -5.067  1.00 29.60  ? 93  TYR A CE1 1 
ATOM   727  C CE2 . TYR A 1 93  ? 12.710  4.849   -3.661  1.00 31.16  ? 93  TYR A CE2 1 
ATOM   728  C CZ  . TYR A 1 93  ? 12.089  5.916   -4.311  1.00 30.54  ? 93  TYR A CZ  1 
ATOM   729  O OH  . TYR A 1 93  ? 12.626  7.180   -4.220  1.00 30.13  ? 93  TYR A OH  1 
ATOM   730  N N   . GLY A 1 94  ? 11.206  -1.186  -6.144  1.00 25.94  ? 94  GLY A N   1 
ATOM   731  C CA  . GLY A 1 94  ? 10.689  -2.533  -6.261  1.00 26.62  ? 94  GLY A CA  1 
ATOM   732  C C   . GLY A 1 94  ? 11.120  -3.164  -7.572  1.00 27.82  ? 94  GLY A C   1 
ATOM   733  O O   . GLY A 1 94  ? 11.948  -2.603  -8.282  1.00 29.78  ? 94  GLY A O   1 
ATOM   734  N N   . PRO A 1 95  ? 10.543  -4.309  -7.945  1.00 33.90  ? 95  PRO A N   1 
ATOM   735  C CA  . PRO A 1 95  ? 9.502   -5.008  -7.189  1.00 31.70  ? 95  PRO A CA  1 
ATOM   736  C C   . PRO A 1 95  ? 9.925   -5.597  -5.840  1.00 31.68  ? 95  PRO A C   1 
ATOM   737  O O   . PRO A 1 95  ? 11.066  -6.027  -5.656  1.00 31.86  ? 95  PRO A O   1 
ATOM   738  C CB  . PRO A 1 95  ? 9.031   -6.086  -8.171  1.00 37.50  ? 95  PRO A CB  1 
ATOM   739  C CG  . PRO A 1 95  ? 10.289  -6.389  -8.963  1.00 39.08  ? 95  PRO A CG  1 
ATOM   740  C CD  . PRO A 1 95  ? 10.818  -4.991  -9.223  1.00 39.56  ? 95  PRO A CD  1 
ATOM   741  N N   . TYR A 1 96  ? 8.995   -5.594  -4.892  1.00 32.28  ? 96  TYR A N   1 
ATOM   742  C CA  . TYR A 1 96  ? 9.243   -6.179  -3.587  1.00 31.78  ? 96  TYR A CA  1 
ATOM   743  C C   . TYR A 1 96  ? 8.285   -7.366  -3.467  1.00 32.55  ? 96  TYR A C   1 
ATOM   744  O O   . TYR A 1 96  ? 7.065   -7.204  -3.610  1.00 32.30  ? 96  TYR A O   1 
ATOM   745  C CB  . TYR A 1 96  ? 8.962   -5.170  -2.475  1.00 33.89  ? 96  TYR A CB  1 
ATOM   746  C CG  . TYR A 1 96  ? 9.782   -3.904  -2.574  1.00 35.45  ? 96  TYR A CG  1 
ATOM   747  C CD1 . TYR A 1 96  ? 11.184  -3.941  -2.511  1.00 33.45  ? 96  TYR A CD1 1 
ATOM   748  C CD2 . TYR A 1 96  ? 9.159   -2.663  -2.716  1.00 35.95  ? 96  TYR A CD2 1 
ATOM   749  C CE1 . TYR A 1 96  ? 11.939  -2.760  -2.591  1.00 36.87  ? 96  TYR A CE1 1 
ATOM   750  C CE2 . TYR A 1 96  ? 9.897   -1.487  -2.792  1.00 36.17  ? 96  TYR A CE2 1 
ATOM   751  C CZ  . TYR A 1 96  ? 11.278  -1.538  -2.729  1.00 35.85  ? 96  TYR A CZ  1 
ATOM   752  O OH  . TYR A 1 96  ? 11.989  -0.364  -2.798  1.00 35.61  ? 96  TYR A OH  1 
ATOM   753  N N   . GLY A 1 97  ? 8.831   -8.557  -3.226  1.00 39.48  ? 97  GLY A N   1 
ATOM   754  C CA  . GLY A 1 97  ? 7.990   -9.734  -3.091  1.00 38.37  ? 97  GLY A CA  1 
ATOM   755  C C   . GLY A 1 97  ? 8.158   -10.717 -4.233  1.00 38.77  ? 97  GLY A C   1 
ATOM   756  O O   . GLY A 1 97  ? 9.236   -10.832 -4.808  1.00 39.93  ? 97  GLY A O   1 
ATOM   757  N N   . VAL A 1 98  ? 7.089   -11.434 -4.564  1.00 32.95  ? 98  VAL A N   1 
ATOM   758  C CA  . VAL A 1 98  ? 7.128   -12.414 -5.647  1.00 33.79  ? 98  VAL A CA  1 
ATOM   759  C C   . VAL A 1 98  ? 6.315   -11.945 -6.869  1.00 34.09  ? 98  VAL A C   1 
ATOM   760  O O   . VAL A 1 98  ? 5.116   -11.704 -6.770  1.00 33.12  ? 98  VAL A O   1 
ATOM   761  C CB  . VAL A 1 98  ? 6.562   -13.766 -5.171  1.00 42.43  ? 98  VAL A CB  1 
ATOM   762  C CG1 . VAL A 1 98  ? 6.944   -14.865 -6.145  1.00 42.59  ? 98  VAL A CG1 1 
ATOM   763  C CG2 . VAL A 1 98  ? 7.072   -14.073 -3.776  1.00 43.70  ? 98  VAL A CG2 1 
ATOM   764  N N   . THR A 1 99  ? 6.966   -11.822 -8.019  1.00 32.61  ? 99  THR A N   1 
ATOM   765  C CA  . THR A 1 99  ? 6.261   -11.378 -9.220  1.00 33.86  ? 99  THR A CA  1 
ATOM   766  C C   . THR A 1 99  ? 5.628   -12.551 -9.956  1.00 34.88  ? 99  THR A C   1 
ATOM   767  O O   . THR A 1 99  ? 6.033   -12.898 -11.063 1.00 36.88  ? 99  THR A O   1 
ATOM   768  C CB  . THR A 1 99  ? 7.199   -10.618 -10.189 1.00 42.62  ? 99  THR A CB  1 
ATOM   769  O OG1 . THR A 1 99  ? 8.348   -11.421 -10.479 1.00 44.50  ? 99  THR A OG1 1 
ATOM   770  C CG2 . THR A 1 99  ? 7.645   -9.305  -9.570  1.00 43.58  ? 99  THR A CG2 1 
ATOM   771  N N   . SER A 1 100 ? 4.629   -13.155 -9.317  1.00 37.72  ? 100 SER A N   1 
ATOM   772  C CA  . SER A 1 100 ? 3.904   -14.282 -9.887  1.00 38.51  ? 100 SER A CA  1 
ATOM   773  C C   . SER A 1 100 ? 2.428   -14.176 -9.535  1.00 37.89  ? 100 SER A C   1 
ATOM   774  O O   . SER A 1 100 ? 2.066   -13.738 -8.445  1.00 38.52  ? 100 SER A O   1 
ATOM   775  C CB  . SER A 1 100 ? 4.454   -15.607 -9.353  1.00 63.79  ? 100 SER A CB  1 
ATOM   776  O OG  . SER A 1 100 ? 5.809   -15.771 -9.720  1.00 67.24  ? 100 SER A OG  1 
ATOM   777  N N   . GLY A 1 101 ? 1.577   -14.599 -10.459 1.00 30.98  ? 101 GLY A N   1 
ATOM   778  C CA  . GLY A 1 101 ? 0.149   -14.531 -10.224 1.00 30.22  ? 101 GLY A CA  1 
ATOM   779  C C   . GLY A 1 101 ? -0.458  -13.611 -11.262 1.00 31.54  ? 101 GLY A C   1 
ATOM   780  O O   . GLY A 1 101 ? 0.028   -13.560 -12.395 1.00 32.81  ? 101 GLY A O   1 
ATOM   781  N N   . THR A 1 102 ? -1.503  -12.882 -10.874 1.00 27.57  ? 102 THR A N   1 
ATOM   782  C CA  . THR A 1 102 ? -2.196  -11.965 -11.774 1.00 29.76  ? 102 THR A CA  1 
ATOM   783  C C   . THR A 1 102 ? -1.734  -10.533 -11.535 1.00 28.47  ? 102 THR A C   1 
ATOM   784  O O   . THR A 1 102 ? -1.862  -10.004 -10.430 1.00 27.85  ? 102 THR A O   1 
ATOM   785  C CB  . THR A 1 102 ? -3.723  -12.015 -11.553 1.00 35.76  ? 102 THR A CB  1 
ATOM   786  O OG1 . THR A 1 102 ? -4.169  -13.376 -11.606 1.00 40.07  ? 102 THR A OG1 1 
ATOM   787  C CG2 . THR A 1 102 ? -4.447  -11.190 -12.622 1.00 38.49  ? 102 THR A CG2 1 
ATOM   788  N N   . PRO A 1 103 ? -1.207  -9.879  -12.579 1.00 31.12  ? 103 PRO A N   1 
ATOM   789  C CA  . PRO A 1 103 ? -0.743  -8.507  -12.409 1.00 29.37  ? 103 PRO A CA  1 
ATOM   790  C C   . PRO A 1 103 ? -1.868  -7.489  -12.362 1.00 29.82  ? 103 PRO A C   1 
ATOM   791  O O   . PRO A 1 103 ? -2.990  -7.750  -12.811 1.00 27.60  ? 103 PRO A O   1 
ATOM   792  C CB  . PRO A 1 103 ? 0.150   -8.297  -13.628 1.00 31.43  ? 103 PRO A CB  1 
ATOM   793  C CG  . PRO A 1 103 ? -0.561  -9.092  -14.680 1.00 32.88  ? 103 PRO A CG  1 
ATOM   794  C CD  . PRO A 1 103 ? -0.937  -10.364 -13.947 1.00 32.52  ? 103 PRO A CD  1 
ATOM   795  N N   . PHE A 1 104 ? -1.563  -6.333  -11.787 1.00 27.27  ? 104 PHE A N   1 
ATOM   796  C CA  . PHE A 1 104 ? -2.513  -5.235  -11.746 1.00 25.43  ? 104 PHE A CA  1 
ATOM   797  C C   . PHE A 1 104 ? -1.634  -4.004  -11.769 1.00 25.10  ? 104 PHE A C   1 
ATOM   798  O O   . PHE A 1 104 ? -0.456  -4.061  -11.369 1.00 22.89  ? 104 PHE A O   1 
ATOM   799  C CB  . PHE A 1 104 ? -3.369  -5.274  -10.471 1.00 28.23  ? 104 PHE A CB  1 
ATOM   800  C CG  . PHE A 1 104 ? -2.613  -4.930  -9.209  1.00 29.87  ? 104 PHE A CG  1 
ATOM   801  C CD1 . PHE A 1 104 ? -2.402  -3.602  -8.841  1.00 29.69  ? 104 PHE A CD1 1 
ATOM   802  C CD2 . PHE A 1 104 ? -2.087  -5.941  -8.401  1.00 29.15  ? 104 PHE A CD2 1 
ATOM   803  C CE1 . PHE A 1 104 ? -1.671  -3.277  -7.677  1.00 30.48  ? 104 PHE A CE1 1 
ATOM   804  C CE2 . PHE A 1 104 ? -1.353  -5.630  -7.238  1.00 29.66  ? 104 PHE A CE2 1 
ATOM   805  C CZ  . PHE A 1 104 ? -1.147  -4.298  -6.880  1.00 30.14  ? 104 PHE A CZ  1 
ATOM   806  N N   . ASN A 1 105 ? -2.169  -2.892  -12.256 1.00 23.74  ? 105 ASN A N   1 
ATOM   807  C CA  . ASN A 1 105 ? -1.380  -1.684  -12.254 1.00 23.26  ? 105 ASN A CA  1 
ATOM   808  C C   . ASN A 1 105 ? -2.270  -0.458  -12.294 1.00 23.43  ? 105 ASN A C   1 
ATOM   809  O O   . ASN A 1 105 ? -3.314  -0.450  -12.958 1.00 20.21  ? 105 ASN A O   1 
ATOM   810  C CB  . ASN A 1 105 ? -0.364  -1.692  -13.412 1.00 29.03  ? 105 ASN A CB  1 
ATOM   811  C CG  . ASN A 1 105 ? -0.995  -1.447  -14.765 1.00 32.15  ? 105 ASN A CG  1 
ATOM   812  O OD1 . ASN A 1 105 ? -0.623  -0.506  -15.463 1.00 38.34  ? 105 ASN A OD1 1 
ATOM   813  N ND2 . ASN A 1 105 ? -1.940  -2.295  -15.152 1.00 35.38  ? 105 ASN A ND2 1 
ATOM   814  N N   . LEU A 1 106 ? -1.882  0.561   -11.532 1.00 21.00  ? 106 LEU A N   1 
ATOM   815  C CA  . LEU A 1 106 ? -2.633  1.809   -11.494 1.00 21.09  ? 106 LEU A CA  1 
ATOM   816  C C   . LEU A 1 106 ? -1.731  2.990   -11.792 1.00 22.45  ? 106 LEU A C   1 
ATOM   817  O O   . LEU A 1 106 ? -1.059  3.503   -10.902 1.00 19.96  ? 106 LEU A O   1 
ATOM   818  C CB  . LEU A 1 106 ? -3.295  2.041   -10.134 1.00 23.06  ? 106 LEU A CB  1 
ATOM   819  C CG  . LEU A 1 106 ? -4.022  3.411   -10.082 1.00 23.03  ? 106 LEU A CG  1 
ATOM   820  C CD1 . LEU A 1 106 ? -5.248  3.387   -10.985 1.00 23.94  ? 106 LEU A CD1 1 
ATOM   821  C CD2 . LEU A 1 106 ? -4.433  3.753   -8.656  1.00 28.51  ? 106 LEU A CD2 1 
ATOM   822  N N   . PRO A 1 107 ? -1.681  3.416   -13.062 1.00 21.11  ? 107 PRO A N   1 
ATOM   823  C CA  . PRO A 1 107 ? -0.858  4.556   -13.465 1.00 20.67  ? 107 PRO A CA  1 
ATOM   824  C C   . PRO A 1 107 ? -1.736  5.776   -13.200 1.00 20.98  ? 107 PRO A C   1 
ATOM   825  O O   . PRO A 1 107 ? -2.956  5.705   -13.378 1.00 20.14  ? 107 PRO A O   1 
ATOM   826  C CB  . PRO A 1 107 ? -0.664  4.352   -14.974 1.00 21.09  ? 107 PRO A CB  1 
ATOM   827  C CG  . PRO A 1 107 ? -1.213  2.971   -15.263 1.00 22.44  ? 107 PRO A CG  1 
ATOM   828  C CD  . PRO A 1 107 ? -2.283  2.770   -14.236 1.00 23.38  ? 107 PRO A CD  1 
ATOM   829  N N   . ILE A 1 108 ? -1.137  6.880   -12.780 1.00 22.90  ? 108 ILE A N   1 
ATOM   830  C CA  . ILE A 1 108 ? -1.912  8.089   -12.527 1.00 22.26  ? 108 ILE A CA  1 
ATOM   831  C C   . ILE A 1 108 ? -1.394  9.215   -13.418 1.00 23.36  ? 108 ILE A C   1 
ATOM   832  O O   . ILE A 1 108 ? -0.222  9.574   -13.325 1.00 23.14  ? 108 ILE A O   1 
ATOM   833  C CB  . ILE A 1 108 ? -1.764  8.563   -11.069 1.00 22.23  ? 108 ILE A CB  1 
ATOM   834  C CG1 . ILE A 1 108 ? -2.145  7.434   -10.101 1.00 23.48  ? 108 ILE A CG1 1 
ATOM   835  C CG2 . ILE A 1 108 ? -2.604  9.808   -10.849 1.00 23.72  ? 108 ILE A CG2 1 
ATOM   836  C CD1 . ILE A 1 108 ? -3.568  6.937   -10.280 1.00 35.28  ? 108 ILE A CD1 1 
ATOM   837  N N   . GLU A 1 109 ? -2.257  9.768   -14.272 1.00 23.33  ? 109 GLU A N   1 
ATOM   838  C CA  . GLU A 1 109 ? -1.872  10.882  -15.144 1.00 22.53  ? 109 GLU A CA  1 
ATOM   839  C C   . GLU A 1 109 ? -1.945  12.190  -14.376 1.00 23.68  ? 109 GLU A C   1 
ATOM   840  O O   . GLU A 1 109 ? -1.095  13.063  -14.524 1.00 25.60  ? 109 GLU A O   1 
ATOM   841  C CB  . GLU A 1 109 ? -2.806  11.019  -16.360 1.00 31.58  ? 109 GLU A CB  1 
ATOM   842  C CG  . GLU A 1 109 ? -2.754  9.899   -17.330 1.00 35.20  ? 109 GLU A CG  1 
ATOM   843  C CD  . GLU A 1 109 ? -3.293  10.305  -18.690 1.00 34.37  ? 109 GLU A CD  1 
ATOM   844  O OE1 . GLU A 1 109 ? -3.423  9.414   -19.545 1.00 35.49  ? 109 GLU A OE1 1 
ATOM   845  O OE2 . GLU A 1 109 ? -3.579  11.507  -18.898 1.00 33.86  ? 109 GLU A OE2 1 
ATOM   846  N N   . ASN A 1 110 ? -2.985  12.328  -13.562 1.00 17.66  ? 110 ASN A N   1 
ATOM   847  C CA  . ASN A 1 110 ? -3.179  13.540  -12.773 1.00 18.09  ? 110 ASN A CA  1 
ATOM   848  C C   . ASN A 1 110 ? -3.838  13.138  -11.465 1.00 18.89  ? 110 ASN A C   1 
ATOM   849  O O   . ASN A 1 110 ? -4.830  12.391  -11.457 1.00 17.47  ? 110 ASN A O   1 
ATOM   850  C CB  . ASN A 1 110 ? -4.087  14.534  -13.524 1.00 22.00  ? 110 ASN A CB  1 
ATOM   851  C CG  . ASN A 1 110 ? -4.026  15.931  -12.928 1.00 24.29  ? 110 ASN A CG  1 
ATOM   852  O OD1 . ASN A 1 110 ? -2.939  16.484  -12.757 1.00 25.86  ? 110 ASN A OD1 1 
ATOM   853  N ND2 . ASN A 1 110 ? -5.186  16.502  -12.607 1.00 25.35  ? 110 ASN A ND2 1 
ATOM   854  N N   . GLY A 1 111 ? -3.289  13.634  -10.365 1.00 21.10  ? 111 GLY A N   1 
ATOM   855  C CA  . GLY A 1 111 ? -3.836  13.292  -9.074  1.00 18.91  ? 111 GLY A CA  1 
ATOM   856  C C   . GLY A 1 111 ? -2.763  12.706  -8.174  1.00 18.20  ? 111 GLY A C   1 
ATOM   857  O O   . GLY A 1 111 ? -1.614  12.501  -8.598  1.00 19.91  ? 111 GLY A O   1 
ATOM   858  N N   . LEU A 1 112 ? -3.147  12.417  -6.937  1.00 20.95  ? 112 LEU A N   1 
ATOM   859  C CA  . LEU A 1 112 ? -2.214  11.885  -5.947  1.00 22.09  ? 112 LEU A CA  1 
ATOM   860  C C   . LEU A 1 112 ? -2.856  10.809  -5.094  1.00 21.94  ? 112 LEU A C   1 
ATOM   861  O O   . LEU A 1 112 ? -4.065  10.839  -4.845  1.00 21.85  ? 112 LEU A O   1 
ATOM   862  C CB  . LEU A 1 112 ? -1.768  12.998  -4.979  1.00 22.77  ? 112 LEU A CB  1 
ATOM   863  C CG  . LEU A 1 112 ? -1.056  14.233  -5.533  1.00 21.95  ? 112 LEU A CG  1 
ATOM   864  C CD1 . LEU A 1 112 ? -1.191  15.401  -4.548  1.00 22.51  ? 112 LEU A CD1 1 
ATOM   865  C CD2 . LEU A 1 112 ? 0.420   13.889  -5.802  1.00 22.60  ? 112 LEU A CD2 1 
ATOM   866  N N   . ILE A 1 113 ? -2.041  9.857   -4.654  1.00 18.24  ? 113 ILE A N   1 
ATOM   867  C CA  . ILE A 1 113 ? -2.524  8.849   -3.735  1.00 15.73  ? 113 ILE A CA  1 
ATOM   868  C C   . ILE A 1 113 ? -2.387  9.563   -2.381  1.00 16.47  ? 113 ILE A C   1 
ATOM   869  O O   . ILE A 1 113 ? -1.317  10.103  -2.055  1.00 17.66  ? 113 ILE A O   1 
ATOM   870  C CB  . ILE A 1 113 ? -1.614  7.608   -3.758  1.00 20.82  ? 113 ILE A CB  1 
ATOM   871  C CG1 . ILE A 1 113 ? -1.743  6.921   -5.132  1.00 20.62  ? 113 ILE A CG1 1 
ATOM   872  C CG2 . ILE A 1 113 ? -1.973  6.662   -2.606  1.00 18.07  ? 113 ILE A CG2 1 
ATOM   873  C CD1 . ILE A 1 113 ? -0.675  5.875   -5.390  1.00 35.92  ? 113 ILE A CD1 1 
ATOM   874  N N   . VAL A 1 114 ? -3.453  9.585   -1.589  1.00 16.40  ? 114 VAL A N   1 
ATOM   875  C CA  . VAL A 1 114 ? -3.378  10.267  -0.301  1.00 17.65  ? 114 VAL A CA  1 
ATOM   876  C C   . VAL A 1 114 ? -3.787  9.384   0.858   1.00 18.07  ? 114 VAL A C   1 
ATOM   877  O O   . VAL A 1 114 ? -3.989  9.881   1.965   1.00 19.96  ? 114 VAL A O   1 
ATOM   878  C CB  . VAL A 1 114 ? -4.263  11.529  -0.268  1.00 19.44  ? 114 VAL A CB  1 
ATOM   879  C CG1 . VAL A 1 114 ? -3.780  12.525  -1.316  1.00 18.79  ? 114 VAL A CG1 1 
ATOM   880  C CG2 . VAL A 1 114 ? -5.728  11.149  -0.526  1.00 18.13  ? 114 VAL A CG2 1 
ATOM   881  N N   . GLY A 1 115 ? -3.899  8.078   0.613   1.00 19.93  ? 115 GLY A N   1 
ATOM   882  C CA  . GLY A 1 115 ? -4.279  7.186   1.697   1.00 19.92  ? 115 GLY A CA  1 
ATOM   883  C C   . GLY A 1 115 ? -4.435  5.740   1.298   1.00 19.81  ? 115 GLY A C   1 
ATOM   884  O O   . GLY A 1 115 ? -4.637  5.428   0.132   1.00 17.95  ? 115 GLY A O   1 
ATOM   885  N N   . PHE A 1 116 ? -4.380  4.852   2.285   1.00 18.57  ? 116 PHE A N   1 
ATOM   886  C CA  . PHE A 1 116 ? -4.481  3.418   2.036   1.00 19.50  ? 116 PHE A CA  1 
ATOM   887  C C   . PHE A 1 116 ? -5.455  2.758   3.002   1.00 19.67  ? 116 PHE A C   1 
ATOM   888  O O   . PHE A 1 116 ? -5.662  3.230   4.129   1.00 19.86  ? 116 PHE A O   1 
ATOM   889  C CB  . PHE A 1 116 ? -3.118  2.748   2.242   1.00 23.08  ? 116 PHE A CB  1 
ATOM   890  C CG  . PHE A 1 116 ? -2.091  3.097   1.207   1.00 22.99  ? 116 PHE A CG  1 
ATOM   891  C CD1 . PHE A 1 116 ? -1.980  2.348   0.036   1.00 24.42  ? 116 PHE A CD1 1 
ATOM   892  C CD2 . PHE A 1 116 ? -1.226  4.161   1.404   1.00 23.89  ? 116 PHE A CD2 1 
ATOM   893  C CE1 . PHE A 1 116 ? -1.008  2.660   -0.927  1.00 22.44  ? 116 PHE A CE1 1 
ATOM   894  C CE2 . PHE A 1 116 ? -0.256  4.485   0.457   1.00 25.05  ? 116 PHE A CE2 1 
ATOM   895  C CZ  . PHE A 1 116 ? -0.145  3.735   -0.713  1.00 23.82  ? 116 PHE A CZ  1 
ATOM   896  N N   . LYS A 1 117 ? -6.033  1.648   2.560   1.00 19.99  ? 117 LYS A N   1 
ATOM   897  C CA  . LYS A 1 117 ? -6.923  0.873   3.419   1.00 21.77  ? 117 LYS A CA  1 
ATOM   898  C C   . LYS A 1 117 ? -6.701  -0.542  2.936   1.00 21.24  ? 117 LYS A C   1 
ATOM   899  O O   . LYS A 1 117 ? -6.234  -0.745  1.813   1.00 20.01  ? 117 LYS A O   1 
ATOM   900  C CB  . LYS A 1 117 ? -8.388  1.292   3.260   1.00 32.95  ? 117 LYS A CB  1 
ATOM   901  C CG  . LYS A 1 117 ? -8.975  1.063   1.888   1.00 35.89  ? 117 LYS A CG  1 
ATOM   902  C CD  . LYS A 1 117 ? -10.189 1.947   1.653   1.00 39.09  ? 117 LYS A CD  1 
ATOM   903  C CE  . LYS A 1 117 ? -11.305 1.699   2.654   1.00 40.17  ? 117 LYS A CE  1 
ATOM   904  N NZ  . LYS A 1 117 ? -11.845 0.323   2.566   1.00 42.22  ? 117 LYS A NZ  1 
ATOM   905  N N   . GLY A 1 118 ? -6.995  -1.524  3.777   1.00 18.50  ? 118 GLY A N   1 
ATOM   906  C CA  . GLY A 1 118 ? -6.794  -2.899  3.348   1.00 17.93  ? 118 GLY A CA  1 
ATOM   907  C C   . GLY A 1 118 ? -7.034  -3.888  4.465   1.00 19.20  ? 118 GLY A C   1 
ATOM   908  O O   . GLY A 1 118 ? -7.803  -3.624  5.389   1.00 19.43  ? 118 GLY A O   1 
ATOM   909  N N   . SER A 1 119 ? -6.362  -5.031  4.384   1.00 21.61  ? 119 SER A N   1 
ATOM   910  C CA  . SER A 1 119 ? -6.530  -6.066  5.394   1.00 22.41  ? 119 SER A CA  1 
ATOM   911  C C   . SER A 1 119 ? -5.288  -6.932  5.428   1.00 22.57  ? 119 SER A C   1 
ATOM   912  O O   . SER A 1 119 ? -4.697  -7.210  4.383   1.00 20.09  ? 119 SER A O   1 
ATOM   913  C CB  . SER A 1 119 ? -7.754  -6.925  5.041   1.00 30.33  ? 119 SER A CB  1 
ATOM   914  O OG  . SER A 1 119 ? -7.852  -8.098  5.837   1.00 33.06  ? 119 SER A OG  1 
ATOM   915  N N   . ILE A 1 120 ? -4.893  -7.357  6.624   1.00 19.54  ? 120 ILE A N   1 
ATOM   916  C CA  . ILE A 1 120 ? -3.721  -8.224  6.760   1.00 19.98  ? 120 ILE A CA  1 
ATOM   917  C C   . ILE A 1 120 ? -4.011  -9.331  7.765   1.00 21.43  ? 120 ILE A C   1 
ATOM   918  O O   . ILE A 1 120 ? -4.461  -9.053  8.877   1.00 22.97  ? 120 ILE A O   1 
ATOM   919  C CB  . ILE A 1 120 ? -2.468  -7.446  7.257   1.00 26.54  ? 120 ILE A CB  1 
ATOM   920  C CG1 . ILE A 1 120 ? -2.048  -6.397  6.220   1.00 24.34  ? 120 ILE A CG1 1 
ATOM   921  C CG2 . ILE A 1 120 ? -1.318  -8.425  7.513   1.00 26.54  ? 120 ILE A CG2 1 
ATOM   922  C CD1 . ILE A 1 120 ? -0.917  -5.487  6.687   1.00 34.51  ? 120 ILE A CD1 1 
ATOM   923  N N   . GLY A 1 121 ? -3.771  -10.574 7.342   1.00 24.88  ? 121 GLY A N   1 
ATOM   924  C CA  . GLY A 1 121 ? -3.961  -11.736 8.198   1.00 24.11  ? 121 GLY A CA  1 
ATOM   925  C C   . GLY A 1 121 ? -2.540  -12.209 8.432   1.00 24.58  ? 121 GLY A C   1 
ATOM   926  O O   . GLY A 1 121 ? -1.872  -11.722 9.342   1.00 23.90  ? 121 GLY A O   1 
ATOM   927  N N   . TYR A 1 122 ? -2.077  -13.153 7.622   1.00 26.92  ? 122 TYR A N   1 
ATOM   928  C CA  . TYR A 1 122 ? -0.692  -13.596 7.714   1.00 25.04  ? 122 TYR A CA  1 
ATOM   929  C C   . TYR A 1 122 ? 0.017   -12.686 6.712   1.00 23.83  ? 122 TYR A C   1 
ATOM   930  O O   . TYR A 1 122 ? 1.171   -12.301 6.903   1.00 23.36  ? 122 TYR A O   1 
ATOM   931  C CB  . TYR A 1 122 ? -0.537  -15.056 7.267   1.00 25.50  ? 122 TYR A CB  1 
ATOM   932  C CG  . TYR A 1 122 ? -0.605  -16.085 8.382   1.00 27.75  ? 122 TYR A CG  1 
ATOM   933  C CD1 . TYR A 1 122 ? -1.363  -15.859 9.534   1.00 28.17  ? 122 TYR A CD1 1 
ATOM   934  C CD2 . TYR A 1 122 ? 0.055   -17.311 8.257   1.00 29.91  ? 122 TYR A CD2 1 
ATOM   935  C CE1 . TYR A 1 122 ? -1.462  -16.838 10.539  1.00 28.87  ? 122 TYR A CE1 1 
ATOM   936  C CE2 . TYR A 1 122 ? -0.038  -18.295 9.249   1.00 30.06  ? 122 TYR A CE2 1 
ATOM   937  C CZ  . TYR A 1 122 ? -0.795  -18.055 10.379  1.00 29.46  ? 122 TYR A CZ  1 
ATOM   938  O OH  . TYR A 1 122 ? -0.907  -19.037 11.340  1.00 30.04  ? 122 TYR A OH  1 
ATOM   939  N N   . TRP A 1 123 ? -0.709  -12.339 5.647   1.00 22.03  ? 123 TRP A N   1 
ATOM   940  C CA  . TRP A 1 123 ? -0.185  -11.488 4.587   1.00 21.45  ? 123 TRP A CA  1 
ATOM   941  C C   . TRP A 1 123 ? -1.206  -10.414 4.208   1.00 21.80  ? 123 TRP A C   1 
ATOM   942  O O   . TRP A 1 123 ? -2.359  -10.432 4.662   1.00 21.01  ? 123 TRP A O   1 
ATOM   943  C CB  . TRP A 1 123 ? 0.126   -12.331 3.347   1.00 26.46  ? 123 TRP A CB  1 
ATOM   944  C CG  . TRP A 1 123 ? 1.047   -13.480 3.618   1.00 26.93  ? 123 TRP A CG  1 
ATOM   945  C CD1 . TRP A 1 123 ? 2.401   -13.427 3.814   1.00 29.03  ? 123 TRP A CD1 1 
ATOM   946  C CD2 . TRP A 1 123 ? 0.667   -14.845 3.819   1.00 29.22  ? 123 TRP A CD2 1 
ATOM   947  N NE1 . TRP A 1 123 ? 2.887   -14.675 4.131   1.00 28.31  ? 123 TRP A NE1 1 
ATOM   948  C CE2 . TRP A 1 123 ? 1.844   -15.564 4.140   1.00 28.68  ? 123 TRP A CE2 1 
ATOM   949  C CE3 . TRP A 1 123 ? -0.556  -15.530 3.759   1.00 27.97  ? 123 TRP A CE3 1 
ATOM   950  C CZ2 . TRP A 1 123 ? 1.834   -16.931 4.399   1.00 30.79  ? 123 TRP A CZ2 1 
ATOM   951  C CZ3 . TRP A 1 123 ? -0.565  -16.892 4.019   1.00 31.71  ? 123 TRP A CZ3 1 
ATOM   952  C CH2 . TRP A 1 123 ? 0.622   -17.577 4.336   1.00 30.20  ? 123 TRP A CH2 1 
ATOM   953  N N   . LEU A 1 124 ? -0.768  -9.472  3.378   1.00 22.15  ? 124 LEU A N   1 
ATOM   954  C CA  . LEU A 1 124 ? -1.641  -8.400  2.907   1.00 21.48  ? 124 LEU A CA  1 
ATOM   955  C C   . LEU A 1 124 ? -2.705  -9.070  2.016   1.00 21.43  ? 124 LEU A C   1 
ATOM   956  O O   . LEU A 1 124 ? -2.387  -9.577  0.930   1.00 21.37  ? 124 LEU A O   1 
ATOM   957  C CB  . LEU A 1 124 ? -0.817  -7.405  2.092   1.00 21.65  ? 124 LEU A CB  1 
ATOM   958  C CG  . LEU A 1 124 ? -1.564  -6.227  1.475   1.00 20.89  ? 124 LEU A CG  1 
ATOM   959  C CD1 . LEU A 1 124 ? -2.269  -5.448  2.562   1.00 19.38  ? 124 LEU A CD1 1 
ATOM   960  C CD2 . LEU A 1 124 ? -0.565  -5.358  0.708   1.00 21.50  ? 124 LEU A CD2 1 
ATOM   961  N N   . ASP A 1 125 ? -3.952  -9.093  2.487   1.00 16.58  ? 125 ASP A N   1 
ATOM   962  C CA  . ASP A 1 125 ? -5.038  -9.742  1.742   1.00 19.41  ? 125 ASP A CA  1 
ATOM   963  C C   . ASP A 1 125 ? -5.463  -8.933  0.515   1.00 20.47  ? 125 ASP A C   1 
ATOM   964  O O   . ASP A 1 125 ? -5.634  -9.471  -0.582  1.00 21.17  ? 125 ASP A O   1 
ATOM   965  C CB  . ASP A 1 125 ? -6.248  -9.930  2.662   1.00 17.93  ? 125 ASP A CB  1 
ATOM   966  C CG  . ASP A 1 125 ? -5.907  -10.728 3.915   1.00 21.91  ? 125 ASP A CG  1 
ATOM   967  O OD1 . ASP A 1 125 ? -5.384  -11.858 3.756   1.00 21.79  ? 125 ASP A OD1 1 
ATOM   968  O OD2 . ASP A 1 125 ? -6.155  -10.235 5.042   1.00 24.22  ? 125 ASP A OD2 1 
ATOM   969  N N   . TYR A 1 126 ? -5.655  -7.634  0.723   1.00 24.07  ? 126 TYR A N   1 
ATOM   970  C CA  . TYR A 1 126 ? -6.058  -6.748  -0.357  1.00 23.46  ? 126 TYR A CA  1 
ATOM   971  C C   . TYR A 1 126 ? -5.787  -5.326  0.088   1.00 21.10  ? 126 TYR A C   1 
ATOM   972  O O   . TYR A 1 126 ? -5.459  -5.082  1.250   1.00 19.62  ? 126 TYR A O   1 
ATOM   973  C CB  . TYR A 1 126 ? -7.561  -6.920  -0.675  1.00 22.41  ? 126 TYR A CB  1 
ATOM   974  C CG  . TYR A 1 126 ? -8.494  -6.659  0.496   1.00 25.32  ? 126 TYR A CG  1 
ATOM   975  C CD1 . TYR A 1 126 ? -8.790  -5.355  0.906   1.00 26.72  ? 126 TYR A CD1 1 
ATOM   976  C CD2 . TYR A 1 126 ? -9.046  -7.721  1.230   1.00 27.33  ? 126 TYR A CD2 1 
ATOM   977  C CE1 . TYR A 1 126 ? -9.602  -5.118  2.017   1.00 27.61  ? 126 TYR A CE1 1 
ATOM   978  C CE2 . TYR A 1 126 ? -9.861  -7.493  2.344   1.00 27.93  ? 126 TYR A CE2 1 
ATOM   979  C CZ  . TYR A 1 126 ? -10.132 -6.192  2.728   1.00 28.35  ? 126 TYR A CZ  1 
ATOM   980  O OH  . TYR A 1 126 ? -10.935 -5.942  3.825   1.00 28.52  ? 126 TYR A OH  1 
ATOM   981  N N   . PHE A 1 127 ? -5.910  -4.385  -0.839  1.00 18.66  ? 127 PHE A N   1 
ATOM   982  C CA  . PHE A 1 127 ? -5.725  -3.000  -0.482  1.00 17.36  ? 127 PHE A CA  1 
ATOM   983  C C   . PHE A 1 127 ? -6.404  -2.100  -1.514  1.00 17.54  ? 127 PHE A C   1 
ATOM   984  O O   . PHE A 1 127 ? -6.651  -2.512  -2.665  1.00 17.71  ? 127 PHE A O   1 
ATOM   985  C CB  . PHE A 1 127 ? -4.230  -2.659  -0.337  1.00 27.63  ? 127 PHE A CB  1 
ATOM   986  C CG  . PHE A 1 127 ? -3.513  -2.444  -1.639  1.00 29.00  ? 127 PHE A CG  1 
ATOM   987  C CD1 . PHE A 1 127 ? -3.268  -3.503  -2.505  1.00 30.38  ? 127 PHE A CD1 1 
ATOM   988  C CD2 . PHE A 1 127 ? -3.092  -1.164  -2.003  1.00 29.57  ? 127 PHE A CD2 1 
ATOM   989  C CE1 . PHE A 1 127 ? -2.613  -3.292  -3.722  1.00 29.48  ? 127 PHE A CE1 1 
ATOM   990  C CE2 . PHE A 1 127 ? -2.438  -0.941  -3.216  1.00 30.34  ? 127 PHE A CE2 1 
ATOM   991  C CZ  . PHE A 1 127 ? -2.198  -2.012  -4.078  1.00 31.04  ? 127 PHE A CZ  1 
ATOM   992  N N   . SER A 1 128 ? -6.730  -0.894  -1.058  1.00 19.84  ? 128 SER A N   1 
ATOM   993  C CA  . SER A 1 128 ? -7.386  0.128   -1.872  1.00 19.31  ? 128 SER A CA  1 
ATOM   994  C C   . SER A 1 128 ? -6.657  1.434   -1.586  1.00 20.15  ? 128 SER A C   1 
ATOM   995  O O   . SER A 1 128 ? -5.989  1.566   -0.543  1.00 19.84  ? 128 SER A O   1 
ATOM   996  C CB  . SER A 1 128 ? -8.865  0.271   -1.479  1.00 23.04  ? 128 SER A CB  1 
ATOM   997  O OG  . SER A 1 128 ? -9.568  -0.948  -1.688  1.00 22.33  ? 128 SER A OG  1 
ATOM   998  N N   . MET A 1 129 ? -6.778  2.394   -2.497  1.00 17.84  ? 129 MET A N   1 
ATOM   999  C CA  . MET A 1 129 ? -6.108  3.675   -2.318  1.00 18.80  ? 129 MET A CA  1 
ATOM   1000 C C   . MET A 1 129 ? -7.044  4.854   -2.484  1.00 17.92  ? 129 MET A C   1 
ATOM   1001 O O   . MET A 1 129 ? -7.948  4.833   -3.337  1.00 17.15  ? 129 MET A O   1 
ATOM   1002 C CB  . MET A 1 129 ? -4.966  3.820   -3.328  1.00 24.93  ? 129 MET A CB  1 
ATOM   1003 C CG  . MET A 1 129 ? -3.857  2.799   -3.160  1.00 26.39  ? 129 MET A CG  1 
ATOM   1004 S SD  . MET A 1 129 ? -2.645  2.897   -4.490  1.00 27.58  ? 129 MET A SD  1 
ATOM   1005 C CE  . MET A 1 129 ? -3.387  1.869   -5.727  1.00 29.62  ? 129 MET A CE  1 
ATOM   1006 N N   . TYR A 1 130 ? -6.815  5.877   -1.667  1.00 19.63  ? 130 TYR A N   1 
ATOM   1007 C CA  . TYR A 1 130 ? -7.581  7.116   -1.736  1.00 19.25  ? 130 TYR A CA  1 
ATOM   1008 C C   . TYR A 1 130 ? -6.843  8.000   -2.746  1.00 18.63  ? 130 TYR A C   1 
ATOM   1009 O O   . TYR A 1 130 ? -5.615  8.113   -2.692  1.00 17.92  ? 130 TYR A O   1 
ATOM   1010 C CB  . TYR A 1 130 ? -7.595  7.840   -0.394  1.00 20.39  ? 130 TYR A CB  1 
ATOM   1011 C CG  . TYR A 1 130 ? -8.426  7.192   0.692   1.00 19.72  ? 130 TYR A CG  1 
ATOM   1012 C CD1 . TYR A 1 130 ? -8.025  5.999   1.296   1.00 19.52  ? 130 TYR A CD1 1 
ATOM   1013 C CD2 . TYR A 1 130 ? -9.591  7.804   1.151   1.00 19.04  ? 130 TYR A CD2 1 
ATOM   1014 C CE1 . TYR A 1 130 ? -8.761  5.440   2.340   1.00 21.16  ? 130 TYR A CE1 1 
ATOM   1015 C CE2 . TYR A 1 130 ? -10.337 7.256   2.187   1.00 23.85  ? 130 TYR A CE2 1 
ATOM   1016 C CZ  . TYR A 1 130 ? -9.915  6.082   2.779   1.00 21.96  ? 130 TYR A CZ  1 
ATOM   1017 O OH  . TYR A 1 130 ? -10.627 5.584   3.842   1.00 23.31  ? 130 TYR A OH  1 
ATOM   1018 N N   . LEU A 1 131 ? -7.578  8.619   -3.664  1.00 18.19  ? 131 LEU A N   1 
ATOM   1019 C CA  . LEU A 1 131 ? -6.962  9.496   -4.664  1.00 18.23  ? 131 LEU A CA  1 
ATOM   1020 C C   . LEU A 1 131 ? -7.593  10.868  -4.539  1.00 18.97  ? 131 LEU A C   1 
ATOM   1021 O O   . LEU A 1 131 ? -8.793  10.983  -4.264  1.00 19.50  ? 131 LEU A O   1 
ATOM   1022 C CB  . LEU A 1 131 ? -7.213  9.009   -6.098  1.00 21.24  ? 131 LEU A CB  1 
ATOM   1023 C CG  . LEU A 1 131 ? -6.768  7.604   -6.492  1.00 20.63  ? 131 LEU A CG  1 
ATOM   1024 C CD1 . LEU A 1 131 ? -7.059  7.393   -8.013  1.00 21.66  ? 131 LEU A CD1 1 
ATOM   1025 C CD2 . LEU A 1 131 ? -5.293  7.438   -6.202  1.00 22.24  ? 131 LEU A CD2 1 
ATOM   1026 N N   . SER A 1 132 ? -6.798  11.900  -4.793  1.00 21.47  ? 132 SER A N   1 
ATOM   1027 C CA  . SER A 1 132 ? -7.285  13.265  -4.709  1.00 21.23  ? 132 SER A CA  1 
ATOM   1028 C C   . SER A 1 132 ? -6.394  14.172  -5.537  1.00 20.91  ? 132 SER A C   1 
ATOM   1029 O O   . SER A 1 132 ? -5.318  13.758  -5.960  1.00 19.84  ? 132 SER A O   1 
ATOM   1030 C CB  . SER A 1 132 ? -7.244  13.716  -3.245  1.00 24.04  ? 132 SER A CB  1 
ATOM   1031 O OG  . SER A 1 132 ? -7.651  15.065  -3.117  1.00 27.50  ? 132 SER A OG  1 
ATOM   1032 N N   . LEU A 1 133 ? -6.880  15.382  -5.820  1.00 15.40  ? 133 LEU A N   1 
ATOM   1033 C CA  . LEU A 1 133 ? -6.071  16.394  -6.493  1.00 17.52  ? 133 LEU A CA  1 
ATOM   1034 C C   . LEU A 1 133 ? -5.344  17.111  -5.324  1.00 18.77  ? 133 LEU A C   1 
ATOM   1035 O O   . LEU A 1 133 ? -5.713  16.835  -4.160  1.00 35.02  ? 133 LEU A O   1 
ATOM   1036 C CB  . LEU A 1 133 ? -6.960  17.425  -7.178  1.00 22.58  ? 133 LEU A CB  1 
ATOM   1037 C CG  . LEU A 1 133 ? -7.698  16.841  -8.374  1.00 22.81  ? 133 LEU A CG  1 
ATOM   1038 C CD1 . LEU A 1 133 ? -8.787  17.825  -8.843  1.00 25.83  ? 133 LEU A CD1 1 
ATOM   1039 C CD2 . LEU A 1 133 ? -6.676  16.531  -9.466  1.00 21.94  ? 133 LEU A CD2 1 
ATOM   1040 N N   . GLN B 2 3   ? -26.480 14.176  2.501   1.00 71.54  ? 3   GLN B N   1 
ATOM   1041 C CA  . GLN B 2 3   ? -25.031 14.210  2.867   1.00 68.99  ? 3   GLN B CA  1 
ATOM   1042 C C   . GLN B 2 3   ? -24.827 14.322  4.378   1.00 67.00  ? 3   GLN B C   1 
ATOM   1043 O O   . GLN B 2 3   ? -25.702 14.793  5.104   1.00 67.83  ? 3   GLN B O   1 
ATOM   1044 C CB  . GLN B 2 3   ? -24.338 15.393  2.173   1.00 133.29 ? 3   GLN B CB  1 
ATOM   1045 C CG  . GLN B 2 3   ? -24.878 16.768  2.573   1.00 131.05 ? 3   GLN B CG  1 
ATOM   1046 C CD  . GLN B 2 3   ? -24.096 17.921  1.956   1.00 132.54 ? 3   GLN B CD  1 
ATOM   1047 O OE1 . GLN B 2 3   ? -23.984 18.028  0.734   1.00 130.04 ? 3   GLN B OE1 1 
ATOM   1048 N NE2 . GLN B 2 3   ? -23.555 18.792  2.803   1.00 131.40 ? 3   GLN B NE2 1 
ATOM   1049 N N   . SER B 2 4   ? -23.669 13.873  4.845   1.00 53.00  ? 4   SER B N   1 
ATOM   1050 C CA  . SER B 2 4   ? -23.329 13.947  6.262   1.00 50.90  ? 4   SER B CA  1 
ATOM   1051 C C   . SER B 2 4   ? -22.167 14.920  6.361   1.00 49.48  ? 4   SER B C   1 
ATOM   1052 O O   . SER B 2 4   ? -21.706 15.443  5.347   1.00 49.39  ? 4   SER B O   1 
ATOM   1053 C CB  . SER B 2 4   ? -22.891 12.582  6.792   1.00 46.61  ? 4   SER B CB  1 
ATOM   1054 O OG  . SER B 2 4   ? -21.675 12.182  6.180   1.00 45.55  ? 4   SER B OG  1 
ATOM   1055 N N   . GLY B 2 5   ? -21.685 15.153  7.576   1.00 32.75  ? 5   GLY B N   1 
ATOM   1056 C CA  . GLY B 2 5   ? -20.576 16.068  7.751   1.00 30.68  ? 5   GLY B CA  1 
ATOM   1057 C C   . GLY B 2 5   ? -19.207 15.446  7.563   1.00 28.62  ? 5   GLY B C   1 
ATOM   1058 O O   . GLY B 2 5   ? -18.212 16.005  8.030   1.00 28.93  ? 5   GLY B O   1 
ATOM   1059 N N   . ILE B 2 6   ? -19.131 14.295  6.896   1.00 23.06  ? 6   ILE B N   1 
ATOM   1060 C CA  . ILE B 2 6   ? -17.836 13.648  6.673   1.00 23.72  ? 6   ILE B CA  1 
ATOM   1061 C C   . ILE B 2 6   ? -17.375 13.897  5.238   1.00 22.57  ? 6   ILE B C   1 
ATOM   1062 O O   . ILE B 2 6   ? -18.117 13.636  4.296   1.00 22.42  ? 6   ILE B O   1 
ATOM   1063 C CB  . ILE B 2 6   ? -17.890 12.109  6.872   1.00 41.77  ? 6   ILE B CB  1 
ATOM   1064 C CG1 . ILE B 2 6   ? -18.269 11.757  8.314   1.00 43.85  ? 6   ILE B CG1 1 
ATOM   1065 C CG2 . ILE B 2 6   ? -16.532 11.511  6.554   1.00 43.17  ? 6   ILE B CG2 1 
ATOM   1066 C CD1 . ILE B 2 6   ? -18.319 10.244  8.588   1.00 38.96  ? 6   ILE B CD1 1 
ATOM   1067 N N   . SER B 2 7   ? -16.147 14.386  5.084   1.00 20.69  ? 7   SER B N   1 
ATOM   1068 C CA  . SER B 2 7   ? -15.578 14.660  3.762   1.00 20.98  ? 7   SER B CA  1 
ATOM   1069 C C   . SER B 2 7   ? -15.330 13.350  3.008   1.00 21.76  ? 7   SER B C   1 
ATOM   1070 O O   . SER B 2 7   ? -14.934 12.348  3.617   1.00 21.97  ? 7   SER B O   1 
ATOM   1071 C CB  . SER B 2 7   ? -14.254 15.399  3.923   1.00 29.90  ? 7   SER B CB  1 
ATOM   1072 O OG  . SER B 2 7   ? -13.647 15.600  2.668   1.00 36.41  ? 7   SER B OG  1 
ATOM   1073 N N   . GLN B 2 8   ? -15.536 13.378  1.693   1.00 22.21  ? 8   GLN B N   1 
ATOM   1074 C CA  . GLN B 2 8   ? -15.349 12.202  0.840   1.00 22.96  ? 8   GLN B CA  1 
ATOM   1075 C C   . GLN B 2 8   ? -14.169 12.331  -0.112  1.00 21.54  ? 8   GLN B C   1 
ATOM   1076 O O   . GLN B 2 8   ? -13.767 13.441  -0.477  1.00 18.35  ? 8   GLN B O   1 
ATOM   1077 C CB  . GLN B 2 8   ? -16.610 11.937  0.020   1.00 49.62  ? 8   GLN B CB  1 
ATOM   1078 C CG  . GLN B 2 8   ? -17.775 11.397  0.818   1.00 56.28  ? 8   GLN B CG  1 
ATOM   1079 C CD  . GLN B 2 8   ? -18.946 11.032  -0.071  1.00 61.10  ? 8   GLN B CD  1 
ATOM   1080 O OE1 . GLN B 2 8   ? -18.833 10.170  -0.953  1.00 64.02  ? 8   GLN B OE1 1 
ATOM   1081 N NE2 . GLN B 2 8   ? -20.083 11.693  0.148   1.00 60.12  ? 8   GLN B NE2 1 
ATOM   1082 N N   . THR B 2 9   ? -13.660 11.185  -0.559  1.00 20.90  ? 9   THR B N   1 
ATOM   1083 C CA  . THR B 2 9   ? -12.517 11.146  -1.455  1.00 20.25  ? 9   THR B CA  1 
ATOM   1084 C C   . THR B 2 9   ? -12.736 10.005  -2.443  1.00 18.21  ? 9   THR B C   1 
ATOM   1085 O O   . THR B 2 9   ? -13.457 9.055   -2.125  1.00 18.84  ? 9   THR B O   1 
ATOM   1086 C CB  . THR B 2 9   ? -11.220 10.842  -0.623  1.00 29.71  ? 9   THR B CB  1 
ATOM   1087 O OG1 . THR B 2 9   ? -11.037 11.856  0.383   1.00 33.53  ? 9   THR B OG1 1 
ATOM   1088 C CG2 . THR B 2 9   ? -10.006 10.792  -1.500  1.00 29.02  ? 9   THR B CG2 1 
ATOM   1089 N N   . VAL B 2 10  ? -12.138 10.085  -3.629  1.00 16.41  ? 10  VAL B N   1 
ATOM   1090 C CA  . VAL B 2 10  ? -12.240 8.981   -4.583  1.00 15.18  ? 10  VAL B CA  1 
ATOM   1091 C C   . VAL B 2 10  ? -11.415 7.834   -3.974  1.00 16.81  ? 10  VAL B C   1 
ATOM   1092 O O   . VAL B 2 10  ? -10.354 8.073   -3.374  1.00 16.73  ? 10  VAL B O   1 
ATOM   1093 C CB  . VAL B 2 10  ? -11.629 9.367   -5.965  1.00 17.45  ? 10  VAL B CB  1 
ATOM   1094 C CG1 . VAL B 2 10  ? -11.428 8.113   -6.836  1.00 17.83  ? 10  VAL B CG1 1 
ATOM   1095 C CG2 . VAL B 2 10  ? -12.560 10.358  -6.690  1.00 18.29  ? 10  VAL B CG2 1 
ATOM   1096 N N   . ILE B 2 11  ? -11.906 6.602   -4.095  1.00 17.82  ? 11  ILE B N   1 
ATOM   1097 C CA  . ILE B 2 11  ? -11.179 5.420   -3.595  1.00 17.62  ? 11  ILE B CA  1 
ATOM   1098 C C   . ILE B 2 11  ? -11.208 4.362   -4.691  1.00 18.52  ? 11  ILE B C   1 
ATOM   1099 O O   . ILE B 2 11  ? -12.282 4.005   -5.206  1.00 18.81  ? 11  ILE B O   1 
ATOM   1100 C CB  . ILE B 2 11  ? -11.831 4.769   -2.314  1.00 20.55  ? 11  ILE B CB  1 
ATOM   1101 C CG1 . ILE B 2 11  ? -11.759 5.699   -1.093  1.00 17.92  ? 11  ILE B CG1 1 
ATOM   1102 C CG2 . ILE B 2 11  ? -11.070 3.493   -1.934  1.00 22.22  ? 11  ILE B CG2 1 
ATOM   1103 C CD1 . ILE B 2 11  ? -12.699 6.822   -1.136  1.00 37.21  ? 11  ILE B CD1 1 
ATOM   1104 N N   . VAL B 2 12  ? -10.038 3.859   -5.065  1.00 16.31  ? 12  VAL B N   1 
ATOM   1105 C CA  . VAL B 2 12  ? -9.984  2.824   -6.078  1.00 17.25  ? 12  VAL B CA  1 
ATOM   1106 C C   . VAL B 2 12  ? -9.464  1.556   -5.422  1.00 18.47  ? 12  VAL B C   1 
ATOM   1107 O O   . VAL B 2 12  ? -8.656  1.602   -4.464  1.00 16.56  ? 12  VAL B O   1 
ATOM   1108 C CB  . VAL B 2 12  ? -9.086  3.238   -7.260  1.00 21.90  ? 12  VAL B CB  1 
ATOM   1109 C CG1 . VAL B 2 12  ? -9.747  4.431   -8.017  1.00 22.30  ? 12  VAL B CG1 1 
ATOM   1110 C CG2 . VAL B 2 12  ? -7.697  3.616   -6.761  1.00 21.77  ? 12  VAL B CG2 1 
ATOM   1111 N N   . GLY B 2 13  ? -9.940  0.428   -5.935  1.00 19.30  ? 13  GLY B N   1 
ATOM   1112 C CA  . GLY B 2 13  ? -9.579  -0.872  -5.393  1.00 20.60  ? 13  GLY B CA  1 
ATOM   1113 C C   . GLY B 2 13  ? -10.868 -1.536  -4.935  1.00 21.17  ? 13  GLY B C   1 
ATOM   1114 O O   . GLY B 2 13  ? -11.952 -1.018  -5.202  1.00 20.48  ? 13  GLY B O   1 
ATOM   1115 N N   . PRO B 2 14  ? -10.791 -2.654  -4.203  1.00 23.67  ? 14  PRO B N   1 
ATOM   1116 C CA  . PRO B 2 14  ? -9.515  -3.255  -3.807  1.00 22.19  ? 14  PRO B CA  1 
ATOM   1117 C C   . PRO B 2 14  ? -8.943  -4.257  -4.799  1.00 23.05  ? 14  PRO B C   1 
ATOM   1118 O O   . PRO B 2 14  ? -9.653  -4.786  -5.661  1.00 22.11  ? 14  PRO B O   1 
ATOM   1119 C CB  . PRO B 2 14  ? -9.857  -3.921  -2.475  1.00 27.42  ? 14  PRO B CB  1 
ATOM   1120 C CG  . PRO B 2 14  ? -11.224 -4.482  -2.759  1.00 29.75  ? 14  PRO B CG  1 
ATOM   1121 C CD  . PRO B 2 14  ? -11.924 -3.338  -3.548  1.00 30.55  ? 14  PRO B CD  1 
ATOM   1122 N N   . TRP B 2 15  ? -7.640  -4.494  -4.679  1.00 21.37  ? 15  TRP B N   1 
ATOM   1123 C CA  . TRP B 2 15  ? -6.951  -5.499  -5.480  1.00 20.09  ? 15  TRP B CA  1 
ATOM   1124 C C   . TRP B 2 15  ? -6.539  -6.544  -4.442  1.00 20.43  ? 15  TRP B C   1 
ATOM   1125 O O   . TRP B 2 15  ? -6.116  -6.186  -3.344  1.00 19.79  ? 15  TRP B O   1 
ATOM   1126 C CB  . TRP B 2 15  ? -5.709  -4.912  -6.155  1.00 24.99  ? 15  TRP B CB  1 
ATOM   1127 C CG  . TRP B 2 15  ? -6.038  -4.039  -7.322  1.00 24.85  ? 15  TRP B CG  1 
ATOM   1128 C CD1 . TRP B 2 15  ? -6.320  -4.443  -8.606  1.00 26.42  ? 15  TRP B CD1 1 
ATOM   1129 C CD2 . TRP B 2 15  ? -6.164  -2.620  -7.306  1.00 25.39  ? 15  TRP B CD2 1 
ATOM   1130 N NE1 . TRP B 2 15  ? -6.615  -3.347  -9.390  1.00 26.41  ? 15  TRP B NE1 1 
ATOM   1131 C CE2 . TRP B 2 15  ? -6.527  -2.216  -8.615  1.00 26.29  ? 15  TRP B CE2 1 
ATOM   1132 C CE3 . TRP B 2 15  ? -6.009  -1.641  -6.310  1.00 23.83  ? 15  TRP B CE3 1 
ATOM   1133 C CZ2 . TRP B 2 15  ? -6.734  -0.877  -8.949  1.00 26.69  ? 15  TRP B CZ2 1 
ATOM   1134 C CZ3 . TRP B 2 15  ? -6.220  -0.303  -6.650  1.00 26.28  ? 15  TRP B CZ3 1 
ATOM   1135 C CH2 . TRP B 2 15  ? -6.579  0.061   -7.959  1.00 24.38  ? 15  TRP B CH2 1 
ATOM   1136 N N   . GLY B 2 16  ? -6.676  -7.822  -4.788  1.00 21.86  ? 16  GLY B N   1 
ATOM   1137 C CA  . GLY B 2 16  ? -6.341  -8.895  -3.858  1.00 24.81  ? 16  GLY B CA  1 
ATOM   1138 C C   . GLY B 2 16  ? -7.597  -9.705  -3.563  1.00 27.84  ? 16  GLY B C   1 
ATOM   1139 O O   . GLY B 2 16  ? -8.507  -9.741  -4.382  1.00 30.52  ? 16  GLY B O   1 
ATOM   1140 N N   . ALA B 2 17  ? -7.664  -10.357 -2.407  1.00 32.96  ? 17  ALA B N   1 
ATOM   1141 C CA  . ALA B 2 17  ? -8.851  -11.141 -2.070  1.00 36.64  ? 17  ALA B CA  1 
ATOM   1142 C C   . ALA B 2 17  ? -10.094 -10.249 -2.189  1.00 40.39  ? 17  ALA B C   1 
ATOM   1143 O O   . ALA B 2 17  ? -10.175 -9.192  -1.552  1.00 39.82  ? 17  ALA B O   1 
ATOM   1144 C CB  . ALA B 2 17  ? -8.725  -11.706 -0.646  1.00 34.50  ? 17  ALA B CB  1 
ATOM   1145 N N   . LYS B 2 18  ? -11.053 -10.660 -3.013  1.00 129.00 ? 18  LYS B N   1 
ATOM   1146 C CA  . LYS B 2 18  ? -12.270 -9.874  -3.197  1.00 133.01 ? 18  LYS B CA  1 
ATOM   1147 C C   . LYS B 2 18  ? -13.194 -10.005 -1.986  1.00 134.22 ? 18  LYS B C   1 
ATOM   1148 O O   . LYS B 2 18  ? -13.363 -8.998  -1.265  1.00 76.27  ? 18  LYS B O   1 
ATOM   1149 C CB  . LYS B 2 18  ? -13.006 -10.318 -4.469  1.00 81.03  ? 18  LYS B CB  1 
ATOM   1150 C CG  . LYS B 2 18  ? -12.207 -10.142 -5.763  1.00 83.18  ? 18  LYS B CG  1 
ATOM   1151 C CD  . LYS B 2 18  ? -11.873 -8.678  -6.054  1.00 85.31  ? 18  LYS B CD  1 
ATOM   1152 C CE  . LYS B 2 18  ? -11.083 -8.541  -7.356  1.00 86.36  ? 18  LYS B CE  1 
ATOM   1153 N NZ  . LYS B 2 18  ? -10.700 -7.128  -7.659  1.00 88.30  ? 18  LYS B NZ  1 
HETATM 1154 C C1  . SFP C 3 .   ? -4.796  -14.976 10.095  1.00 32.19  ? 134 SFP A C1  1 
HETATM 1155 C C2  . SFP C 3 .   ? -4.879  -14.020 11.023  1.00 31.87  ? 134 SFP A C2  1 
HETATM 1156 C C2A . SFP C 3 .   ? -6.157  -13.421 10.939  1.00 32.99  ? 134 SFP A C2A 1 
HETATM 1157 N N2B . SFP C 3 .   ? -6.860  -14.054 9.918   1.00 31.21  ? 134 SFP A N2B 1 
HETATM 1158 C C2C . SFP C 3 .   ? -6.026  -15.006 9.379   1.00 32.54  ? 134 SFP A C2C 1 
HETATM 1159 C CA  . SFP C 3 .   ? -6.659  -12.364 11.724  1.00 34.46  ? 134 SFP A CA  1 
HETATM 1160 C C4C . SFP C 3 .   ? -7.958  -11.790 11.645  1.00 36.87  ? 134 SFP A C4C 1 
HETATM 1161 C C3  . SFP C 3 .   ? -8.465  -10.714 12.441  1.00 38.04  ? 134 SFP A C3  1 
HETATM 1162 C C4  . SFP C 3 .   ? -9.732  -10.464 12.081  1.00 40.39  ? 134 SFP A C4  1 
HETATM 1163 C C4A . SFP C 3 .   ? -10.097 -11.362 11.032  1.00 41.80  ? 134 SFP A C4A 1 
HETATM 1164 N N4B . SFP C 3 .   ? -8.976  -12.186 10.769  1.00 39.07  ? 134 SFP A N4B 1 
HETATM 1165 C CB  . SFP C 3 .   ? -11.365 -11.424 10.349  1.00 47.01  ? 134 SFP A CB  1 
HETATM 1166 C C6C . SFP C 3 .   ? -11.691 -12.309 9.277   1.00 46.74  ? 134 SFP A C6C 1 
HETATM 1167 C C5  . SFP C 3 .   ? -12.934 -12.385 8.576   1.00 46.90  ? 134 SFP A C5  1 
HETATM 1168 C C6  . SFP C 3 .   ? -12.829 -13.318 7.602   1.00 46.07  ? 134 SFP A C6  1 
HETATM 1169 C C6A . SFP C 3 .   ? -11.526 -13.857 7.663   1.00 46.29  ? 134 SFP A C6A 1 
HETATM 1170 N N6B . SFP C 3 .   ? -10.840 -13.236 8.711   1.00 45.78  ? 134 SFP A N6B 1 
HETATM 1171 C CC  . SFP C 3 .   ? -10.984 -14.841 6.818   1.00 47.71  ? 134 SFP A CC  1 
HETATM 1172 C C8C . SFP C 3 .   ? -9.678  -15.377 6.906   1.00 44.39  ? 134 SFP A C8C 1 
HETATM 1173 C C7  . SFP C 3 .   ? -9.126  -16.368 6.061   1.00 43.24  ? 134 SFP A C7  1 
HETATM 1174 C C8  . SFP C 3 .   ? -7.902  -16.635 6.459   1.00 41.48  ? 134 SFP A C8  1 
HETATM 1175 C C8A . SFP C 3 .   ? -7.592  -15.822 7.584   1.00 39.91  ? 134 SFP A C8A 1 
HETATM 1176 N N8B . SFP C 3 .   ? -8.711  -15.027 7.853   1.00 41.65  ? 134 SFP A N8B 1 
HETATM 1177 C CD  . SFP C 3 .   ? -6.351  -15.826 8.302   1.00 36.36  ? 134 SFP A CD  1 
HETATM 1178 C C9  . SFP C 3 .   ? -13.463 -16.171 3.468   1.00 61.22  ? 134 SFP A C9  1 
HETATM 1179 C C10 . SFP C 3 .   ? -12.765 -14.939 3.387   1.00 59.00  ? 134 SFP A C10 1 
HETATM 1180 C C11 . SFP C 3 .   ? -11.979 -14.542 4.468   1.00 55.62  ? 134 SFP A C11 1 
HETATM 1181 C C12 . SFP C 3 .   ? -11.884 -15.394 5.671   1.00 52.85  ? 134 SFP A C12 1 
HETATM 1182 C C13 . SFP C 3 .   ? -12.598 -16.642 5.736   1.00 56.19  ? 134 SFP A C13 1 
HETATM 1183 C C14 . SFP C 3 .   ? -13.392 -17.027 4.624   1.00 58.95  ? 134 SFP A C14 1 
HETATM 1184 C C15 . SFP C 3 .   ? -13.242 -10.589 12.010  1.00 55.54  ? 134 SFP A C15 1 
HETATM 1185 C C16 . SFP C 3 .   ? -14.253 -9.660  12.308  1.00 58.36  ? 134 SFP A C16 1 
HETATM 1186 C C17 . SFP C 3 .   ? -14.532 -8.585  11.405  1.00 60.46  ? 134 SFP A C17 1 
HETATM 1187 C C18 . SFP C 3 .   ? -13.809 -8.405  10.190  1.00 58.33  ? 134 SFP A C18 1 
HETATM 1188 C C19 . SFP C 3 .   ? -12.799 -9.312  9.872   1.00 55.43  ? 134 SFP A C19 1 
HETATM 1189 C C20 . SFP C 3 .   ? -12.493 -10.434 10.781  1.00 52.51  ? 134 SFP A C20 1 
HETATM 1190 C C21 . SFP C 3 .   ? -3.559  -18.883 6.941   1.00 39.94  ? 134 SFP A C21 1 
HETATM 1191 C C22 . SFP C 3 .   ? -3.320  -17.539 6.486   1.00 38.02  ? 134 SFP A C22 1 
HETATM 1192 C C23 . SFP C 3 .   ? -4.191  -16.499 6.910   1.00 37.57  ? 134 SFP A C23 1 
HETATM 1193 C C24 . SFP C 3 .   ? -5.300  -16.853 7.800   1.00 36.44  ? 134 SFP A C24 1 
HETATM 1194 C C25 . SFP C 3 .   ? -5.488  -18.235 8.237   1.00 37.51  ? 134 SFP A C25 1 
HETATM 1195 C C26 . SFP C 3 .   ? -4.633  -19.209 7.811   1.00 38.21  ? 134 SFP A C26 1 
HETATM 1196 C C27 . SFP C 3 .   ? -5.850  -12.036 14.191  1.00 37.09  ? 134 SFP A C27 1 
HETATM 1197 C C28 . SFP C 3 .   ? -5.696  -11.745 12.771  1.00 35.48  ? 134 SFP A C28 1 
HETATM 1198 C C29 . SFP C 3 .   ? -4.645  -10.840 12.309  1.00 36.10  ? 134 SFP A C29 1 
HETATM 1199 C C30 . SFP C 3 .   ? -3.781  -10.246 13.254  1.00 37.32  ? 134 SFP A C30 1 
HETATM 1200 C C31 . SFP C 3 .   ? -3.951  -10.539 14.629  1.00 38.86  ? 134 SFP A C31 1 
HETATM 1201 C C32 . SFP C 3 .   ? -4.973  -11.427 15.112  1.00 36.67  ? 134 SFP A C32 1 
HETATM 1202 S S1  . SFP C 3 .   ? -14.439 -16.633 2.119   1.00 64.27  ? 134 SFP A S1  1 
HETATM 1203 O O2  . SFP C 3 .   ? -14.738 -18.031 2.213   1.00 65.38  ? 134 SFP A O2  1 
HETATM 1204 O O3  . SFP C 3 .   ? -13.668 -16.358 0.972   1.00 64.21  ? 134 SFP A O3  1 
HETATM 1205 O O4  . SFP C 3 .   ? -15.702 -15.769 2.144   1.00 64.59  ? 134 SFP A O4  1 
HETATM 1206 S S2  . SFP C 3 .   ? -15.803 -7.458  11.811  1.00 63.12  ? 134 SFP A S2  1 
HETATM 1207 O O5  . SFP C 3 .   ? -15.936 -6.451  10.790  1.00 64.16  ? 134 SFP A O5  1 
HETATM 1208 O O6  . SFP C 3 .   ? -15.456 -6.858  13.076  1.00 64.35  ? 134 SFP A O6  1 
HETATM 1209 O O7  . SFP C 3 .   ? -17.082 -8.295  11.905  1.00 63.97  ? 134 SFP A O7  1 
HETATM 1210 S S3  . SFP C 3 .   ? -2.517  -20.174 6.407   1.00 38.79  ? 134 SFP A S3  1 
HETATM 1211 O O8  . SFP C 3 .   ? -2.927  -21.415 6.985   1.00 44.01  ? 134 SFP A O8  1 
HETATM 1212 O O9  . SFP C 3 .   ? -1.200  -19.835 6.804   1.00 43.05  ? 134 SFP A O9  1 
HETATM 1213 O O10 . SFP C 3 .   ? -2.638  -20.241 4.889   1.00 42.63  ? 134 SFP A O10 1 
HETATM 1214 S S4  . SFP C 3 .   ? -2.899  -9.792  15.789  1.00 38.42  ? 134 SFP A S4  1 
HETATM 1215 O O11 . SFP C 3 .   ? -2.946  -10.563 16.959  1.00 42.42  ? 134 SFP A O11 1 
HETATM 1216 O O12 . SFP C 3 .   ? -3.359  -8.465  16.051  1.00 41.58  ? 134 SFP A O12 1 
HETATM 1217 O O13 . SFP C 3 .   ? -1.508  -9.803  15.189  1.00 40.21  ? 134 SFP A O13 1 
HETATM 1218 C C1  . SFP D 3 .   ? -9.720  -16.657 12.210  1.00 71.62  ? 135 SFP A C1  1 
HETATM 1219 C C2  . SFP D 3 .   ? -9.762  -15.738 13.181  1.00 71.20  ? 135 SFP A C2  1 
HETATM 1220 C C2A . SFP D 3 .   ? -11.042 -15.182 13.222  1.00 71.21  ? 135 SFP A C2A 1 
HETATM 1221 N N2B . SFP D 3 .   ? -11.800 -15.786 12.199  1.00 70.89  ? 135 SFP A N2B 1 
HETATM 1222 C C2C . SFP D 3 .   ? -10.982 -16.722 11.576  1.00 70.85  ? 135 SFP A C2C 1 
HETATM 1223 C CA  . SFP D 3 .   ? -11.514 -14.205 14.140  1.00 71.58  ? 135 SFP A CA  1 
HETATM 1224 C C4C . SFP D 3 .   ? -12.833 -13.673 14.188  1.00 73.57  ? 135 SFP A C4C 1 
HETATM 1225 C C3  . SFP D 3 .   ? -13.317 -12.720 15.129  1.00 74.82  ? 135 SFP A C3  1 
HETATM 1226 C C4  . SFP D 3 .   ? -14.600 -12.473 14.871  1.00 76.77  ? 135 SFP A C4  1 
HETATM 1227 C C4A . SFP D 3 .   ? -15.008 -13.255 13.743  1.00 77.92  ? 135 SFP A C4A 1 
HETATM 1228 N N4B . SFP D 3 .   ? -13.892 -14.004 13.321  1.00 75.42  ? 135 SFP A N4B 1 
HETATM 1229 C CB  . SFP D 3 .   ? -16.322 -13.267 13.143  1.00 80.67  ? 135 SFP A CB  1 
HETATM 1230 C C6C . SFP D 3 .   ? -16.715 -14.047 12.013  1.00 80.41  ? 135 SFP A C6C 1 
HETATM 1231 C C5  . SFP D 3 .   ? -17.994 -14.071 11.383  1.00 79.93  ? 135 SFP A C5  1 
HETATM 1232 C C6  . SFP D 3 .   ? -17.945 -14.957 10.337  1.00 79.90  ? 135 SFP A C6  1 
HETATM 1233 C C6A . SFP D 3 .   ? -16.644 -15.514 10.297  1.00 79.96  ? 135 SFP A C6A 1 
HETATM 1234 N N6B . SFP D 3 .   ? -15.894 -14.935 11.331  1.00 80.04  ? 135 SFP A N6B 1 
HETATM 1235 C CC  . SFP D 3 .   ? -16.163 -16.501 9.393   1.00 80.09  ? 135 SFP A CC  1 
HETATM 1236 C C8C . SFP D 3 .   ? -14.839 -17.075 9.393   1.00 77.28  ? 135 SFP A C8C 1 
HETATM 1237 C C7  . SFP D 3 .   ? -14.372 -18.095 8.524   1.00 76.04  ? 135 SFP A C7  1 
HETATM 1238 C C8  . SFP D 3 .   ? -13.114 -18.395 8.827   1.00 74.18  ? 135 SFP A C8  1 
HETATM 1239 C C8A . SFP D 3 .   ? -12.685 -17.575 9.896   1.00 72.84  ? 135 SFP A C8A 1 
HETATM 1240 N N8B . SFP D 3 .   ? -13.778 -16.743 10.252  1.00 74.74  ? 135 SFP A N8B 1 
HETATM 1241 C CD  . SFP D 3 .   ? -11.372 -17.581 10.510  1.00 69.99  ? 135 SFP A CD  1 
HETATM 1242 C C9  . SFP D 3 .   ? -19.001 -18.031 6.367   1.00 88.75  ? 135 SFP A C9  1 
HETATM 1243 C C10 . SFP D 3 .   ? -18.917 -18.692 7.630   1.00 87.31  ? 135 SFP A C10 1 
HETATM 1244 C C11 . SFP D 3 .   ? -18.008 -18.207 8.603   1.00 84.90  ? 135 SFP A C11 1 
HETATM 1245 C C12 . SFP D 3 .   ? -17.164 -17.033 8.299   1.00 83.15  ? 135 SFP A C12 1 
HETATM 1246 C C13 . SFP D 3 .   ? -17.269 -16.382 7.010   1.00 84.77  ? 135 SFP A C13 1 
HETATM 1247 C C14 . SFP D 3 .   ? -18.189 -16.886 6.049   1.00 86.71  ? 135 SFP A C14 1 
HETATM 1248 C C15 . SFP D 3 .   ? -17.746 -11.017 13.348  1.00 85.67  ? 135 SFP A C15 1 
HETATM 1249 C C16 . SFP D 3 .   ? -18.754 -10.308 14.054  1.00 87.92  ? 135 SFP A C16 1 
HETATM 1250 C C17 . SFP D 3 .   ? -19.411 -10.914 15.190  1.00 90.22  ? 135 SFP A C17 1 
HETATM 1251 C C18 . SFP D 3 .   ? -19.080 -12.220 15.639  1.00 88.36  ? 135 SFP A C18 1 
HETATM 1252 C C19 . SFP D 3 .   ? -18.095 -12.936 14.965  1.00 85.64  ? 135 SFP A C19 1 
HETATM 1253 C C20 . SFP D 3 .   ? -17.401 -12.354 13.805  1.00 83.81  ? 135 SFP A C20 1 
HETATM 1254 C C21 . SFP D 3 .   ? -8.525  -20.745 9.198   1.00 59.56  ? 135 SFP A C21 1 
HETATM 1255 C C22 . SFP D 3 .   ? -9.087  -20.767 10.512  1.00 61.82  ? 135 SFP A C22 1 
HETATM 1256 C C23 . SFP D 3 .   ? -9.968  -19.753 10.904  1.00 65.11  ? 135 SFP A C23 1 
HETATM 1257 C C24 . SFP D 3 .   ? -10.318 -18.655 9.974   1.00 66.34  ? 135 SFP A C24 1 
HETATM 1258 C C25 . SFP D 3 .   ? -9.728  -18.648 8.640   1.00 64.31  ? 135 SFP A C25 1 
HETATM 1259 C C26 . SFP D 3 .   ? -8.843  -19.685 8.266   1.00 60.85  ? 135 SFP A C26 1 
HETATM 1260 C C27 . SFP D 3 .   ? -10.234 -14.538 16.387  1.00 69.35  ? 135 SFP A C27 1 
HETATM 1261 C C28 . SFP D 3 .   ? -10.504 -13.676 15.237  1.00 69.96  ? 135 SFP A C28 1 
HETATM 1262 C C29 . SFP D 3 .   ? -9.866  -12.373 15.146  1.00 69.23  ? 135 SFP A C29 1 
HETATM 1263 C C30 . SFP D 3 .   ? -8.983  -11.952 16.186  1.00 67.23  ? 135 SFP A C30 1 
HETATM 1264 C C31 . SFP D 3 .   ? -8.742  -12.812 17.292  1.00 66.07  ? 135 SFP A C31 1 
HETATM 1265 C C32 . SFP D 3 .   ? -9.357  -14.103 17.402  1.00 67.86  ? 135 SFP A C32 1 
HETATM 1266 S S1  . SFP D 3 .   ? -20.123 -18.634 5.177   1.00 91.20  ? 135 SFP A S1  1 
HETATM 1267 O O2  . SFP D 3 .   ? -20.134 -17.748 4.055   1.00 92.13  ? 135 SFP A O2  1 
HETATM 1268 O O3  . SFP D 3 .   ? -21.377 -18.650 5.816   1.00 91.48  ? 135 SFP A O3  1 
HETATM 1269 O O4  . SFP D 3 .   ? -19.707 -20.056 4.762   1.00 91.75  ? 135 SFP A O4  1 
HETATM 1270 S S2  . SFP D 3 .   ? -20.652 -10.035 16.058  1.00 92.87  ? 135 SFP A S2  1 
HETATM 1271 O O5  . SFP D 3 .   ? -21.163 -10.829 17.144  1.00 92.86  ? 135 SFP A O5  1 
HETATM 1272 O O6  . SFP D 3 .   ? -21.708 -9.726  15.130  1.00 93.35  ? 135 SFP A O6  1 
HETATM 1273 O O7  . SFP D 3 .   ? -19.978 -8.763  16.588  1.00 93.24  ? 135 SFP A O7  1 
HETATM 1274 S S3  . SFP D 3 .   ? -7.442  -22.076 8.750   1.00 55.10  ? 135 SFP A S3  1 
HETATM 1275 O O8  . SFP D 3 .   ? -6.960  -21.934 7.403   1.00 54.82  ? 135 SFP A O8  1 
HETATM 1276 O O9  . SFP D 3 .   ? -8.226  -23.248 8.882   1.00 56.57  ? 135 SFP A O9  1 
HETATM 1277 O O10 . SFP D 3 .   ? -6.262  -22.118 9.735   1.00 57.65  ? 135 SFP A O10 1 
HETATM 1278 S S4  . SFP D 3 .   ? -7.680  -12.309 18.572  1.00 63.32  ? 135 SFP A S4  1 
HETATM 1279 O O11 . SFP D 3 .   ? -7.415  -13.423 19.385  1.00 64.61  ? 135 SFP A O11 1 
HETATM 1280 O O12 . SFP D 3 .   ? -8.326  -11.284 19.349  1.00 63.09  ? 135 SFP A O12 1 
HETATM 1281 O O13 . SFP D 3 .   ? -6.412  -11.808 17.936  1.00 64.13  ? 135 SFP A O13 1 
HETATM 1282 O O   . HOH E 4 .   ? -0.031  3.039   8.128   1.00 21.33  ? 136 HOH A O   1 
HETATM 1283 O O   . HOH E 4 .   ? 5.048   11.972  -2.045  1.00 24.38  ? 137 HOH A O   1 
HETATM 1284 O O   . HOH E 4 .   ? 0.582   11.008  -9.262  1.00 23.89  ? 138 HOH A O   1 
HETATM 1285 O O   . HOH E 4 .   ? -6.335  -13.574 2.001   1.00 28.75  ? 139 HOH A O   1 
HETATM 1286 O O   . HOH E 4 .   ? -3.547  -13.374 5.109   1.00 24.82  ? 140 HOH A O   1 
HETATM 1287 O O   . HOH E 4 .   ? -10.884 12.658  -4.602  1.00 23.26  ? 141 HOH A O   1 
HETATM 1288 O O   . HOH E 4 .   ? 0.691   10.051  -5.603  1.00 22.55  ? 142 HOH A O   1 
HETATM 1289 O O   . HOH E 4 .   ? 3.626   9.799   -3.089  1.00 24.30  ? 143 HOH A O   1 
HETATM 1290 O O   . HOH E 4 .   ? 1.055   11.000  -3.089  1.00 24.08  ? 144 HOH A O   1 
HETATM 1291 O O   . HOH E 4 .   ? 5.430   -5.735  -8.359  1.00 31.93  ? 145 HOH A O   1 
HETATM 1292 O O   . HOH E 4 .   ? -1.806  -4.881  -15.029 1.00 31.57  ? 146 HOH A O   1 
HETATM 1293 O O   . HOH E 4 .   ? -4.158  -4.997  9.789   1.00 28.66  ? 147 HOH A O   1 
HETATM 1294 O O   . HOH E 4 .   ? 1.697   -19.966 12.238  1.00 33.86  ? 148 HOH A O   1 
HETATM 1295 O O   . HOH E 4 .   ? -6.916  -13.211 5.662   1.00 27.42  ? 149 HOH A O   1 
HETATM 1296 O O   . HOH E 4 .   ? -3.301  21.333  3.298   1.00 39.56  ? 150 HOH A O   1 
HETATM 1297 O O   . HOH E 4 .   ? -3.684  -3.029  11.606  1.00 29.81  ? 151 HOH A O   1 
HETATM 1298 O O   . HOH E 4 .   ? -8.940  -15.817 -1.497  1.00 52.25  ? 152 HOH A O   1 
HETATM 1299 O O   . HOH E 4 .   ? 2.594   -5.889  -12.200 1.00 35.52  ? 153 HOH A O   1 
HETATM 1300 O O   . HOH E 4 .   ? 2.095   7.868   -14.580 1.00 35.91  ? 154 HOH A O   1 
HETATM 1301 O O   . HOH E 4 .   ? 1.316   -20.654 5.532   1.00 49.69  ? 155 HOH A O   1 
HETATM 1302 O O   . HOH E 4 .   ? -9.836  -10.023 5.325   1.00 37.76  ? 156 HOH A O   1 
HETATM 1303 O O   . HOH E 4 .   ? 5.812   -1.991  8.415   1.00 42.24  ? 157 HOH A O   1 
HETATM 1304 O O   . HOH E 4 .   ? -3.003  4.745   10.621  1.00 37.85  ? 158 HOH A O   1 
HETATM 1305 O O   . HOH E 4 .   ? 2.760   11.425  14.037  1.00 36.70  ? 159 HOH A O   1 
HETATM 1306 O O   . HOH E 4 .   ? 14.388  -10.494 -0.116  1.00 82.87  ? 160 HOH A O   1 
HETATM 1307 O O   . HOH E 4 .   ? 5.869   -9.139  11.077  1.00 40.93  ? 161 HOH A O   1 
HETATM 1308 O O   . HOH E 4 .   ? -5.747  6.887   10.382  1.00 37.04  ? 162 HOH A O   1 
HETATM 1309 O O   . HOH E 4 .   ? 1.120   11.606  -11.999 1.00 33.51  ? 163 HOH A O   1 
HETATM 1310 O O   . HOH E 4 .   ? -6.595  -2.274  11.999  1.00 52.49  ? 164 HOH A O   1 
HETATM 1311 O O   . HOH E 4 .   ? -10.478 -1.620  5.181   1.00 44.26  ? 165 HOH A O   1 
HETATM 1312 O O   . HOH E 4 .   ? 8.988   -7.150  9.174   1.00 48.01  ? 166 HOH A O   1 
HETATM 1313 O O   . HOH E 4 .   ? -13.082 3.996   3.485   1.00 39.06  ? 167 HOH A O   1 
HETATM 1314 O O   . HOH E 4 .   ? 14.078  5.368   0.071   1.00 43.11  ? 168 HOH A O   1 
HETATM 1315 O O   . HOH E 4 .   ? 1.139   15.549  12.139  1.00 43.84  ? 169 HOH A O   1 
HETATM 1316 O O   . HOH E 4 .   ? 7.359   -15.016 6.964   1.00 40.13  ? 170 HOH A O   1 
HETATM 1317 O O   . HOH E 4 .   ? 5.450   -15.878 4.966   1.00 35.50  ? 171 HOH A O   1 
HETATM 1318 O O   . HOH E 4 .   ? -7.146  1.228   10.647  1.00 41.45  ? 172 HOH A O   1 
HETATM 1319 O O   . HOH E 4 .   ? -12.027 7.165   5.577   1.00 49.24  ? 173 HOH A O   1 
HETATM 1320 O O   . HOH E 4 .   ? 11.168  17.875  -2.108  1.00 44.75  ? 174 HOH A O   1 
HETATM 1321 O O   . HOH E 4 .   ? 4.706   0.568   -10.854 1.00 43.12  ? 175 HOH A O   1 
HETATM 1322 O O   . HOH E 4 .   ? -10.088 -4.293  12.048  1.00 40.77  ? 176 HOH A O   1 
HETATM 1323 O O   . HOH E 4 .   ? -2.975  -7.391  10.947  1.00 32.52  ? 177 HOH A O   1 
HETATM 1324 O O   . HOH E 4 .   ? -4.950  -15.289 3.866   1.00 31.21  ? 178 HOH A O   1 
HETATM 1325 O O   . HOH E 4 .   ? 10.930  -0.637  7.253   1.00 40.21  ? 179 HOH A O   1 
HETATM 1326 O O   . HOH E 4 .   ? 2.090   1.358   15.253  1.00 42.66  ? 180 HOH A O   1 
HETATM 1327 O O   . HOH E 4 .   ? -9.079  -13.778 2.656   1.00 50.80  ? 181 HOH A O   1 
HETATM 1328 O O   . HOH E 4 .   ? 1.216   -12.391 16.353  1.00 48.56  ? 182 HOH A O   1 
HETATM 1329 O O   . HOH E 4 .   ? 8.618   -2.503  7.342   1.00 41.92  ? 183 HOH A O   1 
HETATM 1330 O O   . HOH E 4 .   ? -9.732  -11.256 3.070   1.00 40.94  ? 184 HOH A O   1 
HETATM 1331 O O   . HOH E 4 .   ? -6.789  14.672  1.051   1.00 42.56  ? 185 HOH A O   1 
HETATM 1332 O O   . HOH F 4 .   ? -18.013 18.174  9.428   1.00 21.73  ? 21  HOH B O   1 
HETATM 1333 O O   . HOH F 4 .   ? -14.687 -1.859  -5.257  1.00 33.33  ? 22  HOH B O   1 
HETATM 1334 O O   . HOH F 4 .   ? -7.384  -8.233  -7.400  1.00 29.54  ? 23  HOH B O   1 
HETATM 1335 O O   . HOH F 4 .   ? -14.001 8.590   1.092   1.00 39.05  ? 24  HOH B O   1 
HETATM 1336 O O   . HOH F 4 .   ? -6.475  -8.053  -9.960  1.00 53.26  ? 25  HOH B O   1 
HETATM 1337 O O   . HOH F 4 .   ? -19.909 14.156  2.379   1.00 43.80  ? 26  HOH B O   1 
HETATM 1338 O O   . HOH F 4 .   ? -12.342 11.095  3.077   1.00 46.84  ? 27  HOH B O   1 
# 
loop_
_pdbx_poly_seq_scheme.asym_id 
_pdbx_poly_seq_scheme.entity_id 
_pdbx_poly_seq_scheme.seq_id 
_pdbx_poly_seq_scheme.mon_id 
_pdbx_poly_seq_scheme.ndb_seq_num 
_pdbx_poly_seq_scheme.pdb_seq_num 
_pdbx_poly_seq_scheme.auth_seq_num 
_pdbx_poly_seq_scheme.pdb_mon_id 
_pdbx_poly_seq_scheme.auth_mon_id 
_pdbx_poly_seq_scheme.pdb_strand_id 
_pdbx_poly_seq_scheme.pdb_ins_code 
_pdbx_poly_seq_scheme.hetero 
A 1 1   GLY 1   1   1   GLY GLY A . n 
A 1 2   LYS 2   2   2   LYS LYS A . n 
A 1 3   ALA 3   3   3   ALA ALA A . n 
A 1 4   PHE 4   4   4   PHE PHE A . n 
A 1 5   ASP 5   5   5   ASP ASP A . n 
A 1 6   ASP 6   6   6   ASP ASP A . n 
A 1 7   GLY 7   7   7   GLY GLY A . n 
A 1 8   ALA 8   8   8   ALA ALA A . n 
A 1 9   PHE 9   9   9   PHE PHE A . n 
A 1 10  THR 10  10  10  THR THR A . n 
A 1 11  GLY 11  11  11  GLY GLY A . n 
A 1 12  ILE 12  12  12  ILE ILE A . n 
A 1 13  ARG 13  13  13  ARG ARG A . n 
A 1 14  GLU 14  14  14  GLU GLU A . n 
A 1 15  ILE 15  15  15  ILE ILE A . n 
A 1 16  ASN 16  16  16  ASN ASN A . n 
A 1 17  LEU 17  17  17  LEU LEU A . n 
A 1 18  SER 18  18  18  SER SER A . n 
A 1 19  TYR 19  19  19  TYR TYR A . n 
A 1 20  ASN 20  20  20  ASN ASN A . n 
A 1 21  LYS 21  21  21  LYS LYS A . n 
A 1 22  GLU 22  22  22  GLU GLU A . n 
A 1 23  THR 23  23  23  THR THR A . n 
A 1 24  ALA 24  24  24  ALA ALA A . n 
A 1 25  ILE 25  25  25  ILE ILE A . n 
A 1 26  GLY 26  26  26  GLY GLY A . n 
A 1 27  ASP 27  27  27  ASP ASP A . n 
A 1 28  PHE 28  28  28  PHE PHE A . n 
A 1 29  GLN 29  29  29  GLN GLN A . n 
A 1 30  VAL 30  30  30  VAL VAL A . n 
A 1 31  VAL 31  31  31  VAL VAL A . n 
A 1 32  TYR 32  32  32  TYR TYR A . n 
A 1 33  ASP 33  33  33  ASP ASP A . n 
A 1 34  LEU 34  34  34  LEU LEU A . n 
A 1 35  ASN 35  35  35  ASN ASN A . n 
A 1 36  GLY 36  36  36  GLY GLY A . n 
A 1 37  SER 37  37  37  SER SER A . n 
A 1 38  PRO 38  38  38  PRO PRO A . n 
A 1 39  TYR 39  39  39  TYR TYR A . n 
A 1 40  VAL 40  40  40  VAL VAL A . n 
A 1 41  GLY 41  41  41  GLY GLY A . n 
A 1 42  GLN 42  42  42  GLN GLN A . n 
A 1 43  ASN 43  43  43  ASN ASN A . n 
A 1 44  HIS 44  44  44  HIS HIS A . n 
A 1 45  LYS 45  45  45  LYS LYS A . n 
A 1 46  SER 46  46  46  SER SER A . n 
A 1 47  PHE 47  47  47  PHE PHE A . n 
A 1 48  ILE 48  48  48  ILE ILE A . n 
A 1 49  THR 49  49  49  THR THR A . n 
A 1 50  GLY 50  50  50  GLY GLY A . n 
A 1 51  PHE 51  51  51  PHE PHE A . n 
A 1 52  THR 52  52  52  THR THR A . n 
A 1 53  PRO 53  53  53  PRO PRO A . n 
A 1 54  VAL 54  54  54  VAL VAL A . n 
A 1 55  LYS 55  55  55  LYS LYS A . n 
A 1 56  ILE 56  56  56  ILE ILE A . n 
A 1 57  SER 57  57  57  SER SER A . n 
A 1 58  LEU 58  58  58  LEU LEU A . n 
A 1 59  ASP 59  59  59  ASP ASP A . n 
A 1 60  PHE 60  60  60  PHE PHE A . n 
A 1 61  PRO 61  61  61  PRO PRO A . n 
A 1 62  SER 62  62  62  SER SER A . n 
A 1 63  GLU 63  63  63  GLU GLU A . n 
A 1 64  TYR 64  64  64  TYR TYR A . n 
A 1 65  ILE 65  65  65  ILE ILE A . n 
A 1 66  MET 66  66  66  MET MET A . n 
A 1 67  GLU 67  67  67  GLU GLU A . n 
A 1 68  VAL 68  68  68  VAL VAL A . n 
A 1 69  SER 69  69  69  SER SER A . n 
A 1 70  GLY 70  70  70  GLY GLY A . n 
A 1 71  TYR 71  71  71  TYR TYR A . n 
A 1 72  THR 72  72  72  THR THR A . n 
A 1 73  GLY 73  73  73  GLY GLY A . n 
A 1 74  ASN 74  74  74  ASN ASN A . n 
A 1 75  VAL 75  75  75  VAL VAL A . n 
A 1 76  SER 76  76  76  SER SER A . n 
A 1 77  GLY 77  77  77  GLY GLY A . n 
A 1 78  TYR 78  78  78  TYR TYR A . n 
A 1 79  VAL 79  79  79  VAL VAL A . n 
A 1 80  VAL 80  80  80  VAL VAL A . n 
A 1 81  VAL 81  81  81  VAL VAL A . n 
A 1 82  ARG 82  82  82  ARG ARG A . n 
A 1 83  SER 83  83  83  SER SER A . n 
A 1 84  LEU 84  84  84  LEU LEU A . n 
A 1 85  THR 85  85  85  THR THR A . n 
A 1 86  PHE 86  86  86  PHE PHE A . n 
A 1 87  LYS 87  87  87  LYS LYS A . n 
A 1 88  THR 88  88  88  THR THR A . n 
A 1 89  ASN 89  89  89  ASN ASN A . n 
A 1 90  LYS 90  90  90  LYS LYS A . n 
A 1 91  LYS 91  91  91  LYS LYS A . n 
A 1 92  THR 92  92  92  THR THR A . n 
A 1 93  TYR 93  93  93  TYR TYR A . n 
A 1 94  GLY 94  94  94  GLY GLY A . n 
A 1 95  PRO 95  95  95  PRO PRO A . n 
A 1 96  TYR 96  96  96  TYR TYR A . n 
A 1 97  GLY 97  97  97  GLY GLY A . n 
A 1 98  VAL 98  98  98  VAL VAL A . n 
A 1 99  THR 99  99  99  THR THR A . n 
A 1 100 SER 100 100 100 SER SER A . n 
A 1 101 GLY 101 101 101 GLY GLY A . n 
A 1 102 THR 102 102 102 THR THR A . n 
A 1 103 PRO 103 103 103 PRO PRO A . n 
A 1 104 PHE 104 104 104 PHE PHE A . n 
A 1 105 ASN 105 105 105 ASN ASN A . n 
A 1 106 LEU 106 106 106 LEU LEU A . n 
A 1 107 PRO 107 107 107 PRO PRO A . n 
A 1 108 ILE 108 108 108 ILE ILE A . n 
A 1 109 GLU 109 109 109 GLU GLU A . n 
A 1 110 ASN 110 110 110 ASN ASN A . n 
A 1 111 GLY 111 111 111 GLY GLY A . n 
A 1 112 LEU 112 112 112 LEU LEU A . n 
A 1 113 ILE 113 113 113 ILE ILE A . n 
A 1 114 VAL 114 114 114 VAL VAL A . n 
A 1 115 GLY 115 115 115 GLY GLY A . n 
A 1 116 PHE 116 116 116 PHE PHE A . n 
A 1 117 LYS 117 117 117 LYS LYS A . n 
A 1 118 GLY 118 118 118 GLY GLY A . n 
A 1 119 SER 119 119 119 SER SER A . n 
A 1 120 ILE 120 120 120 ILE ILE A . n 
A 1 121 GLY 121 121 121 GLY GLY A . n 
A 1 122 TYR 122 122 122 TYR TYR A . n 
A 1 123 TRP 123 123 123 TRP TRP A . n 
A 1 124 LEU 124 124 124 LEU LEU A . n 
A 1 125 ASP 125 125 125 ASP ASP A . n 
A 1 126 TYR 126 126 126 TYR TYR A . n 
A 1 127 PHE 127 127 127 PHE PHE A . n 
A 1 128 SER 128 128 128 SER SER A . n 
A 1 129 MET 129 129 129 MET MET A . n 
A 1 130 TYR 130 130 130 TYR TYR A . n 
A 1 131 LEU 131 131 131 LEU LEU A . n 
A 1 132 SER 132 132 132 SER SER A . n 
A 1 133 LEU 133 133 133 LEU LEU A . n 
B 2 1   ASP 1   1   ?   ?   ?   B . n 
B 2 2   GLU 2   2   ?   ?   ?   B . n 
B 2 3   GLN 3   3   3   GLN GLN B . n 
B 2 4   SER 4   4   4   SER SER B . n 
B 2 5   GLY 5   5   5   GLY GLY B . n 
B 2 6   ILE 6   6   6   ILE ILE B . n 
B 2 7   SER 7   7   7   SER SER B . n 
B 2 8   GLN 8   8   8   GLN GLN B . n 
B 2 9   THR 9   9   9   THR THR B . n 
B 2 10  VAL 10  10  10  VAL VAL B . n 
B 2 11  ILE 11  11  11  ILE ILE B . n 
B 2 12  VAL 12  12  12  VAL VAL B . n 
B 2 13  GLY 13  13  13  GLY GLY B . n 
B 2 14  PRO 14  14  14  PRO PRO B . n 
B 2 15  TRP 15  15  15  TRP TRP B . n 
B 2 16  GLY 16  16  16  GLY GLY B . n 
B 2 17  ALA 17  17  17  ALA ALA B . n 
B 2 18  LYS 18  18  18  LYS LYS B . n 
B 2 19  VAL 19  19  ?   ?   ?   B . n 
B 2 20  SER 20  20  ?   ?   ?   B . n 
# 
loop_
_pdbx_nonpoly_scheme.asym_id 
_pdbx_nonpoly_scheme.entity_id 
_pdbx_nonpoly_scheme.mon_id 
_pdbx_nonpoly_scheme.ndb_seq_num 
_pdbx_nonpoly_scheme.pdb_seq_num 
_pdbx_nonpoly_scheme.auth_seq_num 
_pdbx_nonpoly_scheme.pdb_mon_id 
_pdbx_nonpoly_scheme.auth_mon_id 
_pdbx_nonpoly_scheme.pdb_strand_id 
_pdbx_nonpoly_scheme.pdb_ins_code 
C 3 SFP 1  134 1  SFP POR A . 
D 3 SFP 1  135 2  SFP POR A . 
E 4 HOH 1  136 1  HOH TIP A . 
E 4 HOH 2  137 2  HOH TIP A . 
E 4 HOH 3  138 3  HOH TIP A . 
E 4 HOH 4  139 5  HOH TIP A . 
E 4 HOH 5  140 6  HOH TIP A . 
E 4 HOH 6  141 7  HOH TIP A . 
E 4 HOH 7  142 8  HOH TIP A . 
E 4 HOH 8  143 9  HOH TIP A . 
E 4 HOH 9  144 10 HOH TIP A . 
E 4 HOH 10 145 11 HOH TIP A . 
E 4 HOH 11 146 12 HOH TIP A . 
E 4 HOH 12 147 14 HOH TIP A . 
E 4 HOH 13 148 15 HOH TIP A . 
E 4 HOH 14 149 16 HOH TIP A . 
E 4 HOH 15 150 18 HOH TIP A . 
E 4 HOH 16 151 19 HOH TIP A . 
E 4 HOH 17 152 20 HOH TIP A . 
E 4 HOH 18 153 21 HOH TIP A . 
E 4 HOH 19 154 22 HOH TIP A . 
E 4 HOH 20 155 23 HOH TIP A . 
E 4 HOH 21 156 24 HOH TIP A . 
E 4 HOH 22 157 25 HOH TIP A . 
E 4 HOH 23 158 27 HOH TIP A . 
E 4 HOH 24 159 28 HOH TIP A . 
E 4 HOH 25 160 29 HOH TIP A . 
E 4 HOH 26 161 30 HOH TIP A . 
E 4 HOH 27 162 31 HOH TIP A . 
E 4 HOH 28 163 32 HOH TIP A . 
E 4 HOH 29 164 33 HOH TIP A . 
E 4 HOH 30 165 34 HOH TIP A . 
E 4 HOH 31 166 36 HOH TIP A . 
E 4 HOH 32 167 38 HOH TIP A . 
E 4 HOH 33 168 40 HOH TIP A . 
E 4 HOH 34 169 41 HOH TIP A . 
E 4 HOH 35 170 42 HOH TIP A . 
E 4 HOH 36 171 43 HOH TIP A . 
E 4 HOH 37 172 44 HOH TIP A . 
E 4 HOH 38 173 45 HOH TIP A . 
E 4 HOH 39 174 46 HOH TIP A . 
E 4 HOH 40 175 47 HOH TIP A . 
E 4 HOH 41 176 48 HOH TIP A . 
E 4 HOH 42 177 49 HOH TIP A . 
E 4 HOH 43 178 50 HOH TIP A . 
E 4 HOH 44 179 51 HOH TIP A . 
E 4 HOH 45 180 52 HOH TIP A . 
E 4 HOH 46 181 53 HOH TIP A . 
E 4 HOH 47 182 54 HOH TIP A . 
E 4 HOH 48 183 55 HOH TIP A . 
E 4 HOH 49 184 56 HOH TIP A . 
E 4 HOH 50 185 57 HOH TIP A . 
F 4 HOH 1  21  4  HOH TIP B . 
F 4 HOH 2  22  13 HOH TIP B . 
F 4 HOH 3  23  17 HOH TIP B . 
F 4 HOH 4  24  26 HOH TIP B . 
F 4 HOH 5  25  35 HOH TIP B . 
F 4 HOH 6  26  37 HOH TIP B . 
F 4 HOH 7  27  39 HOH TIP B . 
# 
_pdbx_struct_assembly.id                   1 
_pdbx_struct_assembly.details              author_and_software_defined_assembly 
_pdbx_struct_assembly.method_details       PISA,PQS 
_pdbx_struct_assembly.oligomeric_details   octameric 
_pdbx_struct_assembly.oligomeric_count     8 
# 
_pdbx_struct_assembly_gen.assembly_id       1 
_pdbx_struct_assembly_gen.oper_expression   1,2,3,4 
_pdbx_struct_assembly_gen.asym_id_list      A,B,C,D,E,F 
# 
loop_
_pdbx_struct_assembly_prop.biol_id 
_pdbx_struct_assembly_prop.type 
_pdbx_struct_assembly_prop.value 
_pdbx_struct_assembly_prop.details 
1 'ABSA (A^2)' 17980 ? 
1 MORE         -85   ? 
1 'SSA (A^2)'  27440 ? 
# 
loop_
_pdbx_struct_oper_list.id 
_pdbx_struct_oper_list.type 
_pdbx_struct_oper_list.name 
_pdbx_struct_oper_list.symmetry_operation 
_pdbx_struct_oper_list.matrix[1][1] 
_pdbx_struct_oper_list.matrix[1][2] 
_pdbx_struct_oper_list.matrix[1][3] 
_pdbx_struct_oper_list.vector[1] 
_pdbx_struct_oper_list.matrix[2][1] 
_pdbx_struct_oper_list.matrix[2][2] 
_pdbx_struct_oper_list.matrix[2][3] 
_pdbx_struct_oper_list.vector[2] 
_pdbx_struct_oper_list.matrix[3][1] 
_pdbx_struct_oper_list.matrix[3][2] 
_pdbx_struct_oper_list.matrix[3][3] 
_pdbx_struct_oper_list.vector[3] 
1 'identity operation'         1_555 x,y,z       1.0000000000  0.0000000000  0.0000000000  0.0000000000   0.0000000000  1.0000000000  0.0000000000  0.0000000000  0.0000000000  0.0000000000  1.0000000000  0.0000000000   
2 'crystal symmetry operation' 2_665 -x+1,-y+1,z -0.7755228760 -0.5931441532 -0.2162042608 -13.3028049958 -0.5931441532 0.5672865908  0.5712844628  3.2871635031  -0.2162042608 0.5712844628  -0.7917637149 -22.8299719915 
3 'crystal symmetry operation' 3_655 -x+1,y,-z   -0.6077711506 -0.1366972575 0.7822583258  -13.3986610997 -0.1366972575 -0.9523590877 -0.2726280027 30.5227137762 0.7822583258  -0.2726280027 0.5601302383  12.0519173529  
4 'crystal symmetry operation' 4_565 x,-y+1,-z   0.3832940266  0.7298414107  -0.5660540649 -23.6218819048 0.7298414107  -0.6149275031 -0.2986564601 35.4347003659 -0.5660540649 -0.2986564601 -0.7683665235 -12.0382430844 
# 
loop_
_pdbx_audit_revision_history.ordinal 
_pdbx_audit_revision_history.data_content_type 
_pdbx_audit_revision_history.major_revision 
_pdbx_audit_revision_history.minor_revision 
_pdbx_audit_revision_history.revision_date 
1 'Structure model' 1 0 2004-02-03 
2 'Structure model' 1 1 2008-04-29 
3 'Structure model' 1 2 2011-07-13 
4 'Structure model' 1 3 2017-10-11 
5 'Structure model' 1 4 2023-08-16 
# 
_pdbx_audit_revision_details.ordinal             1 
_pdbx_audit_revision_details.revision_ordinal    1 
_pdbx_audit_revision_details.data_content_type   'Structure model' 
_pdbx_audit_revision_details.provider            repository 
_pdbx_audit_revision_details.type                'Initial release' 
_pdbx_audit_revision_details.description         ? 
_pdbx_audit_revision_details.details             ? 
# 
loop_
_pdbx_audit_revision_group.ordinal 
_pdbx_audit_revision_group.revision_ordinal 
_pdbx_audit_revision_group.data_content_type 
_pdbx_audit_revision_group.group 
1 2 'Structure model' 'Version format compliance' 
2 3 'Structure model' 'Derived calculations'      
3 3 'Structure model' 'Version format compliance' 
4 4 'Structure model' 'Refinement description'    
5 5 'Structure model' 'Data collection'           
6 5 'Structure model' 'Database references'       
7 5 'Structure model' 'Derived calculations'      
8 5 'Structure model' 'Refinement description'    
# 
loop_
_pdbx_audit_revision_category.ordinal 
_pdbx_audit_revision_category.revision_ordinal 
_pdbx_audit_revision_category.data_content_type 
_pdbx_audit_revision_category.category 
1 4 'Structure model' software                      
2 5 'Structure model' chem_comp_atom                
3 5 'Structure model' chem_comp_bond                
4 5 'Structure model' database_2                    
5 5 'Structure model' pdbx_initial_refinement_model 
6 5 'Structure model' struct_site                   
# 
loop_
_pdbx_audit_revision_item.ordinal 
_pdbx_audit_revision_item.revision_ordinal 
_pdbx_audit_revision_item.data_content_type 
_pdbx_audit_revision_item.item 
1 5 'Structure model' '_database_2.pdbx_DOI'                
2 5 'Structure model' '_database_2.pdbx_database_accession' 
3 5 'Structure model' '_struct_site.pdbx_auth_asym_id'      
4 5 'Structure model' '_struct_site.pdbx_auth_comp_id'      
5 5 'Structure model' '_struct_site.pdbx_auth_seq_id'       
# 
loop_
_software.name 
_software.classification 
_software.version 
_software.citation_id 
_software.pdbx_ordinal 
MAR345    'data collection' .   ? 1 
SCALEPACK 'data scaling'    .   ? 2 
AMoRE     phasing           .   ? 3 
CNS       refinement        1.0 ? 4 
# 
loop_
_pdbx_validate_torsion.id 
_pdbx_validate_torsion.PDB_model_num 
_pdbx_validate_torsion.auth_comp_id 
_pdbx_validate_torsion.auth_asym_id 
_pdbx_validate_torsion.auth_seq_id 
_pdbx_validate_torsion.PDB_ins_code 
_pdbx_validate_torsion.label_alt_id 
_pdbx_validate_torsion.phi 
_pdbx_validate_torsion.psi 
1 1 THR A 23 ? ? -126.99 -91.52  
2 1 ALA A 24 ? ? -162.41 -169.14 
# 
loop_
_pdbx_unobs_or_zero_occ_residues.id 
_pdbx_unobs_or_zero_occ_residues.PDB_model_num 
_pdbx_unobs_or_zero_occ_residues.polymer_flag 
_pdbx_unobs_or_zero_occ_residues.occupancy_flag 
_pdbx_unobs_or_zero_occ_residues.auth_asym_id 
_pdbx_unobs_or_zero_occ_residues.auth_comp_id 
_pdbx_unobs_or_zero_occ_residues.auth_seq_id 
_pdbx_unobs_or_zero_occ_residues.PDB_ins_code 
_pdbx_unobs_or_zero_occ_residues.label_asym_id 
_pdbx_unobs_or_zero_occ_residues.label_comp_id 
_pdbx_unobs_or_zero_occ_residues.label_seq_id 
1 1 Y 1 B ASP 1  ? B ASP 1  
2 1 Y 1 B GLU 2  ? B GLU 2  
3 1 Y 1 B VAL 19 ? B VAL 19 
4 1 Y 1 B SER 20 ? B SER 20 
# 
loop_
_chem_comp_atom.comp_id 
_chem_comp_atom.atom_id 
_chem_comp_atom.type_symbol 
_chem_comp_atom.pdbx_aromatic_flag 
_chem_comp_atom.pdbx_stereo_config 
_chem_comp_atom.pdbx_ordinal 
ALA N    N N N 1   
ALA CA   C N S 2   
ALA C    C N N 3   
ALA O    O N N 4   
ALA CB   C N N 5   
ALA OXT  O N N 6   
ALA H    H N N 7   
ALA H2   H N N 8   
ALA HA   H N N 9   
ALA HB1  H N N 10  
ALA HB2  H N N 11  
ALA HB3  H N N 12  
ALA HXT  H N N 13  
ARG N    N N N 14  
ARG CA   C N S 15  
ARG C    C N N 16  
ARG O    O N N 17  
ARG CB   C N N 18  
ARG CG   C N N 19  
ARG CD   C N N 20  
ARG NE   N N N 21  
ARG CZ   C N N 22  
ARG NH1  N N N 23  
ARG NH2  N N N 24  
ARG OXT  O N N 25  
ARG H    H N N 26  
ARG H2   H N N 27  
ARG HA   H N N 28  
ARG HB2  H N N 29  
ARG HB3  H N N 30  
ARG HG2  H N N 31  
ARG HG3  H N N 32  
ARG HD2  H N N 33  
ARG HD3  H N N 34  
ARG HE   H N N 35  
ARG HH11 H N N 36  
ARG HH12 H N N 37  
ARG HH21 H N N 38  
ARG HH22 H N N 39  
ARG HXT  H N N 40  
ASN N    N N N 41  
ASN CA   C N S 42  
ASN C    C N N 43  
ASN O    O N N 44  
ASN CB   C N N 45  
ASN CG   C N N 46  
ASN OD1  O N N 47  
ASN ND2  N N N 48  
ASN OXT  O N N 49  
ASN H    H N N 50  
ASN H2   H N N 51  
ASN HA   H N N 52  
ASN HB2  H N N 53  
ASN HB3  H N N 54  
ASN HD21 H N N 55  
ASN HD22 H N N 56  
ASN HXT  H N N 57  
ASP N    N N N 58  
ASP CA   C N S 59  
ASP C    C N N 60  
ASP O    O N N 61  
ASP CB   C N N 62  
ASP CG   C N N 63  
ASP OD1  O N N 64  
ASP OD2  O N N 65  
ASP OXT  O N N 66  
ASP H    H N N 67  
ASP H2   H N N 68  
ASP HA   H N N 69  
ASP HB2  H N N 70  
ASP HB3  H N N 71  
ASP HD2  H N N 72  
ASP HXT  H N N 73  
GLN N    N N N 74  
GLN CA   C N S 75  
GLN C    C N N 76  
GLN O    O N N 77  
GLN CB   C N N 78  
GLN CG   C N N 79  
GLN CD   C N N 80  
GLN OE1  O N N 81  
GLN NE2  N N N 82  
GLN OXT  O N N 83  
GLN H    H N N 84  
GLN H2   H N N 85  
GLN HA   H N N 86  
GLN HB2  H N N 87  
GLN HB3  H N N 88  
GLN HG2  H N N 89  
GLN HG3  H N N 90  
GLN HE21 H N N 91  
GLN HE22 H N N 92  
GLN HXT  H N N 93  
GLU N    N N N 94  
GLU CA   C N S 95  
GLU C    C N N 96  
GLU O    O N N 97  
GLU CB   C N N 98  
GLU CG   C N N 99  
GLU CD   C N N 100 
GLU OE1  O N N 101 
GLU OE2  O N N 102 
GLU OXT  O N N 103 
GLU H    H N N 104 
GLU H2   H N N 105 
GLU HA   H N N 106 
GLU HB2  H N N 107 
GLU HB3  H N N 108 
GLU HG2  H N N 109 
GLU HG3  H N N 110 
GLU HE2  H N N 111 
GLU HXT  H N N 112 
GLY N    N N N 113 
GLY CA   C N N 114 
GLY C    C N N 115 
GLY O    O N N 116 
GLY OXT  O N N 117 
GLY H    H N N 118 
GLY H2   H N N 119 
GLY HA2  H N N 120 
GLY HA3  H N N 121 
GLY HXT  H N N 122 
HIS N    N N N 123 
HIS CA   C N S 124 
HIS C    C N N 125 
HIS O    O N N 126 
HIS CB   C N N 127 
HIS CG   C Y N 128 
HIS ND1  N Y N 129 
HIS CD2  C Y N 130 
HIS CE1  C Y N 131 
HIS NE2  N Y N 132 
HIS OXT  O N N 133 
HIS H    H N N 134 
HIS H2   H N N 135 
HIS HA   H N N 136 
HIS HB2  H N N 137 
HIS HB3  H N N 138 
HIS HD1  H N N 139 
HIS HD2  H N N 140 
HIS HE1  H N N 141 
HIS HE2  H N N 142 
HIS HXT  H N N 143 
HOH O    O N N 144 
HOH H1   H N N 145 
HOH H2   H N N 146 
ILE N    N N N 147 
ILE CA   C N S 148 
ILE C    C N N 149 
ILE O    O N N 150 
ILE CB   C N S 151 
ILE CG1  C N N 152 
ILE CG2  C N N 153 
ILE CD1  C N N 154 
ILE OXT  O N N 155 
ILE H    H N N 156 
ILE H2   H N N 157 
ILE HA   H N N 158 
ILE HB   H N N 159 
ILE HG12 H N N 160 
ILE HG13 H N N 161 
ILE HG21 H N N 162 
ILE HG22 H N N 163 
ILE HG23 H N N 164 
ILE HD11 H N N 165 
ILE HD12 H N N 166 
ILE HD13 H N N 167 
ILE HXT  H N N 168 
LEU N    N N N 169 
LEU CA   C N S 170 
LEU C    C N N 171 
LEU O    O N N 172 
LEU CB   C N N 173 
LEU CG   C N N 174 
LEU CD1  C N N 175 
LEU CD2  C N N 176 
LEU OXT  O N N 177 
LEU H    H N N 178 
LEU H2   H N N 179 
LEU HA   H N N 180 
LEU HB2  H N N 181 
LEU HB3  H N N 182 
LEU HG   H N N 183 
LEU HD11 H N N 184 
LEU HD12 H N N 185 
LEU HD13 H N N 186 
LEU HD21 H N N 187 
LEU HD22 H N N 188 
LEU HD23 H N N 189 
LEU HXT  H N N 190 
LYS N    N N N 191 
LYS CA   C N S 192 
LYS C    C N N 193 
LYS O    O N N 194 
LYS CB   C N N 195 
LYS CG   C N N 196 
LYS CD   C N N 197 
LYS CE   C N N 198 
LYS NZ   N N N 199 
LYS OXT  O N N 200 
LYS H    H N N 201 
LYS H2   H N N 202 
LYS HA   H N N 203 
LYS HB2  H N N 204 
LYS HB3  H N N 205 
LYS HG2  H N N 206 
LYS HG3  H N N 207 
LYS HD2  H N N 208 
LYS HD3  H N N 209 
LYS HE2  H N N 210 
LYS HE3  H N N 211 
LYS HZ1  H N N 212 
LYS HZ2  H N N 213 
LYS HZ3  H N N 214 
LYS HXT  H N N 215 
MET N    N N N 216 
MET CA   C N S 217 
MET C    C N N 218 
MET O    O N N 219 
MET CB   C N N 220 
MET CG   C N N 221 
MET SD   S N N 222 
MET CE   C N N 223 
MET OXT  O N N 224 
MET H    H N N 225 
MET H2   H N N 226 
MET HA   H N N 227 
MET HB2  H N N 228 
MET HB3  H N N 229 
MET HG2  H N N 230 
MET HG3  H N N 231 
MET HE1  H N N 232 
MET HE2  H N N 233 
MET HE3  H N N 234 
MET HXT  H N N 235 
PHE N    N N N 236 
PHE CA   C N S 237 
PHE C    C N N 238 
PHE O    O N N 239 
PHE CB   C N N 240 
PHE CG   C Y N 241 
PHE CD1  C Y N 242 
PHE CD2  C Y N 243 
PHE CE1  C Y N 244 
PHE CE2  C Y N 245 
PHE CZ   C Y N 246 
PHE OXT  O N N 247 
PHE H    H N N 248 
PHE H2   H N N 249 
PHE HA   H N N 250 
PHE HB2  H N N 251 
PHE HB3  H N N 252 
PHE HD1  H N N 253 
PHE HD2  H N N 254 
PHE HE1  H N N 255 
PHE HE2  H N N 256 
PHE HZ   H N N 257 
PHE HXT  H N N 258 
PRO N    N N N 259 
PRO CA   C N S 260 
PRO C    C N N 261 
PRO O    O N N 262 
PRO CB   C N N 263 
PRO CG   C N N 264 
PRO CD   C N N 265 
PRO OXT  O N N 266 
PRO H    H N N 267 
PRO HA   H N N 268 
PRO HB2  H N N 269 
PRO HB3  H N N 270 
PRO HG2  H N N 271 
PRO HG3  H N N 272 
PRO HD2  H N N 273 
PRO HD3  H N N 274 
PRO HXT  H N N 275 
SER N    N N N 276 
SER CA   C N S 277 
SER C    C N N 278 
SER O    O N N 279 
SER CB   C N N 280 
SER OG   O N N 281 
SER OXT  O N N 282 
SER H    H N N 283 
SER H2   H N N 284 
SER HA   H N N 285 
SER HB2  H N N 286 
SER HB3  H N N 287 
SER HG   H N N 288 
SER HXT  H N N 289 
SFP C1   C Y N 290 
SFP C2   C Y N 291 
SFP C2A  C Y N 292 
SFP N2B  N Y N 293 
SFP C2C  C Y N 294 
SFP CA   C Y N 295 
SFP C4C  C Y N 296 
SFP C3   C N N 297 
SFP C4   C N N 298 
SFP C4A  C Y N 299 
SFP N4B  N Y N 300 
SFP CB   C Y N 301 
SFP C6C  C Y N 302 
SFP C5   C Y N 303 
SFP C6   C Y N 304 
SFP C6A  C Y N 305 
SFP N6B  N Y N 306 
SFP CC   C Y N 307 
SFP C8C  C Y N 308 
SFP C7   C N N 309 
SFP C8   C N N 310 
SFP C8A  C Y N 311 
SFP N8B  N Y N 312 
SFP CD   C Y N 313 
SFP C9   C Y N 314 
SFP C10  C Y N 315 
SFP C11  C Y N 316 
SFP C12  C Y N 317 
SFP C13  C Y N 318 
SFP C14  C Y N 319 
SFP C15  C Y N 320 
SFP C16  C Y N 321 
SFP C17  C Y N 322 
SFP C18  C Y N 323 
SFP C19  C Y N 324 
SFP C20  C Y N 325 
SFP C21  C Y N 326 
SFP C22  C Y N 327 
SFP C23  C Y N 328 
SFP C24  C Y N 329 
SFP C25  C Y N 330 
SFP C26  C Y N 331 
SFP C27  C Y N 332 
SFP C28  C Y N 333 
SFP C29  C Y N 334 
SFP C30  C Y N 335 
SFP C31  C Y N 336 
SFP C32  C Y N 337 
SFP S1   S N N 338 
SFP O2   O N N 339 
SFP O3   O N N 340 
SFP O4   O N N 341 
SFP S2   S N N 342 
SFP O5   O N N 343 
SFP O6   O N N 344 
SFP O7   O N N 345 
SFP S3   S N N 346 
SFP O8   O N N 347 
SFP O9   O N N 348 
SFP O10  O N N 349 
SFP S4   S N N 350 
SFP O11  O N N 351 
SFP O12  O N N 352 
SFP O13  O N N 353 
SFP H1   H N N 354 
SFP H2   H N N 355 
SFP H2B  H N N 356 
SFP H3   H N N 357 
SFP H4   H N N 358 
SFP H5   H N N 359 
SFP H6   H N N 360 
SFP H6B  H N N 361 
SFP H7   H N N 362 
SFP H8   H N N 363 
SFP H12  H N N 364 
SFP H15  H N N 365 
SFP H9   H N N 366 
SFP H14  H N N 367 
SFP H17  H N N 368 
SFP H16  H N N 369 
SFP H18  H N N 370 
SFP H19  H N N 371 
SFP H22  H N N 372 
SFP H23  H N N 373 
SFP H25  H N N 374 
SFP H26  H N N 375 
SFP H27  H N N 376 
SFP H29  H N N 377 
SFP H30  H N N 378 
SFP H32  H N N 379 
SFP HO3  H N N 380 
SFP HO4  H N N 381 
SFP HO6  H N N 382 
SFP HO7  H N N 383 
SFP HO9  H N N 384 
SFP H10  H N N 385 
SFP H11  H N N 386 
SFP H13  H N N 387 
THR N    N N N 388 
THR CA   C N S 389 
THR C    C N N 390 
THR O    O N N 391 
THR CB   C N R 392 
THR OG1  O N N 393 
THR CG2  C N N 394 
THR OXT  O N N 395 
THR H    H N N 396 
THR H2   H N N 397 
THR HA   H N N 398 
THR HB   H N N 399 
THR HG1  H N N 400 
THR HG21 H N N 401 
THR HG22 H N N 402 
THR HG23 H N N 403 
THR HXT  H N N 404 
TRP N    N N N 405 
TRP CA   C N S 406 
TRP C    C N N 407 
TRP O    O N N 408 
TRP CB   C N N 409 
TRP CG   C Y N 410 
TRP CD1  C Y N 411 
TRP CD2  C Y N 412 
TRP NE1  N Y N 413 
TRP CE2  C Y N 414 
TRP CE3  C Y N 415 
TRP CZ2  C Y N 416 
TRP CZ3  C Y N 417 
TRP CH2  C Y N 418 
TRP OXT  O N N 419 
TRP H    H N N 420 
TRP H2   H N N 421 
TRP HA   H N N 422 
TRP HB2  H N N 423 
TRP HB3  H N N 424 
TRP HD1  H N N 425 
TRP HE1  H N N 426 
TRP HE3  H N N 427 
TRP HZ2  H N N 428 
TRP HZ3  H N N 429 
TRP HH2  H N N 430 
TRP HXT  H N N 431 
TYR N    N N N 432 
TYR CA   C N S 433 
TYR C    C N N 434 
TYR O    O N N 435 
TYR CB   C N N 436 
TYR CG   C Y N 437 
TYR CD1  C Y N 438 
TYR CD2  C Y N 439 
TYR CE1  C Y N 440 
TYR CE2  C Y N 441 
TYR CZ   C Y N 442 
TYR OH   O N N 443 
TYR OXT  O N N 444 
TYR H    H N N 445 
TYR H2   H N N 446 
TYR HA   H N N 447 
TYR HB2  H N N 448 
TYR HB3  H N N 449 
TYR HD1  H N N 450 
TYR HD2  H N N 451 
TYR HE1  H N N 452 
TYR HE2  H N N 453 
TYR HH   H N N 454 
TYR HXT  H N N 455 
VAL N    N N N 456 
VAL CA   C N S 457 
VAL C    C N N 458 
VAL O    O N N 459 
VAL CB   C N N 460 
VAL CG1  C N N 461 
VAL CG2  C N N 462 
VAL OXT  O N N 463 
VAL H    H N N 464 
VAL H2   H N N 465 
VAL HA   H N N 466 
VAL HB   H N N 467 
VAL HG11 H N N 468 
VAL HG12 H N N 469 
VAL HG13 H N N 470 
VAL HG21 H N N 471 
VAL HG22 H N N 472 
VAL HG23 H N N 473 
VAL HXT  H N N 474 
# 
loop_
_chem_comp_bond.comp_id 
_chem_comp_bond.atom_id_1 
_chem_comp_bond.atom_id_2 
_chem_comp_bond.value_order 
_chem_comp_bond.pdbx_aromatic_flag 
_chem_comp_bond.pdbx_stereo_config 
_chem_comp_bond.pdbx_ordinal 
ALA N   CA   sing N N 1   
ALA N   H    sing N N 2   
ALA N   H2   sing N N 3   
ALA CA  C    sing N N 4   
ALA CA  CB   sing N N 5   
ALA CA  HA   sing N N 6   
ALA C   O    doub N N 7   
ALA C   OXT  sing N N 8   
ALA CB  HB1  sing N N 9   
ALA CB  HB2  sing N N 10  
ALA CB  HB3  sing N N 11  
ALA OXT HXT  sing N N 12  
ARG N   CA   sing N N 13  
ARG N   H    sing N N 14  
ARG N   H2   sing N N 15  
ARG CA  C    sing N N 16  
ARG CA  CB   sing N N 17  
ARG CA  HA   sing N N 18  
ARG C   O    doub N N 19  
ARG C   OXT  sing N N 20  
ARG CB  CG   sing N N 21  
ARG CB  HB2  sing N N 22  
ARG CB  HB3  sing N N 23  
ARG CG  CD   sing N N 24  
ARG CG  HG2  sing N N 25  
ARG CG  HG3  sing N N 26  
ARG CD  NE   sing N N 27  
ARG CD  HD2  sing N N 28  
ARG CD  HD3  sing N N 29  
ARG NE  CZ   sing N N 30  
ARG NE  HE   sing N N 31  
ARG CZ  NH1  sing N N 32  
ARG CZ  NH2  doub N N 33  
ARG NH1 HH11 sing N N 34  
ARG NH1 HH12 sing N N 35  
ARG NH2 HH21 sing N N 36  
ARG NH2 HH22 sing N N 37  
ARG OXT HXT  sing N N 38  
ASN N   CA   sing N N 39  
ASN N   H    sing N N 40  
ASN N   H2   sing N N 41  
ASN CA  C    sing N N 42  
ASN CA  CB   sing N N 43  
ASN CA  HA   sing N N 44  
ASN C   O    doub N N 45  
ASN C   OXT  sing N N 46  
ASN CB  CG   sing N N 47  
ASN CB  HB2  sing N N 48  
ASN CB  HB3  sing N N 49  
ASN CG  OD1  doub N N 50  
ASN CG  ND2  sing N N 51  
ASN ND2 HD21 sing N N 52  
ASN ND2 HD22 sing N N 53  
ASN OXT HXT  sing N N 54  
ASP N   CA   sing N N 55  
ASP N   H    sing N N 56  
ASP N   H2   sing N N 57  
ASP CA  C    sing N N 58  
ASP CA  CB   sing N N 59  
ASP CA  HA   sing N N 60  
ASP C   O    doub N N 61  
ASP C   OXT  sing N N 62  
ASP CB  CG   sing N N 63  
ASP CB  HB2  sing N N 64  
ASP CB  HB3  sing N N 65  
ASP CG  OD1  doub N N 66  
ASP CG  OD2  sing N N 67  
ASP OD2 HD2  sing N N 68  
ASP OXT HXT  sing N N 69  
GLN N   CA   sing N N 70  
GLN N   H    sing N N 71  
GLN N   H2   sing N N 72  
GLN CA  C    sing N N 73  
GLN CA  CB   sing N N 74  
GLN CA  HA   sing N N 75  
GLN C   O    doub N N 76  
GLN C   OXT  sing N N 77  
GLN CB  CG   sing N N 78  
GLN CB  HB2  sing N N 79  
GLN CB  HB3  sing N N 80  
GLN CG  CD   sing N N 81  
GLN CG  HG2  sing N N 82  
GLN CG  HG3  sing N N 83  
GLN CD  OE1  doub N N 84  
GLN CD  NE2  sing N N 85  
GLN NE2 HE21 sing N N 86  
GLN NE2 HE22 sing N N 87  
GLN OXT HXT  sing N N 88  
GLU N   CA   sing N N 89  
GLU N   H    sing N N 90  
GLU N   H2   sing N N 91  
GLU CA  C    sing N N 92  
GLU CA  CB   sing N N 93  
GLU CA  HA   sing N N 94  
GLU C   O    doub N N 95  
GLU C   OXT  sing N N 96  
GLU CB  CG   sing N N 97  
GLU CB  HB2  sing N N 98  
GLU CB  HB3  sing N N 99  
GLU CG  CD   sing N N 100 
GLU CG  HG2  sing N N 101 
GLU CG  HG3  sing N N 102 
GLU CD  OE1  doub N N 103 
GLU CD  OE2  sing N N 104 
GLU OE2 HE2  sing N N 105 
GLU OXT HXT  sing N N 106 
GLY N   CA   sing N N 107 
GLY N   H    sing N N 108 
GLY N   H2   sing N N 109 
GLY CA  C    sing N N 110 
GLY CA  HA2  sing N N 111 
GLY CA  HA3  sing N N 112 
GLY C   O    doub N N 113 
GLY C   OXT  sing N N 114 
GLY OXT HXT  sing N N 115 
HIS N   CA   sing N N 116 
HIS N   H    sing N N 117 
HIS N   H2   sing N N 118 
HIS CA  C    sing N N 119 
HIS CA  CB   sing N N 120 
HIS CA  HA   sing N N 121 
HIS C   O    doub N N 122 
HIS C   OXT  sing N N 123 
HIS CB  CG   sing N N 124 
HIS CB  HB2  sing N N 125 
HIS CB  HB3  sing N N 126 
HIS CG  ND1  sing Y N 127 
HIS CG  CD2  doub Y N 128 
HIS ND1 CE1  doub Y N 129 
HIS ND1 HD1  sing N N 130 
HIS CD2 NE2  sing Y N 131 
HIS CD2 HD2  sing N N 132 
HIS CE1 NE2  sing Y N 133 
HIS CE1 HE1  sing N N 134 
HIS NE2 HE2  sing N N 135 
HIS OXT HXT  sing N N 136 
HOH O   H1   sing N N 137 
HOH O   H2   sing N N 138 
ILE N   CA   sing N N 139 
ILE N   H    sing N N 140 
ILE N   H2   sing N N 141 
ILE CA  C    sing N N 142 
ILE CA  CB   sing N N 143 
ILE CA  HA   sing N N 144 
ILE C   O    doub N N 145 
ILE C   OXT  sing N N 146 
ILE CB  CG1  sing N N 147 
ILE CB  CG2  sing N N 148 
ILE CB  HB   sing N N 149 
ILE CG1 CD1  sing N N 150 
ILE CG1 HG12 sing N N 151 
ILE CG1 HG13 sing N N 152 
ILE CG2 HG21 sing N N 153 
ILE CG2 HG22 sing N N 154 
ILE CG2 HG23 sing N N 155 
ILE CD1 HD11 sing N N 156 
ILE CD1 HD12 sing N N 157 
ILE CD1 HD13 sing N N 158 
ILE OXT HXT  sing N N 159 
LEU N   CA   sing N N 160 
LEU N   H    sing N N 161 
LEU N   H2   sing N N 162 
LEU CA  C    sing N N 163 
LEU CA  CB   sing N N 164 
LEU CA  HA   sing N N 165 
LEU C   O    doub N N 166 
LEU C   OXT  sing N N 167 
LEU CB  CG   sing N N 168 
LEU CB  HB2  sing N N 169 
LEU CB  HB3  sing N N 170 
LEU CG  CD1  sing N N 171 
LEU CG  CD2  sing N N 172 
LEU CG  HG   sing N N 173 
LEU CD1 HD11 sing N N 174 
LEU CD1 HD12 sing N N 175 
LEU CD1 HD13 sing N N 176 
LEU CD2 HD21 sing N N 177 
LEU CD2 HD22 sing N N 178 
LEU CD2 HD23 sing N N 179 
LEU OXT HXT  sing N N 180 
LYS N   CA   sing N N 181 
LYS N   H    sing N N 182 
LYS N   H2   sing N N 183 
LYS CA  C    sing N N 184 
LYS CA  CB   sing N N 185 
LYS CA  HA   sing N N 186 
LYS C   O    doub N N 187 
LYS C   OXT  sing N N 188 
LYS CB  CG   sing N N 189 
LYS CB  HB2  sing N N 190 
LYS CB  HB3  sing N N 191 
LYS CG  CD   sing N N 192 
LYS CG  HG2  sing N N 193 
LYS CG  HG3  sing N N 194 
LYS CD  CE   sing N N 195 
LYS CD  HD2  sing N N 196 
LYS CD  HD3  sing N N 197 
LYS CE  NZ   sing N N 198 
LYS CE  HE2  sing N N 199 
LYS CE  HE3  sing N N 200 
LYS NZ  HZ1  sing N N 201 
LYS NZ  HZ2  sing N N 202 
LYS NZ  HZ3  sing N N 203 
LYS OXT HXT  sing N N 204 
MET N   CA   sing N N 205 
MET N   H    sing N N 206 
MET N   H2   sing N N 207 
MET CA  C    sing N N 208 
MET CA  CB   sing N N 209 
MET CA  HA   sing N N 210 
MET C   O    doub N N 211 
MET C   OXT  sing N N 212 
MET CB  CG   sing N N 213 
MET CB  HB2  sing N N 214 
MET CB  HB3  sing N N 215 
MET CG  SD   sing N N 216 
MET CG  HG2  sing N N 217 
MET CG  HG3  sing N N 218 
MET SD  CE   sing N N 219 
MET CE  HE1  sing N N 220 
MET CE  HE2  sing N N 221 
MET CE  HE3  sing N N 222 
MET OXT HXT  sing N N 223 
PHE N   CA   sing N N 224 
PHE N   H    sing N N 225 
PHE N   H2   sing N N 226 
PHE CA  C    sing N N 227 
PHE CA  CB   sing N N 228 
PHE CA  HA   sing N N 229 
PHE C   O    doub N N 230 
PHE C   OXT  sing N N 231 
PHE CB  CG   sing N N 232 
PHE CB  HB2  sing N N 233 
PHE CB  HB3  sing N N 234 
PHE CG  CD1  doub Y N 235 
PHE CG  CD2  sing Y N 236 
PHE CD1 CE1  sing Y N 237 
PHE CD1 HD1  sing N N 238 
PHE CD2 CE2  doub Y N 239 
PHE CD2 HD2  sing N N 240 
PHE CE1 CZ   doub Y N 241 
PHE CE1 HE1  sing N N 242 
PHE CE2 CZ   sing Y N 243 
PHE CE2 HE2  sing N N 244 
PHE CZ  HZ   sing N N 245 
PHE OXT HXT  sing N N 246 
PRO N   CA   sing N N 247 
PRO N   CD   sing N N 248 
PRO N   H    sing N N 249 
PRO CA  C    sing N N 250 
PRO CA  CB   sing N N 251 
PRO CA  HA   sing N N 252 
PRO C   O    doub N N 253 
PRO C   OXT  sing N N 254 
PRO CB  CG   sing N N 255 
PRO CB  HB2  sing N N 256 
PRO CB  HB3  sing N N 257 
PRO CG  CD   sing N N 258 
PRO CG  HG2  sing N N 259 
PRO CG  HG3  sing N N 260 
PRO CD  HD2  sing N N 261 
PRO CD  HD3  sing N N 262 
PRO OXT HXT  sing N N 263 
SER N   CA   sing N N 264 
SER N   H    sing N N 265 
SER N   H2   sing N N 266 
SER CA  C    sing N N 267 
SER CA  CB   sing N N 268 
SER CA  HA   sing N N 269 
SER C   O    doub N N 270 
SER C   OXT  sing N N 271 
SER CB  OG   sing N N 272 
SER CB  HB2  sing N N 273 
SER CB  HB3  sing N N 274 
SER OG  HG   sing N N 275 
SER OXT HXT  sing N N 276 
SFP C1  C2   sing Y N 277 
SFP C1  C2C  doub Y N 278 
SFP C1  H1   sing N N 279 
SFP C2  C2A  doub Y N 280 
SFP C2  H2   sing N N 281 
SFP C2A N2B  sing Y N 282 
SFP C2A CA   sing Y N 283 
SFP N2B C2C  sing Y N 284 
SFP N2B H2B  sing N N 285 
SFP C2C CD   sing Y N 286 
SFP CA  C4C  doub Y Z 287 
SFP CA  C28  sing Y N 288 
SFP C4C C3   sing N N 289 
SFP C4C N4B  sing Y N 290 
SFP C3  C4   doub N N 291 
SFP C3  H3   sing N N 292 
SFP C4  C4A  sing N N 293 
SFP C4  H4   sing N N 294 
SFP C4A N4B  doub Y N 295 
SFP C4A CB   sing Y N 296 
SFP CB  C6C  doub Y Z 297 
SFP CB  C20  sing Y N 298 
SFP C6C C5   sing Y N 299 
SFP C6C N6B  sing Y N 300 
SFP C5  C6   doub Y N 301 
SFP C5  H5   sing N N 302 
SFP C6  C6A  sing Y N 303 
SFP C6  H6   sing N N 304 
SFP C6A N6B  sing Y N 305 
SFP C6A CC   doub Y Z 306 
SFP N6B H6B  sing N N 307 
SFP CC  C8C  sing Y N 308 
SFP CC  C12  sing Y N 309 
SFP C8C C7   sing N N 310 
SFP C8C N8B  doub Y N 311 
SFP C7  C8   doub N N 312 
SFP C7  H7   sing N N 313 
SFP C8  C8A  sing N N 314 
SFP C8  H8   sing N N 315 
SFP C8A N8B  sing Y N 316 
SFP C8A CD   doub Y Z 317 
SFP CD  C24  sing Y N 318 
SFP C9  C10  doub Y N 319 
SFP C9  C14  sing Y N 320 
SFP C9  S1   sing N N 321 
SFP C10 C11  sing Y N 322 
SFP C10 H12  sing N N 323 
SFP C11 C12  doub Y N 324 
SFP C11 H15  sing N N 325 
SFP C12 C13  sing Y N 326 
SFP C13 C14  doub Y N 327 
SFP C13 H9   sing N N 328 
SFP C14 H14  sing N N 329 
SFP C15 C16  doub Y N 330 
SFP C15 C20  sing Y N 331 
SFP C15 H17  sing N N 332 
SFP C16 C17  sing Y N 333 
SFP C16 H16  sing N N 334 
SFP C17 C18  doub Y N 335 
SFP C17 S2   sing N N 336 
SFP C18 C19  sing Y N 337 
SFP C18 H18  sing N N 338 
SFP C19 C20  doub Y N 339 
SFP C19 H19  sing N N 340 
SFP C21 C22  doub Y N 341 
SFP C21 C26  sing Y N 342 
SFP C21 S3   sing N N 343 
SFP C22 C23  sing Y N 344 
SFP C22 H22  sing N N 345 
SFP C23 C24  doub Y N 346 
SFP C23 H23  sing N N 347 
SFP C24 C25  sing Y N 348 
SFP C25 C26  doub Y N 349 
SFP C25 H25  sing N N 350 
SFP C26 H26  sing N N 351 
SFP C27 C28  doub Y N 352 
SFP C27 C32  sing Y N 353 
SFP C27 H27  sing N N 354 
SFP C28 C29  sing Y N 355 
SFP C29 C30  doub Y N 356 
SFP C29 H29  sing N N 357 
SFP C30 C31  sing Y N 358 
SFP C30 H30  sing N N 359 
SFP C31 C32  doub Y N 360 
SFP C31 S4   sing N N 361 
SFP C32 H32  sing N N 362 
SFP S1  O2   sing N N 363 
SFP S1  O3   sing N N 364 
SFP S1  O4   sing N N 365 
SFP O3  HO3  sing N N 366 
SFP O4  HO4  sing N N 367 
SFP S2  O5   sing N N 368 
SFP S2  O6   sing N N 369 
SFP S2  O7   sing N N 370 
SFP O6  HO6  sing N N 371 
SFP O7  HO7  sing N N 372 
SFP S3  O8   sing N N 373 
SFP S3  O9   sing N N 374 
SFP S3  O10  sing N N 375 
SFP O9  HO9  sing N N 376 
SFP O10 H10  sing N N 377 
SFP S4  O11  sing N N 378 
SFP S4  O12  sing N N 379 
SFP S4  O13  sing N N 380 
SFP O11 H11  sing N N 381 
SFP O13 H13  sing N N 382 
THR N   CA   sing N N 383 
THR N   H    sing N N 384 
THR N   H2   sing N N 385 
THR CA  C    sing N N 386 
THR CA  CB   sing N N 387 
THR CA  HA   sing N N 388 
THR C   O    doub N N 389 
THR C   OXT  sing N N 390 
THR CB  OG1  sing N N 391 
THR CB  CG2  sing N N 392 
THR CB  HB   sing N N 393 
THR OG1 HG1  sing N N 394 
THR CG2 HG21 sing N N 395 
THR CG2 HG22 sing N N 396 
THR CG2 HG23 sing N N 397 
THR OXT HXT  sing N N 398 
TRP N   CA   sing N N 399 
TRP N   H    sing N N 400 
TRP N   H2   sing N N 401 
TRP CA  C    sing N N 402 
TRP CA  CB   sing N N 403 
TRP CA  HA   sing N N 404 
TRP C   O    doub N N 405 
TRP C   OXT  sing N N 406 
TRP CB  CG   sing N N 407 
TRP CB  HB2  sing N N 408 
TRP CB  HB3  sing N N 409 
TRP CG  CD1  doub Y N 410 
TRP CG  CD2  sing Y N 411 
TRP CD1 NE1  sing Y N 412 
TRP CD1 HD1  sing N N 413 
TRP CD2 CE2  doub Y N 414 
TRP CD2 CE3  sing Y N 415 
TRP NE1 CE2  sing Y N 416 
TRP NE1 HE1  sing N N 417 
TRP CE2 CZ2  sing Y N 418 
TRP CE3 CZ3  doub Y N 419 
TRP CE3 HE3  sing N N 420 
TRP CZ2 CH2  doub Y N 421 
TRP CZ2 HZ2  sing N N 422 
TRP CZ3 CH2  sing Y N 423 
TRP CZ3 HZ3  sing N N 424 
TRP CH2 HH2  sing N N 425 
TRP OXT HXT  sing N N 426 
TYR N   CA   sing N N 427 
TYR N   H    sing N N 428 
TYR N   H2   sing N N 429 
TYR CA  C    sing N N 430 
TYR CA  CB   sing N N 431 
TYR CA  HA   sing N N 432 
TYR C   O    doub N N 433 
TYR C   OXT  sing N N 434 
TYR CB  CG   sing N N 435 
TYR CB  HB2  sing N N 436 
TYR CB  HB3  sing N N 437 
TYR CG  CD1  doub Y N 438 
TYR CG  CD2  sing Y N 439 
TYR CD1 CE1  sing Y N 440 
TYR CD1 HD1  sing N N 441 
TYR CD2 CE2  doub Y N 442 
TYR CD2 HD2  sing N N 443 
TYR CE1 CZ   doub Y N 444 
TYR CE1 HE1  sing N N 445 
TYR CE2 CZ   sing Y N 446 
TYR CE2 HE2  sing N N 447 
TYR CZ  OH   sing N N 448 
TYR OH  HH   sing N N 449 
TYR OXT HXT  sing N N 450 
VAL N   CA   sing N N 451 
VAL N   H    sing N N 452 
VAL N   H2   sing N N 453 
VAL CA  C    sing N N 454 
VAL CA  CB   sing N N 455 
VAL CA  HA   sing N N 456 
VAL C   O    doub N N 457 
VAL C   OXT  sing N N 458 
VAL CB  CG1  sing N N 459 
VAL CB  CG2  sing N N 460 
VAL CB  HB   sing N N 461 
VAL CG1 HG11 sing N N 462 
VAL CG1 HG12 sing N N 463 
VAL CG1 HG13 sing N N 464 
VAL CG2 HG21 sing N N 465 
VAL CG2 HG22 sing N N 466 
VAL CG2 HG23 sing N N 467 
VAL OXT HXT  sing N N 468 
# 
loop_
_pdbx_entity_nonpoly.entity_id 
_pdbx_entity_nonpoly.name 
_pdbx_entity_nonpoly.comp_id 
3 '5,10,15,20-TETRAKIS(4-SULPFONATOPHENYL)-21H,23H-PORPHINE' SFP 
4 water                                                      HOH 
# 
_pdbx_initial_refinement_model.id               1 
_pdbx_initial_refinement_model.entity_id_list   ? 
_pdbx_initial_refinement_model.type             'experimental model' 
_pdbx_initial_refinement_model.source_name      PDB 
_pdbx_initial_refinement_model.accession_code   1JAC 
_pdbx_initial_refinement_model.details          ? 
# 
